data_3HY4
# 
_entry.id   3HY4 
# 
_audit_conform.dict_name       mmcif_pdbx.dic 
_audit_conform.dict_version    5.380 
_audit_conform.dict_location   http://mmcif.pdb.org/dictionaries/ascii/mmcif_pdbx.dic 
# 
loop_
_database_2.database_id 
_database_2.database_code 
_database_2.pdbx_database_accession 
_database_2.pdbx_DOI 
PDB   3HY4         pdb_00003hy4 10.2210/pdb3hy4/pdb 
RCSB  RCSB053725   ?            ?                   
WWPDB D_1000053725 ?            ?                   
# 
loop_
_pdbx_database_related.db_name 
_pdbx_database_related.db_id 
_pdbx_database_related.details 
_pdbx_database_related.content_type 
PDB 3HXT 'structure of human MTHFS, apo enzyme'                              unspecified 
PDB 3HY3 'structure of human MTHFS complexed with 10-formyltetrahydrofolate' unspecified 
PDB 3HY6 'Structure of human MTHFS with ADP'                                 unspecified 
# 
_pdbx_database_status.status_code                     REL 
_pdbx_database_status.entry_id                        3HY4 
_pdbx_database_status.recvd_initial_deposition_date   2009-06-22 
_pdbx_database_status.deposit_site                    RCSB 
_pdbx_database_status.process_site                    PDBJ 
_pdbx_database_status.status_code_sf                  REL 
_pdbx_database_status.status_code_mr                  ? 
_pdbx_database_status.SG_entry                        ? 
_pdbx_database_status.pdb_format_compatible           Y 
_pdbx_database_status.status_code_cs                  ? 
_pdbx_database_status.status_code_nmr_data            ? 
_pdbx_database_status.methods_development_category    ? 
# 
loop_
_audit_author.name 
_audit_author.pdbx_ordinal 
'Wu, D.'     1 
'Li, Y.'     2 
'Song, G.'   3 
'Cheng, C.'  4 
'Shaw, N.'   5 
'Liu, Z.-J.' 6 
# 
_citation.id                        primary 
_citation.title                     
'Structural basis for the inhibition of human 5,10-methenyltetrahydrofolate synthetase by N10-substituted folate analogues' 
_citation.journal_abbrev            'Cancer Res.' 
_citation.journal_volume            69 
_citation.page_first                7294 
_citation.page_last                 7301 
_citation.year                      2009 
_citation.journal_id_ASTM           CNREA8 
_citation.country                   US 
_citation.journal_id_ISSN           0008-5472 
_citation.journal_id_CSD            0400 
_citation.book_publisher            ? 
_citation.pdbx_database_id_PubMed   19738041 
_citation.pdbx_database_id_DOI      10.1158/0008-5472.CAN-09-1927 
# 
loop_
_citation_author.citation_id 
_citation_author.name 
_citation_author.ordinal 
_citation_author.identifier_ORCID 
primary 'Wu, D.'         1 ? 
primary 'Li, Y.'         2 ? 
primary 'Song, G.'       3 ? 
primary 'Cheng, C.'      4 ? 
primary 'Zhang, R.'      5 ? 
primary 'Joachimiak, A.' 6 ? 
primary 'Shaw, N.'       7 ? 
primary 'Liu, Z.-J.'     8 ? 
# 
_cell.entry_id           3HY4 
_cell.length_a           48.065 
_cell.length_b           144.583 
_cell.length_c           60.149 
_cell.angle_alpha        90.00 
_cell.angle_beta         90.00 
_cell.angle_gamma        90.00 
_cell.Z_PDB              8 
_cell.pdbx_unique_axis   ? 
_cell.length_a_esd       ? 
_cell.length_b_esd       ? 
_cell.length_c_esd       ? 
_cell.angle_alpha_esd    ? 
_cell.angle_beta_esd     ? 
_cell.angle_gamma_esd    ? 
# 
_symmetry.entry_id                         3HY4 
_symmetry.space_group_name_H-M             'C 2 2 21' 
_symmetry.pdbx_full_space_group_name_H-M   ? 
_symmetry.cell_setting                     ? 
_symmetry.Int_Tables_number                20 
_symmetry.space_group_name_Hall            ? 
# 
loop_
_entity.id 
_entity.type 
_entity.src_method 
_entity.pdbx_description 
_entity.formula_weight 
_entity.pdbx_number_of_molecules 
_entity.pdbx_ec 
_entity.pdbx_mutation 
_entity.pdbx_fragment 
_entity.details 
1 polymer     man '5-formyltetrahydrofolate cyclo-ligase' 23289.693 1  6.3.3.2 ? ? ? 
2 non-polymer syn 'NICKEL (II) ION' 58.693    1  ?       ? ? ? 
3 non-polymer syn 'MAGNESIUM ION' 24.305    3  ?       ? ? ? 
4 non-polymer syn 
;N-({trans-4-[({(2R,4R,4aS,6S,8aS)-2-amino-4-hydroxy-5-[(phosphonooxy)methyl]decahydropteridin-6-yl}methyl)amino]cyclohexyl}carbonyl)-L-glutamic acid
;
567.530   1  ?       ? ? ? 
5 non-polymer syn 'PHOSPHATE ION' 94.971    1  ?       ? ? ? 
6 water       nat water 18.015    46 ?       ? ? ? 
# 
_entity_name_com.entity_id   1 
_entity_name_com.name        '5,10-methenyl-tetrahydrofolate synthetase, Methenyl-THF synthetase, MTHFS' 
# 
_entity_poly.entity_id                      1 
_entity_poly.type                           'polypeptide(L)' 
_entity_poly.nstd_linkage                   no 
_entity_poly.nstd_monomer                   no 
_entity_poly.pdbx_seq_one_letter_code       
;MAAAAVSSAKRSLRGELKQRLRAMSAEERLRQSRVLSQKVIAHSEYQKSKRISIFLSMQDEIETEEIIKDIFQRGKICFI
PRYRFQSNHMDMVRIESPEEISLLPKTSWNIPQPGEGDVREEALSTGGLDLIFMPGLGFDKHGNRLGRGKGYYDAYLKRC
LQHQEVKPYTLALAFKEQICLQVPVNENDMKVDEVLYEDSSTA
;
_entity_poly.pdbx_seq_one_letter_code_can   
;MAAAAVSSAKRSLRGELKQRLRAMSAEERLRQSRVLSQKVIAHSEYQKSKRISIFLSMQDEIETEEIIKDIFQRGKICFI
PRYRFQSNHMDMVRIESPEEISLLPKTSWNIPQPGEGDVREEALSTGGLDLIFMPGLGFDKHGNRLGRGKGYYDAYLKRC
LQHQEVKPYTLALAFKEQICLQVPVNENDMKVDEVLYEDSSTA
;
_entity_poly.pdbx_strand_id                 A 
_entity_poly.pdbx_target_identifier         ? 
# 
loop_
_entity_poly_seq.entity_id 
_entity_poly_seq.num 
_entity_poly_seq.mon_id 
_entity_poly_seq.hetero 
1 1   MET n 
1 2   ALA n 
1 3   ALA n 
1 4   ALA n 
1 5   ALA n 
1 6   VAL n 
1 7   SER n 
1 8   SER n 
1 9   ALA n 
1 10  LYS n 
1 11  ARG n 
1 12  SER n 
1 13  LEU n 
1 14  ARG n 
1 15  GLY n 
1 16  GLU n 
1 17  LEU n 
1 18  LYS n 
1 19  GLN n 
1 20  ARG n 
1 21  LEU n 
1 22  ARG n 
1 23  ALA n 
1 24  MET n 
1 25  SER n 
1 26  ALA n 
1 27  GLU n 
1 28  GLU n 
1 29  ARG n 
1 30  LEU n 
1 31  ARG n 
1 32  GLN n 
1 33  SER n 
1 34  ARG n 
1 35  VAL n 
1 36  LEU n 
1 37  SER n 
1 38  GLN n 
1 39  LYS n 
1 40  VAL n 
1 41  ILE n 
1 42  ALA n 
1 43  HIS n 
1 44  SER n 
1 45  GLU n 
1 46  TYR n 
1 47  GLN n 
1 48  LYS n 
1 49  SER n 
1 50  LYS n 
1 51  ARG n 
1 52  ILE n 
1 53  SER n 
1 54  ILE n 
1 55  PHE n 
1 56  LEU n 
1 57  SER n 
1 58  MET n 
1 59  GLN n 
1 60  ASP n 
1 61  GLU n 
1 62  ILE n 
1 63  GLU n 
1 64  THR n 
1 65  GLU n 
1 66  GLU n 
1 67  ILE n 
1 68  ILE n 
1 69  LYS n 
1 70  ASP n 
1 71  ILE n 
1 72  PHE n 
1 73  GLN n 
1 74  ARG n 
1 75  GLY n 
1 76  LYS n 
1 77  ILE n 
1 78  CYS n 
1 79  PHE n 
1 80  ILE n 
1 81  PRO n 
1 82  ARG n 
1 83  TYR n 
1 84  ARG n 
1 85  PHE n 
1 86  GLN n 
1 87  SER n 
1 88  ASN n 
1 89  HIS n 
1 90  MET n 
1 91  ASP n 
1 92  MET n 
1 93  VAL n 
1 94  ARG n 
1 95  ILE n 
1 96  GLU n 
1 97  SER n 
1 98  PRO n 
1 99  GLU n 
1 100 GLU n 
1 101 ILE n 
1 102 SER n 
1 103 LEU n 
1 104 LEU n 
1 105 PRO n 
1 106 LYS n 
1 107 THR n 
1 108 SER n 
1 109 TRP n 
1 110 ASN n 
1 111 ILE n 
1 112 PRO n 
1 113 GLN n 
1 114 PRO n 
1 115 GLY n 
1 116 GLU n 
1 117 GLY n 
1 118 ASP n 
1 119 VAL n 
1 120 ARG n 
1 121 GLU n 
1 122 GLU n 
1 123 ALA n 
1 124 LEU n 
1 125 SER n 
1 126 THR n 
1 127 GLY n 
1 128 GLY n 
1 129 LEU n 
1 130 ASP n 
1 131 LEU n 
1 132 ILE n 
1 133 PHE n 
1 134 MET n 
1 135 PRO n 
1 136 GLY n 
1 137 LEU n 
1 138 GLY n 
1 139 PHE n 
1 140 ASP n 
1 141 LYS n 
1 142 HIS n 
1 143 GLY n 
1 144 ASN n 
1 145 ARG n 
1 146 LEU n 
1 147 GLY n 
1 148 ARG n 
1 149 GLY n 
1 150 LYS n 
1 151 GLY n 
1 152 TYR n 
1 153 TYR n 
1 154 ASP n 
1 155 ALA n 
1 156 TYR n 
1 157 LEU n 
1 158 LYS n 
1 159 ARG n 
1 160 CYS n 
1 161 LEU n 
1 162 GLN n 
1 163 HIS n 
1 164 GLN n 
1 165 GLU n 
1 166 VAL n 
1 167 LYS n 
1 168 PRO n 
1 169 TYR n 
1 170 THR n 
1 171 LEU n 
1 172 ALA n 
1 173 LEU n 
1 174 ALA n 
1 175 PHE n 
1 176 LYS n 
1 177 GLU n 
1 178 GLN n 
1 179 ILE n 
1 180 CYS n 
1 181 LEU n 
1 182 GLN n 
1 183 VAL n 
1 184 PRO n 
1 185 VAL n 
1 186 ASN n 
1 187 GLU n 
1 188 ASN n 
1 189 ASP n 
1 190 MET n 
1 191 LYS n 
1 192 VAL n 
1 193 ASP n 
1 194 GLU n 
1 195 VAL n 
1 196 LEU n 
1 197 TYR n 
1 198 GLU n 
1 199 ASP n 
1 200 SER n 
1 201 SER n 
1 202 THR n 
1 203 ALA n 
# 
_entity_src_gen.entity_id                          1 
_entity_src_gen.pdbx_src_id                        1 
_entity_src_gen.pdbx_alt_source_flag               sample 
_entity_src_gen.pdbx_seq_type                      ? 
_entity_src_gen.pdbx_beg_seq_num                   ? 
_entity_src_gen.pdbx_end_seq_num                   ? 
_entity_src_gen.gene_src_common_name               human 
_entity_src_gen.gene_src_genus                     ? 
_entity_src_gen.pdbx_gene_src_gene                 MTHFS 
_entity_src_gen.gene_src_species                   ? 
_entity_src_gen.gene_src_strain                    ? 
_entity_src_gen.gene_src_tissue                    ? 
_entity_src_gen.gene_src_tissue_fraction           ? 
_entity_src_gen.gene_src_details                   ? 
_entity_src_gen.pdbx_gene_src_fragment             ? 
_entity_src_gen.pdbx_gene_src_scientific_name      'Homo sapiens' 
_entity_src_gen.pdbx_gene_src_ncbi_taxonomy_id     9606 
_entity_src_gen.pdbx_gene_src_variant              ? 
_entity_src_gen.pdbx_gene_src_cell_line            ? 
_entity_src_gen.pdbx_gene_src_atcc                 ? 
_entity_src_gen.pdbx_gene_src_organ                ? 
_entity_src_gen.pdbx_gene_src_organelle            ? 
_entity_src_gen.pdbx_gene_src_cell                 ? 
_entity_src_gen.pdbx_gene_src_cellular_location    ? 
_entity_src_gen.host_org_common_name               ? 
_entity_src_gen.pdbx_host_org_scientific_name      'Escherichia coli' 
_entity_src_gen.pdbx_host_org_ncbi_taxonomy_id     511693 
_entity_src_gen.host_org_genus                     ? 
_entity_src_gen.pdbx_host_org_gene                 ? 
_entity_src_gen.pdbx_host_org_organ                ? 
_entity_src_gen.host_org_species                   ? 
_entity_src_gen.pdbx_host_org_tissue               ? 
_entity_src_gen.pdbx_host_org_tissue_fraction      ? 
_entity_src_gen.pdbx_host_org_strain               BL21 
_entity_src_gen.pdbx_host_org_variant              ? 
_entity_src_gen.pdbx_host_org_cell_line            ? 
_entity_src_gen.pdbx_host_org_atcc                 ? 
_entity_src_gen.pdbx_host_org_culture_collection   ? 
_entity_src_gen.pdbx_host_org_cell                 ? 
_entity_src_gen.pdbx_host_org_organelle            ? 
_entity_src_gen.pdbx_host_org_cellular_location    ? 
_entity_src_gen.pdbx_host_org_vector_type          plasmid 
_entity_src_gen.pdbx_host_org_vector               ? 
_entity_src_gen.host_org_details                   ? 
_entity_src_gen.expression_system_id               ? 
_entity_src_gen.plasmid_name                       pET21b 
_entity_src_gen.plasmid_details                    ? 
_entity_src_gen.pdbx_description                   ? 
# 
_struct_ref.id                         1 
_struct_ref.db_name                    UNP 
_struct_ref.db_code                    MTHFS_HUMAN 
_struct_ref.pdbx_db_accession          P49914 
_struct_ref.entity_id                  1 
_struct_ref.pdbx_seq_one_letter_code   
;MAAAAVSSAKRSLRGELKQRLRAMSAEERLRQSRVLSQKVIAHSEYQKSKRISIFLSMQDEIETEEIIKDIFQRGKICFI
PRYRFQSNHMDMVRIESPEEISLLPKTSWNIPQPGEGDVREEALSTGGLDLIFMPGLGFDKHGNRLGRGKGYYDAYLKRC
LQHQEVKPYTLALAFKEQICLQVPVNENDMKVDEVLYEDSSTA
;
_struct_ref.pdbx_align_begin           1 
_struct_ref.pdbx_db_isoform            ? 
# 
_struct_ref_seq.align_id                      1 
_struct_ref_seq.ref_id                        1 
_struct_ref_seq.pdbx_PDB_id_code              3HY4 
_struct_ref_seq.pdbx_strand_id                A 
_struct_ref_seq.seq_align_beg                 1 
_struct_ref_seq.pdbx_seq_align_beg_ins_code   ? 
_struct_ref_seq.seq_align_end                 203 
_struct_ref_seq.pdbx_seq_align_end_ins_code   ? 
_struct_ref_seq.pdbx_db_accession             P49914 
_struct_ref_seq.db_align_beg                  1 
_struct_ref_seq.pdbx_db_align_beg_ins_code    ? 
_struct_ref_seq.db_align_end                  203 
_struct_ref_seq.pdbx_db_align_end_ins_code    ? 
_struct_ref_seq.pdbx_auth_seq_align_beg       1 
_struct_ref_seq.pdbx_auth_seq_align_end       203 
# 
loop_
_chem_comp.id 
_chem_comp.type 
_chem_comp.mon_nstd_flag 
_chem_comp.name 
_chem_comp.pdbx_synonyms 
_chem_comp.formula 
_chem_comp.formula_weight 
ALA 'L-peptide linking' y ALANINE ? 'C3 H7 N O2'       89.093  
ARG 'L-peptide linking' y ARGININE ? 'C6 H15 N4 O2 1'   175.209 
ASN 'L-peptide linking' y ASPARAGINE ? 'C4 H8 N2 O3'      132.118 
ASP 'L-peptide linking' y 'ASPARTIC ACID' ? 'C4 H7 N O4'       133.103 
CYS 'L-peptide linking' y CYSTEINE ? 'C3 H7 N O2 S'     121.158 
GLN 'L-peptide linking' y GLUTAMINE ? 'C5 H10 N2 O3'     146.144 
GLU 'L-peptide linking' y 'GLUTAMIC ACID' ? 'C5 H9 N O4'       147.129 
GLY 'peptide linking'   y GLYCINE ? 'C2 H5 N O2'       75.067  
HIS 'L-peptide linking' y HISTIDINE ? 'C6 H10 N3 O2 1'   156.162 
HOH non-polymer         . WATER ? 'H2 O'             18.015  
ILE 'L-peptide linking' y ISOLEUCINE ? 'C6 H13 N O2'      131.173 
LEU 'L-peptide linking' y LEUCINE ? 'C6 H13 N O2'      131.173 
LYS 'L-peptide linking' y LYSINE ? 'C6 H15 N2 O2 1'   147.195 
MET 'L-peptide linking' y METHIONINE ? 'C5 H11 N O2 S'    149.211 
MG  non-polymer         . 'MAGNESIUM ION' ? 'Mg 2'             24.305  
N5G non-polymer         . 
;N-({trans-4-[({(2R,4R,4aS,6S,8aS)-2-amino-4-hydroxy-5-[(phosphonooxy)methyl]decahydropteridin-6-yl}methyl)amino]cyclohexyl}carbonyl)-L-glutamic acid
;
? 'C20 H38 N7 O10 P' 567.530 
NI  non-polymer         . 'NICKEL (II) ION' ? 'Ni 2'             58.693  
PHE 'L-peptide linking' y PHENYLALANINE ? 'C9 H11 N O2'      165.189 
PO4 non-polymer         . 'PHOSPHATE ION' ? 'O4 P -3'          94.971  
PRO 'L-peptide linking' y PROLINE ? 'C5 H9 N O2'       115.130 
SER 'L-peptide linking' y SERINE ? 'C3 H7 N O3'       105.093 
THR 'L-peptide linking' y THREONINE ? 'C4 H9 N O3'       119.119 
TRP 'L-peptide linking' y TRYPTOPHAN ? 'C11 H12 N2 O2'    204.225 
TYR 'L-peptide linking' y TYROSINE ? 'C9 H11 N O3'      181.189 
VAL 'L-peptide linking' y VALINE ? 'C5 H11 N O2'      117.146 
# 
_exptl.entry_id          3HY4 
_exptl.method            'X-RAY DIFFRACTION' 
_exptl.crystals_number   1 
# 
_exptl_crystal.id                    1 
_exptl_crystal.density_meas          ? 
_exptl_crystal.density_Matthews      2.24 
_exptl_crystal.density_percent_sol   45.17 
_exptl_crystal.description           ? 
_exptl_crystal.F_000                 ? 
_exptl_crystal.preparation           ? 
# 
_exptl_crystal_grow.crystal_id      1 
_exptl_crystal_grow.method          'VAPOR DIFFUSION, HANGING DROP' 
_exptl_crystal_grow.temp            298 
_exptl_crystal_grow.temp_details    ? 
_exptl_crystal_grow.pH              6.6 
_exptl_crystal_grow.pdbx_details    
'100mM HEPES, pH6.6, 20mM MgCl2.6H2O, 20mM NiCl2.6H2O, 20% (w/v) PEG 3350, VAPOR DIFFUSION, HANGING DROP, temperature 298K' 
_exptl_crystal_grow.pdbx_pH_range   . 
# 
_diffrn.id                     1 
_diffrn.ambient_temp           100 
_diffrn.ambient_temp_details   ? 
_diffrn.crystal_id             1 
# 
_diffrn_detector.diffrn_id              1 
_diffrn_detector.detector               'IMAGE PLATE' 
_diffrn_detector.type                   'RIGAKU RAXIS IV++' 
_diffrn_detector.pdbx_collection_date   2009-05-19 
_diffrn_detector.details                ? 
# 
_diffrn_radiation.diffrn_id                        1 
_diffrn_radiation.wavelength_id                    1 
_diffrn_radiation.pdbx_monochromatic_or_laue_m_l   M 
_diffrn_radiation.monochromator                    ? 
_diffrn_radiation.pdbx_diffrn_protocol             'SINGLE WAVELENGTH' 
_diffrn_radiation.pdbx_scattering_type             x-ray 
# 
_diffrn_radiation_wavelength.id           1 
_diffrn_radiation_wavelength.wavelength   1.54 
_diffrn_radiation_wavelength.wt           1.0 
# 
_diffrn_source.diffrn_id                   1 
_diffrn_source.source                      'ROTATING ANODE' 
_diffrn_source.type                        'RIGAKU FR-E+ SUPERBRIGHT' 
_diffrn_source.pdbx_synchrotron_site       ? 
_diffrn_source.pdbx_synchrotron_beamline   ? 
_diffrn_source.pdbx_wavelength             ? 
_diffrn_source.pdbx_wavelength_list        1.54 
# 
_reflns.entry_id                     3HY4 
_reflns.observed_criterion_sigma_I   2.0 
_reflns.observed_criterion_sigma_F   2.0 
_reflns.d_resolution_low             20 
_reflns.d_resolution_high            2.7 
_reflns.number_obs                   6020 
_reflns.number_all                   6105 
_reflns.percent_possible_obs         99.3 
_reflns.pdbx_Rmerge_I_obs            ? 
_reflns.pdbx_Rsym_value              ? 
_reflns.pdbx_netI_over_sigmaI        ? 
_reflns.B_iso_Wilson_estimate        ? 
_reflns.pdbx_redundancy              ? 
_reflns.R_free_details               ? 
_reflns.limit_h_max                  ? 
_reflns.limit_h_min                  ? 
_reflns.limit_k_max                  ? 
_reflns.limit_k_min                  ? 
_reflns.limit_l_max                  ? 
_reflns.limit_l_min                  ? 
_reflns.observed_criterion_F_max     ? 
_reflns.observed_criterion_F_min     ? 
_reflns.pdbx_chi_squared             ? 
_reflns.pdbx_scaling_rejects         ? 
_reflns.pdbx_diffrn_id               1 
_reflns.pdbx_ordinal                 1 
# 
_reflns_shell.d_res_high             2.7 
_reflns_shell.d_res_low              2.8 
_reflns_shell.percent_possible_all   99.3 
_reflns_shell.Rmerge_I_obs           ? 
_reflns_shell.pdbx_Rsym_value        ? 
_reflns_shell.meanI_over_sigI_obs    ? 
_reflns_shell.pdbx_redundancy        ? 
_reflns_shell.percent_possible_obs   ? 
_reflns_shell.number_unique_all      ? 
_reflns_shell.number_measured_all    ? 
_reflns_shell.number_measured_obs    ? 
_reflns_shell.number_unique_obs      ? 
_reflns_shell.pdbx_chi_squared       ? 
_reflns_shell.pdbx_diffrn_id         ? 
_reflns_shell.pdbx_ordinal           1 
# 
_refine.entry_id                                 3HY4 
_refine.ls_number_reflns_obs                     5426 
_refine.ls_number_reflns_all                     6105 
_refine.pdbx_ls_sigma_I                          ? 
_refine.pdbx_ls_sigma_F                          1.35 
_refine.pdbx_data_cutoff_high_absF               ? 
_refine.pdbx_data_cutoff_low_absF                ? 
_refine.pdbx_data_cutoff_high_rms_absF           ? 
_refine.ls_d_res_low                             19.320 
_refine.ls_d_res_high                            2.795 
_refine.ls_percent_reflns_obs                    99.18 
_refine.ls_R_factor_obs                          0.2292 
_refine.ls_R_factor_all                          ? 
_refine.ls_R_factor_R_work                       0.2259 
_refine.ls_R_factor_R_free                       0.2997 
_refine.ls_R_factor_R_free_error                 ? 
_refine.ls_R_factor_R_free_error_details         ? 
_refine.ls_percent_reflns_R_free                 4.46 
_refine.ls_number_reflns_R_free                  242 
_refine.ls_number_reflns_R_work                  5184 
_refine.ls_number_parameters                     ? 
_refine.ls_number_restraints                     ? 
_refine.occupancy_min                            1.00 
_refine.occupancy_max                            1.00 
_refine.correlation_coeff_Fo_to_Fc               ? 
_refine.correlation_coeff_Fo_to_Fc_free          ? 
_refine.B_iso_mean                               31.023 
_refine.aniso_B[1][1]                            5.886 
_refine.aniso_B[2][2]                            1.458 
_refine.aniso_B[3][3]                            -7.345 
_refine.aniso_B[1][2]                            0.000 
_refine.aniso_B[1][3]                            -0.000 
_refine.aniso_B[2][3]                            0.000 
_refine.solvent_model_details                    'FLAT BULK SOLVENT MODEL' 
_refine.solvent_model_param_ksol                 0.368 
_refine.solvent_model_param_bsol                 32.489 
_refine.pdbx_solvent_vdw_probe_radii             1.11 
_refine.pdbx_solvent_ion_probe_radii             ? 
_refine.pdbx_solvent_shrinkage_radii             0.90 
_refine.pdbx_ls_cross_valid_method               ? 
_refine.details                                  
;THE LIGAND N5G IN THIS ENTRY IS N5-IMINIUM PHOSPHATE. HOWEVER, THERE IS SOME DISCREPANCY IN THE GEOMETRY. THE GEOMETRY FOR N5G IS SUGGESTED BY THE REFINEMENT. THE CO-ORDINATES FIT WELL IN THE ELECTRON DENSITY MAP. THE MAP WAS GENERATED USING A DATASET COLLECTED AT 2.8 ANGSTROM RESOLUTION. THE DENSITY FOR THE LIGAND IS UNAMBIGUOUS AND THEREFORE THE GEOMETRIES ARE CORRECT AND ARE AS THEY WOULD BE IN A BIOLOGICAL MOLECULE, WHERE THE MICRO ENVIRONMENT HAS A PROFOUND INFLUENCE ON THE GEOMETRIES OF THE LIGAND.
;
_refine.pdbx_starting_model                      'PDB ENTRY 3HXT' 
_refine.pdbx_method_to_determine_struct          'MOLECULAR REPLACEMENT' 
_refine.pdbx_isotropic_thermal_model             ? 
_refine.pdbx_stereochemistry_target_values       ML 
_refine.pdbx_stereochem_target_val_spec_case     ? 
_refine.pdbx_R_Free_selection_details            ? 
_refine.pdbx_overall_ESU_R                       ? 
_refine.pdbx_overall_ESU_R_Free                  ? 
_refine.overall_SU_ML                            0.48 
_refine.overall_SU_B                             ? 
_refine.ls_redundancy_reflns_obs                 ? 
_refine.B_iso_max                                63.63 
_refine.B_iso_min                                17.55 
_refine.pdbx_overall_phase_error                 28.800 
_refine.overall_SU_R_Cruickshank_DPI             ? 
_refine.overall_SU_R_free                        ? 
_refine.ls_wR_factor_R_free                      ? 
_refine.ls_wR_factor_R_work                      ? 
_refine.overall_FOM_free_R_set                   ? 
_refine.overall_FOM_work_R_set                   0.771 
_refine.pdbx_refine_id                           'X-RAY DIFFRACTION' 
_refine.pdbx_diffrn_id                           1 
_refine.pdbx_TLS_residual_ADP_flag               ? 
_refine.pdbx_overall_SU_R_free_Cruickshank_DPI   ? 
_refine.pdbx_overall_SU_R_Blow_DPI               ? 
_refine.pdbx_overall_SU_R_free_Blow_DPI          ? 
# 
_refine_hist.pdbx_refine_id                   'X-RAY DIFFRACTION' 
_refine_hist.cycle_id                         LAST 
_refine_hist.pdbx_number_atoms_protein        1553 
_refine_hist.pdbx_number_atoms_nucleic_acid   0 
_refine_hist.pdbx_number_atoms_ligand         42 
_refine_hist.number_atoms_solvent             46 
_refine_hist.number_atoms_total               1641 
_refine_hist.d_res_high                       2.795 
_refine_hist.d_res_low                        19.320 
# 
loop_
_refine_ls_restr.pdbx_refine_id 
_refine_ls_restr.type 
_refine_ls_restr.number 
_refine_ls_restr.dev_ideal 
_refine_ls_restr.dev_ideal_target 
_refine_ls_restr.weight 
_refine_ls_restr.pdbx_restraint_function 
'X-RAY DIFFRACTION' f_bond_d           1617 0.004  ? ? ? 
'X-RAY DIFFRACTION' f_angle_d          2167 0.769  ? ? ? 
'X-RAY DIFFRACTION' f_chiral_restr     228  0.046  ? ? ? 
'X-RAY DIFFRACTION' f_plane_restr      276  0.005  ? ? ? 
'X-RAY DIFFRACTION' f_dihedral_angle_d 643  18.413 ? ? ? 
# 
loop_
_refine_ls_shell.d_res_high 
_refine_ls_shell.d_res_low 
_refine_ls_shell.pdbx_total_number_of_bins_used 
_refine_ls_shell.percent_reflns_obs 
_refine_ls_shell.number_reflns_R_work 
_refine_ls_shell.R_factor_all 
_refine_ls_shell.R_factor_R_work 
_refine_ls_shell.R_factor_R_free 
_refine_ls_shell.percent_reflns_R_free 
_refine_ls_shell.number_reflns_R_free 
_refine_ls_shell.R_factor_R_free_error 
_refine_ls_shell.number_reflns_all 
_refine_ls_shell.number_reflns_obs 
_refine_ls_shell.pdbx_refine_id 
_refine_ls_shell.redundancy_reflns_obs 
2.795 3.518  2 99.000 2540 . 0.250 0.349 . 117 . 2657 . 'X-RAY DIFFRACTION' . 
3.518 19.321 2 99.000 2644 . 0.213 0.275 . 125 . 2769 . 'X-RAY DIFFRACTION' . 
# 
_struct.entry_id                  3HY4 
_struct.title                     'Structure of human MTHFS with N5-iminium phosphate' 
_struct.pdbx_model_details        ? 
_struct.pdbx_CASP_flag            ? 
_struct.pdbx_model_type_details   ? 
# 
_struct_keywords.entry_id        3HY4 
_struct_keywords.pdbx_keywords   LIGASE 
_struct_keywords.text            
;antifolate, cancer, N5-iminium phosphate, Acetylation, ATP-binding, Cytoplasm, Folate-binding, Ligase, Magnesium, Nucleotide-binding, Polymorphism
;
# 
loop_
_struct_asym.id 
_struct_asym.pdbx_blank_PDB_chainid_flag 
_struct_asym.pdbx_modified 
_struct_asym.entity_id 
_struct_asym.details 
A N N 1 ? 
B N N 2 ? 
C N N 3 ? 
D N N 3 ? 
E N N 3 ? 
F N N 4 ? 
G N N 5 ? 
H N N 6 ? 
# 
_struct_biol.id        1 
_struct_biol.details   ? 
# 
loop_
_struct_conf.conf_type_id 
_struct_conf.id 
_struct_conf.pdbx_PDB_helix_id 
_struct_conf.beg_label_comp_id 
_struct_conf.beg_label_asym_id 
_struct_conf.beg_label_seq_id 
_struct_conf.pdbx_beg_PDB_ins_code 
_struct_conf.end_label_comp_id 
_struct_conf.end_label_asym_id 
_struct_conf.end_label_seq_id 
_struct_conf.pdbx_end_PDB_ins_code 
_struct_conf.beg_auth_comp_id 
_struct_conf.beg_auth_asym_id 
_struct_conf.beg_auth_seq_id 
_struct_conf.end_auth_comp_id 
_struct_conf.end_auth_asym_id 
_struct_conf.end_auth_seq_id 
_struct_conf.pdbx_PDB_helix_class 
_struct_conf.details 
_struct_conf.pdbx_PDB_helix_length 
HELX_P HELX_P1 1 MET A 1   ? ARG A 22  ? MET A 1   ARG A 22  1 ? 22 
HELX_P HELX_P2 2 SER A 25  ? ALA A 42  ? SER A 25  ALA A 42  1 ? 18 
HELX_P HELX_P3 3 HIS A 43  ? SER A 49  ? HIS A 43  SER A 49  1 ? 7  
HELX_P HELX_P4 4 THR A 64  ? ARG A 74  ? THR A 64  ARG A 74  1 ? 11 
HELX_P HELX_P5 5 SER A 97  ? LEU A 103 ? SER A 97  LEU A 103 5 ? 7  
HELX_P HELX_P6 6 GLU A 122 ? THR A 126 ? GLU A 122 THR A 126 5 ? 5  
HELX_P HELX_P7 7 GLY A 151 ? GLN A 164 ? GLY A 151 GLN A 164 1 ? 14 
HELX_P HELX_P8 8 PHE A 175 ? GLU A 177 ? PHE A 175 GLU A 177 5 ? 3  
# 
_struct_conf_type.id          HELX_P 
_struct_conf_type.criteria    ? 
_struct_conf_type.reference   ? 
# 
loop_
_struct_conn.id 
_struct_conn.conn_type_id 
_struct_conn.pdbx_leaving_atom_flag 
_struct_conn.pdbx_PDB_id 
_struct_conn.ptnr1_label_asym_id 
_struct_conn.ptnr1_label_comp_id 
_struct_conn.ptnr1_label_seq_id 
_struct_conn.ptnr1_label_atom_id 
_struct_conn.pdbx_ptnr1_label_alt_id 
_struct_conn.pdbx_ptnr1_PDB_ins_code 
_struct_conn.pdbx_ptnr1_standard_comp_id 
_struct_conn.ptnr1_symmetry 
_struct_conn.ptnr2_label_asym_id 
_struct_conn.ptnr2_label_comp_id 
_struct_conn.ptnr2_label_seq_id 
_struct_conn.ptnr2_label_atom_id 
_struct_conn.pdbx_ptnr2_label_alt_id 
_struct_conn.pdbx_ptnr2_PDB_ins_code 
_struct_conn.ptnr1_auth_asym_id 
_struct_conn.ptnr1_auth_comp_id 
_struct_conn.ptnr1_auth_seq_id 
_struct_conn.ptnr2_auth_asym_id 
_struct_conn.ptnr2_auth_comp_id 
_struct_conn.ptnr2_auth_seq_id 
_struct_conn.ptnr2_symmetry 
_struct_conn.pdbx_ptnr3_label_atom_id 
_struct_conn.pdbx_ptnr3_label_seq_id 
_struct_conn.pdbx_ptnr3_label_comp_id 
_struct_conn.pdbx_ptnr3_label_asym_id 
_struct_conn.pdbx_ptnr3_label_alt_id 
_struct_conn.pdbx_ptnr3_PDB_ins_code 
_struct_conn.details 
_struct_conn.pdbx_dist_value 
_struct_conn.pdbx_value_order 
_struct_conn.pdbx_role 
metalc1 metalc ? ? A HIS 89 NE2 ? ? ? 1_555 B NI . NI ? ? A HIS 89 A NI 204 1_555 ? ? ? ? ? ? ? 2.515 ? ? 
metalc2 metalc ? ? A ASP 91 OD2 ? ? ? 1_555 B NI . NI ? ? A ASP 91 A NI 204 1_555 ? ? ? ? ? ? ? 2.329 ? ? 
# 
_struct_conn_type.id          metalc 
_struct_conn_type.criteria    ? 
_struct_conn_type.reference   ? 
# 
loop_
_struct_sheet.id 
_struct_sheet.type 
_struct_sheet.number_strands 
_struct_sheet.details 
A ? 6 ? 
B ? 3 ? 
# 
loop_
_struct_sheet_order.sheet_id 
_struct_sheet_order.range_id_1 
_struct_sheet_order.range_id_2 
_struct_sheet_order.offset 
_struct_sheet_order.sense 
A 1 2 ? anti-parallel 
A 2 3 ? parallel      
A 3 4 ? parallel      
A 4 5 ? parallel      
A 5 6 ? parallel      
B 1 2 ? anti-parallel 
B 2 3 ? parallel      
# 
loop_
_struct_sheet_range.sheet_id 
_struct_sheet_range.id 
_struct_sheet_range.beg_label_comp_id 
_struct_sheet_range.beg_label_asym_id 
_struct_sheet_range.beg_label_seq_id 
_struct_sheet_range.pdbx_beg_PDB_ins_code 
_struct_sheet_range.end_label_comp_id 
_struct_sheet_range.end_label_asym_id 
_struct_sheet_range.end_label_seq_id 
_struct_sheet_range.pdbx_end_PDB_ins_code 
_struct_sheet_range.beg_auth_comp_id 
_struct_sheet_range.beg_auth_asym_id 
_struct_sheet_range.beg_auth_seq_id 
_struct_sheet_range.end_auth_comp_id 
_struct_sheet_range.end_auth_asym_id 
_struct_sheet_range.end_auth_seq_id 
A 1 MET A 90  ? ARG A 94  ? MET A 90  ARG A 94  
A 2 ILE A 77  ? TYR A 83  ? ILE A 77  TYR A 83  
A 3 ARG A 51  ? SER A 53  ? ARG A 51  SER A 53  
A 4 LEU A 131 ? MET A 134 ? LEU A 131 MET A 134 
A 5 TYR A 169 ? LEU A 173 ? TYR A 169 LEU A 173 
A 6 GLU A 194 ? LEU A 196 ? GLU A 194 LEU A 196 
B 1 ARG A 145 ? LEU A 146 ? ARG A 145 LEU A 146 
B 2 GLY A 138 ? ASP A 140 ? GLY A 138 ASP A 140 
B 3 ILE A 179 ? CYS A 180 ? ILE A 179 CYS A 180 
# 
loop_
_pdbx_struct_sheet_hbond.sheet_id 
_pdbx_struct_sheet_hbond.range_id_1 
_pdbx_struct_sheet_hbond.range_id_2 
_pdbx_struct_sheet_hbond.range_1_label_atom_id 
_pdbx_struct_sheet_hbond.range_1_label_comp_id 
_pdbx_struct_sheet_hbond.range_1_label_asym_id 
_pdbx_struct_sheet_hbond.range_1_label_seq_id 
_pdbx_struct_sheet_hbond.range_1_PDB_ins_code 
_pdbx_struct_sheet_hbond.range_1_auth_atom_id 
_pdbx_struct_sheet_hbond.range_1_auth_comp_id 
_pdbx_struct_sheet_hbond.range_1_auth_asym_id 
_pdbx_struct_sheet_hbond.range_1_auth_seq_id 
_pdbx_struct_sheet_hbond.range_2_label_atom_id 
_pdbx_struct_sheet_hbond.range_2_label_comp_id 
_pdbx_struct_sheet_hbond.range_2_label_asym_id 
_pdbx_struct_sheet_hbond.range_2_label_seq_id 
_pdbx_struct_sheet_hbond.range_2_PDB_ins_code 
_pdbx_struct_sheet_hbond.range_2_auth_atom_id 
_pdbx_struct_sheet_hbond.range_2_auth_comp_id 
_pdbx_struct_sheet_hbond.range_2_auth_asym_id 
_pdbx_struct_sheet_hbond.range_2_auth_seq_id 
A 1 2 O VAL A 93  ? O VAL A 93  N ILE A 80  ? N ILE A 80  
A 2 3 O ILE A 77  ? O ILE A 77  N ILE A 52  ? N ILE A 52  
A 3 4 N SER A 53  ? N SER A 53  O PHE A 133 ? O PHE A 133 
A 4 5 N MET A 134 ? N MET A 134 O LEU A 171 ? O LEU A 171 
A 5 6 N ALA A 172 ? N ALA A 172 O LEU A 196 ? O LEU A 196 
B 1 2 O LEU A 146 ? O LEU A 146 N GLY A 138 ? N GLY A 138 
B 2 3 N PHE A 139 ? N PHE A 139 O CYS A 180 ? O CYS A 180 
# 
loop_
_struct_site.id 
_struct_site.pdbx_evidence_code 
_struct_site.pdbx_auth_asym_id 
_struct_site.pdbx_auth_comp_id 
_struct_site.pdbx_auth_seq_id 
_struct_site.pdbx_auth_ins_code 
_struct_site.pdbx_num_residues 
_struct_site.details 
AC1 Software A NI  204 ? 5  'BINDING SITE FOR RESIDUE NI A 204'  
AC2 Software A MG  205 ? 2  'BINDING SITE FOR RESIDUE MG A 205'  
AC3 Software A MG  206 ? 2  'BINDING SITE FOR RESIDUE MG A 206'  
AC4 Software A MG  207 ? 4  'BINDING SITE FOR RESIDUE MG A 207'  
AC5 Software A N5G 501 ? 17 'BINDING SITE FOR RESIDUE N5G A 501' 
AC6 Software A PO4 502 ? 10 'BINDING SITE FOR RESIDUE PO4 A 502' 
# 
loop_
_struct_site_gen.id 
_struct_site_gen.site_id 
_struct_site_gen.pdbx_num_res 
_struct_site_gen.label_comp_id 
_struct_site_gen.label_asym_id 
_struct_site_gen.label_seq_id 
_struct_site_gen.pdbx_auth_ins_code 
_struct_site_gen.auth_comp_id 
_struct_site_gen.auth_asym_id 
_struct_site_gen.auth_seq_id 
_struct_site_gen.label_atom_id 
_struct_site_gen.label_alt_id 
_struct_site_gen.symmetry 
_struct_site_gen.details 
1  AC1 5  ARG A 82  ? ARG A 82  . ? 1_555 ? 
2  AC1 5  HIS A 89  ? HIS A 89  . ? 1_555 ? 
3  AC1 5  ASP A 91  ? ASP A 91  . ? 1_555 ? 
4  AC1 5  HIS A 163 ? HIS A 163 . ? 4_555 ? 
5  AC1 5  HOH H .   ? HOH A 250 . ? 1_555 ? 
6  AC2 2  GLU A 27  ? GLU A 27  . ? 8_555 ? 
7  AC2 2  HIS A 142 ? HIS A 142 . ? 1_555 ? 
8  AC3 2  LEU A 181 ? LEU A 181 . ? 1_555 ? 
9  AC3 2  HOH H .   ? HOH A 233 . ? 1_555 ? 
10 AC4 4  MET A 92  ? MET A 92  . ? 1_555 ? 
11 AC4 4  ALA A 123 ? ALA A 123 . ? 1_555 ? 
12 AC4 4  LEU A 124 ? LEU A 124 . ? 1_555 ? 
13 AC4 4  TYR A 156 ? TYR A 156 . ? 1_555 ? 
14 AC5 17 PHE A 55  ? PHE A 55  . ? 1_555 ? 
15 AC5 17 LEU A 56  ? LEU A 56  . ? 1_555 ? 
16 AC5 17 GLU A 61  ? GLU A 61  . ? 1_555 ? 
17 AC5 17 TYR A 83  ? TYR A 83  . ? 1_555 ? 
18 AC5 17 MET A 90  ? MET A 90  . ? 1_555 ? 
19 AC5 17 TRP A 109 ? TRP A 109 . ? 1_555 ? 
20 AC5 17 PRO A 135 ? PRO A 135 . ? 1_555 ? 
21 AC5 17 ARG A 148 ? ARG A 148 . ? 1_555 ? 
22 AC5 17 GLY A 149 ? GLY A 149 . ? 3_555 ? 
23 AC5 17 LYS A 150 ? LYS A 150 . ? 1_555 ? 
24 AC5 17 LYS A 150 ? LYS A 150 . ? 3_555 ? 
25 AC5 17 TYR A 152 ? TYR A 152 . ? 1_555 ? 
26 AC5 17 TYR A 153 ? TYR A 153 . ? 1_555 ? 
27 AC5 17 HOH H .   ? HOH A 217 . ? 1_555 ? 
28 AC5 17 HOH H .   ? HOH A 230 . ? 1_555 ? 
29 AC5 17 HOH H .   ? HOH A 251 . ? 1_555 ? 
30 AC5 17 PO4 G .   ? PO4 A 502 . ? 1_555 ? 
31 AC6 10 ARG A 145 ? ARG A 145 . ? 1_555 ? 
32 AC6 10 GLY A 147 ? GLY A 147 . ? 1_555 ? 
33 AC6 10 ARG A 148 ? ARG A 148 . ? 1_555 ? 
34 AC6 10 GLY A 149 ? GLY A 149 . ? 1_555 ? 
35 AC6 10 LYS A 150 ? LYS A 150 . ? 1_555 ? 
36 AC6 10 GLY A 151 ? GLY A 151 . ? 1_555 ? 
37 AC6 10 TYR A 152 ? TYR A 152 . ? 1_555 ? 
38 AC6 10 TYR A 153 ? TYR A 153 . ? 1_555 ? 
39 AC6 10 ASP A 154 ? ASP A 154 . ? 1_555 ? 
40 AC6 10 N5G F .   ? N5G A 501 . ? 1_555 ? 
# 
_atom_sites.entry_id                    3HY4 
_atom_sites.fract_transf_matrix[1][1]   0.02062984 
_atom_sites.fract_transf_matrix[1][2]   -0.00149423 
_atom_sites.fract_transf_matrix[1][3]   -0.00224167 
_atom_sites.fract_transf_matrix[2][1]   0.00075064 
_atom_sites.fract_transf_matrix[2][2]   0.00632667 
_atom_sites.fract_transf_matrix[2][3]   0.00269089 
_atom_sites.fract_transf_matrix[3][1]   0.00117408 
_atom_sites.fract_transf_matrix[3][2]   -0.00660845 
_atom_sites.fract_transf_matrix[3][3]   0.01520988 
_atom_sites.fract_transf_vector[1]      -0.210707 
_atom_sites.fract_transf_vector[2]      0.127925 
_atom_sites.fract_transf_vector[3]      0.003961 
# 
loop_
_atom_type.symbol 
C  
MG 
N  
NI 
O  
P  
S  
# 
loop_
_atom_site.group_PDB 
_atom_site.id 
_atom_site.type_symbol 
_atom_site.label_atom_id 
_atom_site.label_alt_id 
_atom_site.label_comp_id 
_atom_site.label_asym_id 
_atom_site.label_entity_id 
_atom_site.label_seq_id 
_atom_site.pdbx_PDB_ins_code 
_atom_site.Cartn_x 
_atom_site.Cartn_y 
_atom_site.Cartn_z 
_atom_site.occupancy 
_atom_site.B_iso_or_equiv 
_atom_site.pdbx_formal_charge 
_atom_site.auth_seq_id 
_atom_site.auth_comp_id 
_atom_site.auth_asym_id 
_atom_site.auth_atom_id 
_atom_site.pdbx_PDB_model_num 
ATOM   1    N  N   . MET A 1 1   ? 25.873  -13.297 0.807   1.00 35.64 ? 1   MET A N   1 
ATOM   2    C  CA  . MET A 1 1   ? 26.949  -12.383 1.187   1.00 37.98 ? 1   MET A CA  1 
ATOM   3    C  C   . MET A 1 1   ? 26.761  -10.970 0.637   1.00 39.12 ? 1   MET A C   1 
ATOM   4    O  O   . MET A 1 1   ? 26.799  -9.993  1.389   1.00 39.01 ? 1   MET A O   1 
ATOM   5    C  CB  . MET A 1 1   ? 28.308  -12.940 0.768   1.00 37.28 ? 1   MET A CB  1 
ATOM   6    C  CG  . MET A 1 1   ? 29.045  -13.647 1.892   1.00 39.23 ? 1   MET A CG  1 
ATOM   7    S  SD  . MET A 1 1   ? 29.409  -12.512 3.244   1.00 41.20 ? 1   MET A SD  1 
ATOM   8    C  CE  . MET A 1 1   ? 30.111  -11.138 2.334   1.00 32.37 ? 1   MET A CE  1 
ATOM   9    N  N   . ALA A 1 2   ? 26.570  -10.857 -0.671  1.00 37.37 ? 2   ALA A N   1 
ATOM   10   C  CA  . ALA A 1 2   ? 26.226  -9.569  -1.257  1.00 38.04 ? 2   ALA A CA  1 
ATOM   11   C  C   . ALA A 1 2   ? 24.793  -9.244  -0.868  1.00 40.31 ? 2   ALA A C   1 
ATOM   12   O  O   . ALA A 1 2   ? 24.430  -8.081  -0.697  1.00 40.65 ? 2   ALA A O   1 
ATOM   13   C  CB  . ALA A 1 2   ? 26.373  -9.608  -2.766  1.00 37.44 ? 2   ALA A CB  1 
ATOM   14   N  N   . ALA A 1 3   ? 23.985  -10.291 -0.727  1.00 40.63 ? 3   ALA A N   1 
ATOM   15   C  CA  . ALA A 1 3   ? 22.600  -10.154 -0.297  1.00 38.86 ? 3   ALA A CA  1 
ATOM   16   C  C   . ALA A 1 3   ? 22.554  -9.693  1.154   1.00 40.30 ? 3   ALA A C   1 
ATOM   17   O  O   . ALA A 1 3   ? 21.692  -8.905  1.545   1.00 40.67 ? 3   ALA A O   1 
ATOM   18   C  CB  . ALA A 1 3   ? 21.865  -11.475 -0.458  1.00 35.15 ? 3   ALA A CB  1 
ATOM   19   N  N   . ALA A 1 4   ? 23.494  -10.191 1.950   1.00 39.57 ? 4   ALA A N   1 
ATOM   20   C  CA  . ALA A 1 4   ? 23.578  -9.824  3.354   1.00 37.89 ? 4   ALA A CA  1 
ATOM   21   C  C   . ALA A 1 4   ? 23.792  -8.323  3.518   1.00 37.71 ? 4   ALA A C   1 
ATOM   22   O  O   . ALA A 1 4   ? 23.058  -7.666  4.252   1.00 38.81 ? 4   ALA A O   1 
ATOM   23   C  CB  . ALA A 1 4   ? 24.683  -10.610 4.043   1.00 36.95 ? 4   ALA A CB  1 
ATOM   24   N  N   . ALA A 1 5   ? 24.794  -7.783  2.830   1.00 38.30 ? 5   ALA A N   1 
ATOM   25   C  CA  . ALA A 1 5   ? 25.089  -6.351  2.910   1.00 38.70 ? 5   ALA A CA  1 
ATOM   26   C  C   . ALA A 1 5   ? 23.905  -5.512  2.440   1.00 40.80 ? 5   ALA A C   1 
ATOM   27   O  O   . ALA A 1 5   ? 23.730  -4.368  2.870   1.00 39.19 ? 5   ALA A O   1 
ATOM   28   C  CB  . ALA A 1 5   ? 26.335  -6.014  2.105   1.00 34.74 ? 5   ALA A CB  1 
ATOM   29   N  N   . VAL A 1 6   ? 23.097  -6.086  1.554   1.00 41.91 ? 6   VAL A N   1 
ATOM   30   C  CA  . VAL A 1 6   ? 21.888  -5.432  1.068   1.00 41.67 ? 6   VAL A CA  1 
ATOM   31   C  C   . VAL A 1 6   ? 20.824  -5.385  2.162   1.00 41.19 ? 6   VAL A C   1 
ATOM   32   O  O   . VAL A 1 6   ? 20.159  -4.365  2.352   1.00 41.03 ? 6   VAL A O   1 
ATOM   33   C  CB  . VAL A 1 6   ? 21.311  -6.159  -0.163  1.00 42.79 ? 6   VAL A CB  1 
ATOM   34   C  CG1 . VAL A 1 6   ? 19.968  -5.563  -0.555  1.00 41.03 ? 6   VAL A CG1 1 
ATOM   35   C  CG2 . VAL A 1 6   ? 22.292  -6.096  -1.326  1.00 42.52 ? 6   VAL A CG2 1 
ATOM   36   N  N   . SER A 1 7   ? 20.672  -6.497  2.878   1.00 42.33 ? 7   SER A N   1 
ATOM   37   C  CA  . SER A 1 7   ? 19.695  -6.599  3.960   1.00 40.27 ? 7   SER A CA  1 
ATOM   38   C  C   . SER A 1 7   ? 20.109  -5.751  5.158   1.00 38.90 ? 7   SER A C   1 
ATOM   39   O  O   . SER A 1 7   ? 19.263  -5.257  5.903   1.00 38.82 ? 7   SER A O   1 
ATOM   40   C  CB  . SER A 1 7   ? 19.515  -8.057  4.383   1.00 39.16 ? 7   SER A CB  1 
ATOM   41   O  OG  . SER A 1 7   ? 19.095  -8.854  3.289   1.00 39.08 ? 7   SER A OG  1 
ATOM   42   N  N   . SER A 1 8   ? 21.414  -5.594  5.342   1.00 38.53 ? 8   SER A N   1 
ATOM   43   C  CA  . SER A 1 8   ? 21.931  -4.716  6.379   1.00 38.92 ? 8   SER A CA  1 
ATOM   44   C  C   . SER A 1 8   ? 21.471  -3.295  6.088   1.00 38.36 ? 8   SER A C   1 
ATOM   45   O  O   . SER A 1 8   ? 20.863  -2.640  6.933   1.00 38.64 ? 8   SER A O   1 
ATOM   46   C  CB  . SER A 1 8   ? 23.460  -4.784  6.426   1.00 39.13 ? 8   SER A CB  1 
ATOM   47   O  OG  . SER A 1 8   ? 23.973  -4.094  7.553   1.00 39.74 ? 8   SER A OG  1 
ATOM   48   N  N   . ALA A 1 9   ? 21.757  -2.832  4.877   1.00 39.60 ? 9   ALA A N   1 
ATOM   49   C  CA  . ALA A 1 9   ? 21.355  -1.501  4.442   1.00 39.33 ? 9   ALA A CA  1 
ATOM   50   C  C   . ALA A 1 9   ? 19.869  -1.277  4.688   1.00 39.57 ? 9   ALA A C   1 
ATOM   51   O  O   . ALA A 1 9   ? 19.476  -0.288  5.309   1.00 39.22 ? 9   ALA A O   1 
ATOM   52   C  CB  . ALA A 1 9   ? 21.685  -1.303  2.973   1.00 37.75 ? 9   ALA A CB  1 
ATOM   53   N  N   . LYS A 1 10  ? 19.050  -2.202  4.195   1.00 39.57 ? 10  LYS A N   1 
ATOM   54   C  CA  . LYS A 1 10  ? 17.606  -2.114  4.372   1.00 37.86 ? 10  LYS A CA  1 
ATOM   55   C  C   . LYS A 1 10  ? 17.256  -2.017  5.854   1.00 37.46 ? 10  LYS A C   1 
ATOM   56   O  O   . LYS A 1 10  ? 16.525  -1.119  6.273   1.00 36.66 ? 10  LYS A O   1 
ATOM   57   C  CB  . LYS A 1 10  ? 16.912  -3.326  3.746   1.00 39.13 ? 10  LYS A CB  1 
ATOM   58   C  CG  . LYS A 1 10  ? 17.168  -3.511  2.257   1.00 36.75 ? 10  LYS A CG  1 
ATOM   59   C  CD  . LYS A 1 10  ? 16.219  -4.544  1.666   1.00 35.23 ? 10  LYS A CD  1 
ATOM   60   C  CE  . LYS A 1 10  ? 16.582  -4.873  0.230   1.00 40.54 ? 10  LYS A CE  1 
ATOM   61   N  NZ  . LYS A 1 10  ? 15.443  -5.486  -0.513  1.00 42.72 ? 10  LYS A NZ  1 
ATOM   62   N  N   . ARG A 1 11  ? 17.791  -2.947  6.640   1.00 38.12 ? 11  ARG A N   1 
ATOM   63   C  CA  . ARG A 1 11  ? 17.538  -2.991  8.076   1.00 37.68 ? 11  ARG A CA  1 
ATOM   64   C  C   . ARG A 1 11  ? 17.843  -1.649  8.731   1.00 36.70 ? 11  ARG A C   1 
ATOM   65   O  O   . ARG A 1 11  ? 16.989  -1.066  9.398   1.00 36.18 ? 11  ARG A O   1 
ATOM   66   C  CB  . ARG A 1 11  ? 18.370  -4.101  8.722   1.00 38.70 ? 11  ARG A CB  1 
ATOM   67   C  CG  . ARG A 1 11  ? 18.147  -4.272  10.217  1.00 39.33 ? 11  ARG A CG  1 
ATOM   68   C  CD  . ARG A 1 11  ? 19.212  -5.179  10.822  1.00 41.87 ? 11  ARG A CD  1 
ATOM   69   N  NE  . ARG A 1 11  ? 20.556  -4.783  10.405  1.00 42.77 ? 11  ARG A NE  1 
ATOM   70   C  CZ  . ARG A 1 11  ? 21.396  -4.067  11.148  1.00 42.28 ? 11  ARG A CZ  1 
ATOM   71   N  NH1 . ARG A 1 11  ? 21.041  -3.668  12.363  1.00 39.62 ? 11  ARG A NH1 1 
ATOM   72   N  NH2 . ARG A 1 11  ? 22.596  -3.754  10.675  1.00 40.04 ? 11  ARG A NH2 1 
ATOM   73   N  N   . SER A 1 12  ? 19.065  -1.165  8.536   1.00 36.39 ? 12  SER A N   1 
ATOM   74   C  CA  . SER A 1 12  ? 19.466  0.142   9.049   1.00 36.99 ? 12  SER A CA  1 
ATOM   75   C  C   . SER A 1 12  ? 18.464  1.210   8.635   1.00 36.76 ? 12  SER A C   1 
ATOM   76   O  O   . SER A 1 12  ? 17.902  1.909   9.475   1.00 38.14 ? 12  SER A O   1 
ATOM   77   C  CB  . SER A 1 12  ? 20.856  0.523   8.531   1.00 38.98 ? 12  SER A CB  1 
ATOM   78   O  OG  . SER A 1 12  ? 21.840  -0.408  8.951   1.00 42.06 ? 12  SER A OG  1 
ATOM   79   N  N   . LEU A 1 13  ? 18.244  1.324   7.330   1.00 36.20 ? 13  LEU A N   1 
ATOM   80   C  CA  . LEU A 1 13  ? 17.346  2.334   6.787   1.00 34.94 ? 13  LEU A CA  1 
ATOM   81   C  C   . LEU A 1 13  ? 15.950  2.241   7.398   1.00 34.48 ? 13  LEU A C   1 
ATOM   82   O  O   . LEU A 1 13  ? 15.298  3.259   7.614   1.00 34.61 ? 13  LEU A O   1 
ATOM   83   C  CB  . LEU A 1 13  ? 17.272  2.221   5.264   1.00 35.61 ? 13  LEU A CB  1 
ATOM   84   C  CG  . LEU A 1 13  ? 16.658  3.412   4.529   1.00 31.36 ? 13  LEU A CG  1 
ATOM   85   C  CD1 . LEU A 1 13  ? 17.348  4.701   4.931   1.00 32.11 ? 13  LEU A CD1 1 
ATOM   86   C  CD2 . LEU A 1 13  ? 16.746  3.207   3.032   1.00 32.22 ? 13  LEU A CD2 1 
ATOM   87   N  N   . ARG A 1 14  ? 15.494  1.021   7.675   1.00 34.84 ? 14  ARG A N   1 
ATOM   88   C  CA  . ARG A 1 14  ? 14.193  0.824   8.311   1.00 34.69 ? 14  ARG A CA  1 
ATOM   89   C  C   . ARG A 1 14  ? 14.173  1.424   9.711   1.00 35.43 ? 14  ARG A C   1 
ATOM   90   O  O   . ARG A 1 14  ? 13.225  2.105   10.093  1.00 35.68 ? 14  ARG A O   1 
ATOM   91   C  CB  . ARG A 1 14  ? 13.834  -0.659  8.378   1.00 34.42 ? 14  ARG A CB  1 
ATOM   92   C  CG  . ARG A 1 14  ? 13.606  -1.299  7.023   1.00 36.33 ? 14  ARG A CG  1 
ATOM   93   C  CD  . ARG A 1 14  ? 12.692  -2.512  7.123   1.00 37.97 ? 14  ARG A CD  1 
ATOM   94   N  NE  . ARG A 1 14  ? 12.457  -3.117  5.816   1.00 37.99 ? 14  ARG A NE  1 
ATOM   95   C  CZ  . ARG A 1 14  ? 13.131  -4.161  5.348   1.00 39.08 ? 14  ARG A CZ  1 
ATOM   96   N  NH1 . ARG A 1 14  ? 14.077  -4.728  6.085   1.00 39.53 ? 14  ARG A NH1 1 
ATOM   97   N  NH2 . ARG A 1 14  ? 12.855  -4.643  4.143   1.00 40.30 ? 14  ARG A NH2 1 
ATOM   98   N  N   . GLY A 1 15  ? 15.226  1.161   10.475  1.00 36.39 ? 15  GLY A N   1 
ATOM   99   C  CA  . GLY A 1 15  ? 15.333  1.698   11.817  1.00 35.89 ? 15  GLY A CA  1 
ATOM   100  C  C   . GLY A 1 15  ? 15.206  3.204   11.796  1.00 36.07 ? 15  GLY A C   1 
ATOM   101  O  O   . GLY A 1 15  ? 14.265  3.766   12.356  1.00 37.07 ? 15  GLY A O   1 
ATOM   102  N  N   . GLU A 1 16  ? 16.155  3.857   11.134  1.00 35.75 ? 16  GLU A N   1 
ATOM   103  C  CA  . GLU A 1 16  ? 16.153  5.310   11.029  1.00 37.16 ? 16  GLU A CA  1 
ATOM   104  C  C   . GLU A 1 16  ? 14.774  5.827   10.645  1.00 36.77 ? 16  GLU A C   1 
ATOM   105  O  O   . GLU A 1 16  ? 14.257  6.755   11.265  1.00 36.65 ? 16  GLU A O   1 
ATOM   106  C  CB  . GLU A 1 16  ? 17.185  5.777   10.003  1.00 37.16 ? 16  GLU A CB  1 
ATOM   107  C  CG  . GLU A 1 16  ? 17.274  7.288   9.886   1.00 41.49 ? 16  GLU A CG  1 
ATOM   108  C  CD  . GLU A 1 16  ? 17.914  7.737   8.588   1.00 45.76 ? 16  GLU A CD  1 
ATOM   109  O  OE1 . GLU A 1 16  ? 18.591  6.909   7.940   1.00 45.60 ? 16  GLU A OE1 1 
ATOM   110  O  OE2 . GLU A 1 16  ? 17.736  8.918   8.217   1.00 47.36 ? 16  GLU A OE2 1 
ATOM   111  N  N   . LEU A 1 17  ? 14.185  5.215   9.623   1.00 36.82 ? 17  LEU A N   1 
ATOM   112  C  CA  . LEU A 1 17  ? 12.871  5.615   9.132   1.00 34.42 ? 17  LEU A CA  1 
ATOM   113  C  C   . LEU A 1 17  ? 11.809  5.488   10.210  1.00 35.56 ? 17  LEU A C   1 
ATOM   114  O  O   . LEU A 1 17  ? 11.011  6.401   10.406  1.00 36.69 ? 17  LEU A O   1 
ATOM   115  C  CB  . LEU A 1 17  ? 12.474  4.791   7.906   1.00 33.69 ? 17  LEU A CB  1 
ATOM   116  C  CG  . LEU A 1 17  ? 13.076  5.225   6.567   1.00 33.98 ? 17  LEU A CG  1 
ATOM   117  C  CD1 . LEU A 1 17  ? 12.810  4.185   5.485   1.00 32.48 ? 17  LEU A CD1 1 
ATOM   118  C  CD2 . LEU A 1 17  ? 12.536  6.586   6.153   1.00 33.37 ? 17  LEU A CD2 1 
ATOM   119  N  N   . LYS A 1 18  ? 11.800  4.355   10.908  1.00 37.21 ? 18  LYS A N   1 
ATOM   120  C  CA  . LYS A 1 18  ? 10.839  4.143   11.987  1.00 37.03 ? 18  LYS A CA  1 
ATOM   121  C  C   . LYS A 1 18  ? 11.083  5.137   13.119  1.00 37.06 ? 18  LYS A C   1 
ATOM   122  O  O   . LYS A 1 18  ? 10.159  5.503   13.846  1.00 37.99 ? 18  LYS A O   1 
ATOM   123  C  CB  . LYS A 1 18  ? 10.898  2.705   12.500  1.00 33.24 ? 18  LYS A CB  1 
ATOM   124  C  CG  . LYS A 1 18  ? 10.808  1.670   11.401  1.00 33.99 ? 18  LYS A CG  1 
ATOM   125  C  CD  . LYS A 1 18  ? 10.403  0.311   11.935  1.00 35.01 ? 18  LYS A CD  1 
ATOM   126  C  CE  . LYS A 1 18  ? 8.908   0.260   12.203  1.00 38.12 ? 18  LYS A CE  1 
ATOM   127  N  NZ  . LYS A 1 18  ? 8.392   -1.141  12.226  1.00 42.46 ? 18  LYS A NZ  1 
ATOM   128  N  N   . GLN A 1 19  ? 12.332  5.573   13.253  1.00 34.77 ? 19  GLN A N   1 
ATOM   129  C  CA  . GLN A 1 19  ? 12.672  6.624   14.202  1.00 37.15 ? 19  GLN A CA  1 
ATOM   130  C  C   . GLN A 1 19  ? 12.036  7.935   13.758  1.00 39.82 ? 19  GLN A C   1 
ATOM   131  O  O   . GLN A 1 19  ? 11.155  8.466   14.437  1.00 39.45 ? 19  GLN A O   1 
ATOM   132  C  CB  . GLN A 1 19  ? 14.181  6.773   14.314  1.00 37.43 ? 19  GLN A CB  1 
ATOM   133  N  N   . ARG A 1 20  ? 12.481  8.444   12.609  1.00 41.95 ? 20  ARG A N   1 
ATOM   134  C  CA  . ARG A 1 20  ? 11.925  9.666   12.030  1.00 39.25 ? 20  ARG A CA  1 
ATOM   135  C  C   . ARG A 1 20  ? 10.398  9.629   12.033  1.00 39.05 ? 20  ARG A C   1 
ATOM   136  O  O   . ARG A 1 20  ? 9.747   10.645  12.278  1.00 38.53 ? 20  ARG A O   1 
ATOM   137  C  CB  . ARG A 1 20  ? 12.453  9.895   10.609  1.00 36.91 ? 20  ARG A CB  1 
ATOM   138  C  CG  . ARG A 1 20  ? 13.966  10.070  10.533  1.00 39.92 ? 20  ARG A CG  1 
ATOM   139  C  CD  . ARG A 1 20  ? 14.373  10.944  9.353   1.00 41.58 ? 20  ARG A CD  1 
ATOM   140  N  NE  . ARG A 1 20  ? 14.546  10.190  8.113   1.00 41.94 ? 20  ARG A NE  1 
ATOM   141  C  CZ  . ARG A 1 20  ? 14.521  10.741  6.901   1.00 42.93 ? 20  ARG A CZ  1 
ATOM   142  N  NH1 . ARG A 1 20  ? 14.314  12.046  6.770   1.00 42.59 ? 20  ARG A NH1 1 
ATOM   143  N  NH2 . ARG A 1 20  ? 14.692  9.992   5.819   1.00 38.00 ? 20  ARG A NH2 1 
ATOM   144  N  N   . LEU A 1 21  ? 9.834   8.453   11.768  1.00 37.66 ? 21  LEU A N   1 
ATOM   145  C  CA  . LEU A 1 21  ? 8.389   8.266   11.856  1.00 37.83 ? 21  LEU A CA  1 
ATOM   146  C  C   . LEU A 1 21  ? 7.929   8.379   13.305  1.00 39.46 ? 21  LEU A C   1 
ATOM   147  O  O   . LEU A 1 21  ? 7.843   9.481   13.848  1.00 40.76 ? 21  LEU A O   1 
ATOM   148  C  CB  . LEU A 1 21  ? 7.976   6.914   11.266  1.00 36.40 ? 21  LEU A CB  1 
ATOM   149  C  CG  . LEU A 1 21  ? 7.830   6.842   9.743   1.00 34.97 ? 21  LEU A CG  1 
ATOM   150  C  CD1 . LEU A 1 21  ? 7.664   5.403   9.277   1.00 34.28 ? 21  LEU A CD1 1 
ATOM   151  C  CD2 . LEU A 1 21  ? 6.660   7.691   9.274   1.00 30.79 ? 21  LEU A CD2 1 
ATOM   152  N  N   . ARG A 1 22  ? 7.648   7.235   13.926  1.00 39.70 ? 22  ARG A N   1 
ATOM   153  C  CA  . ARG A 1 22  ? 7.179   7.193   15.302  1.00 38.42 ? 22  ARG A CA  1 
ATOM   154  C  C   . ARG A 1 22  ? 7.792   8.253   16.199  1.00 36.90 ? 22  ARG A C   1 
ATOM   155  O  O   . ARG A 1 22  ? 7.104   9.170   16.654  1.00 34.24 ? 22  ARG A O   1 
ATOM   156  N  N   . MET A 1 24  ? 6.666   11.768  14.576  1.00 33.10 ? 24  MET A N   1 
ATOM   157  C  CA  . MET A 1 24  ? 5.623   12.526  13.901  1.00 35.74 ? 24  MET A CA  1 
ATOM   158  C  C   . MET A 1 24  ? 4.346   12.519  14.727  1.00 36.19 ? 24  MET A C   1 
ATOM   159  O  O   . MET A 1 24  ? 3.651   11.507  14.801  1.00 38.11 ? 24  MET A O   1 
ATOM   160  C  CB  . MET A 1 24  ? 5.367   11.981  12.516  1.00 38.04 ? 24  MET A CB  1 
ATOM   161  N  N   . SER A 1 25  ? 4.030   13.661  15.331  1.00 33.48 ? 25  SER A N   1 
ATOM   162  C  CA  . SER A 1 25  ? 2.811   13.790  16.121  1.00 35.49 ? 25  SER A CA  1 
ATOM   163  C  C   . SER A 1 25  ? 1.605   13.377  15.285  1.00 37.56 ? 25  SER A C   1 
ATOM   164  O  O   . SER A 1 25  ? 1.672   13.378  14.059  1.00 40.40 ? 25  SER A O   1 
ATOM   165  C  CB  . SER A 1 25  ? 2.646   15.236  16.571  1.00 37.37 ? 25  SER A CB  1 
ATOM   166  O  OG  . SER A 1 25  ? 2.577   16.088  15.435  1.00 37.52 ? 25  SER A OG  1 
ATOM   167  N  N   . ALA A 1 26  ? 0.501   13.034  15.941  1.00 36.28 ? 26  ALA A N   1 
ATOM   168  C  CA  . ALA A 1 26  ? -0.704  12.611  15.232  1.00 36.65 ? 26  ALA A CA  1 
ATOM   169  C  C   . ALA A 1 26  ? -1.272  13.697  14.316  1.00 35.90 ? 26  ALA A C   1 
ATOM   170  O  O   . ALA A 1 26  ? -1.725  13.409  13.209  1.00 36.10 ? 26  ALA A O   1 
ATOM   171  C  CB  . ALA A 1 26  ? -1.766  12.138  16.218  1.00 33.35 ? 26  ALA A CB  1 
ATOM   172  N  N   . GLU A 1 27  ? -1.244  14.945  14.775  1.00 34.98 ? 27  GLU A N   1 
ATOM   173  C  CA  . GLU A 1 27  ? -1.824  16.048  14.008  1.00 36.82 ? 27  GLU A CA  1 
ATOM   174  C  C   . GLU A 1 27  ? -1.027  16.313  12.730  1.00 36.98 ? 27  GLU A C   1 
ATOM   175  O  O   . GLU A 1 27  ? -1.601  16.537  11.665  1.00 36.04 ? 27  GLU A O   1 
ATOM   176  C  CB  . GLU A 1 27  ? -1.948  17.320  14.862  1.00 39.36 ? 27  GLU A CB  1 
ATOM   177  C  CG  . GLU A 1 27  ? -0.638  17.829  15.455  1.00 41.70 ? 27  GLU A CG  1 
ATOM   178  C  CD  . GLU A 1 27  ? -0.804  19.132  16.225  1.00 39.49 ? 27  GLU A CD  1 
ATOM   179  O  OE1 . GLU A 1 27  ? -1.959  19.531  16.490  1.00 37.87 ? 27  GLU A OE1 1 
ATOM   180  O  OE2 . GLU A 1 27  ? 0.224   19.756  16.564  1.00 38.78 ? 27  GLU A OE2 1 
ATOM   181  N  N   . GLU A 1 28  ? 0.297   16.272  12.836  1.00 35.47 ? 28  GLU A N   1 
ATOM   182  C  CA  . GLU A 1 28  ? 1.143   16.375  11.660  1.00 35.54 ? 28  GLU A CA  1 
ATOM   183  C  C   . GLU A 1 28  ? 0.808   15.229  10.718  1.00 35.14 ? 28  GLU A C   1 
ATOM   184  O  O   . GLU A 1 28  ? 0.497   15.444  9.549   1.00 35.82 ? 28  GLU A O   1 
ATOM   185  C  CB  . GLU A 1 28  ? 2.622   16.337  12.050  1.00 36.39 ? 28  GLU A CB  1 
ATOM   186  C  CG  . GLU A 1 28  ? 3.573   15.964  10.915  1.00 35.42 ? 28  GLU A CG  1 
ATOM   187  C  CD  . GLU A 1 28  ? 3.707   17.045  9.855   1.00 33.79 ? 28  GLU A CD  1 
ATOM   188  O  OE1 . GLU A 1 28  ? 2.720   17.763  9.595   1.00 32.69 ? 28  GLU A OE1 1 
ATOM   189  O  OE2 . GLU A 1 28  ? 4.804   17.168  9.269   1.00 34.11 ? 28  GLU A OE2 1 
ATOM   190  N  N   . ARG A 1 29  ? 0.864   14.010  11.244  1.00 34.39 ? 29  ARG A N   1 
ATOM   191  C  CA  . ARG A 1 29  ? 0.471   12.821  10.498  1.00 34.01 ? 29  ARG A CA  1 
ATOM   192  C  C   . ARG A 1 29  ? -0.816  13.065  9.707   1.00 37.36 ? 29  ARG A C   1 
ATOM   193  O  O   . ARG A 1 29  ? -0.923  12.669  8.544   1.00 37.42 ? 29  ARG A O   1 
ATOM   194  C  CB  . ARG A 1 29  ? 0.286   11.643  11.461  1.00 35.12 ? 29  ARG A CB  1 
ATOM   195  C  CG  . ARG A 1 29  ? 0.195   10.266  10.810  1.00 37.42 ? 29  ARG A CG  1 
ATOM   196  C  CD  . ARG A 1 29  ? -1.198  9.978   10.260  1.00 35.31 ? 29  ARG A CD  1 
ATOM   197  N  NE  . ARG A 1 29  ? -1.357  8.575   9.882   1.00 32.70 ? 29  ARG A NE  1 
ATOM   198  C  CZ  . ARG A 1 29  ? -2.232  7.742   10.436  1.00 31.87 ? 29  ARG A CZ  1 
ATOM   199  N  NH1 . ARG A 1 29  ? -3.047  8.166   11.392  1.00 33.57 ? 29  ARG A NH1 1 
ATOM   200  N  NH2 . ARG A 1 29  ? -2.302  6.485   10.025  1.00 31.38 ? 29  ARG A NH2 1 
ATOM   201  N  N   . LEU A 1 30  ? -1.785  13.725  10.338  1.00 37.82 ? 30  LEU A N   1 
ATOM   202  C  CA  . LEU A 1 30  ? -3.078  13.986  9.707   1.00 35.73 ? 30  LEU A CA  1 
ATOM   203  C  C   . LEU A 1 30  ? -2.999  15.076  8.644   1.00 35.20 ? 30  LEU A C   1 
ATOM   204  O  O   . LEU A 1 30  ? -3.594  14.948  7.575   1.00 36.41 ? 30  LEU A O   1 
ATOM   205  C  CB  . LEU A 1 30  ? -4.126  14.359  10.754  1.00 35.83 ? 30  LEU A CB  1 
ATOM   206  C  CG  . LEU A 1 30  ? -4.550  13.237  11.703  1.00 39.73 ? 30  LEU A CG  1 
ATOM   207  C  CD1 . LEU A 1 30  ? -5.332  13.797  12.885  1.00 40.44 ? 30  LEU A CD1 1 
ATOM   208  C  CD2 . LEU A 1 30  ? -5.359  12.180  10.963  1.00 35.86 ? 30  LEU A CD2 1 
ATOM   209  N  N   . ARG A 1 31  ? -2.276  16.150  8.945   1.00 34.91 ? 31  ARG A N   1 
ATOM   210  C  CA  . ARG A 1 31  ? -2.113  17.249  8.001   1.00 33.07 ? 31  ARG A CA  1 
ATOM   211  C  C   . ARG A 1 31  ? -1.598  16.734  6.663   1.00 31.72 ? 31  ARG A C   1 
ATOM   212  O  O   . ARG A 1 31  ? -2.215  16.941  5.619   1.00 31.54 ? 31  ARG A O   1 
ATOM   213  C  CB  . ARG A 1 31  ? -1.140  18.291  8.554   1.00 32.88 ? 31  ARG A CB  1 
ATOM   214  C  CG  . ARG A 1 31  ? -0.762  19.364  7.546   1.00 31.93 ? 31  ARG A CG  1 
ATOM   215  C  CD  . ARG A 1 31  ? 0.383   20.231  8.035   1.00 29.90 ? 31  ARG A CD  1 
ATOM   216  N  NE  . ARG A 1 31  ? 1.681   19.581  7.885   1.00 30.74 ? 31  ARG A NE  1 
ATOM   217  C  CZ  . ARG A 1 31  ? 2.406   19.598  6.770   1.00 31.08 ? 31  ARG A CZ  1 
ATOM   218  N  NH1 . ARG A 1 31  ? 1.960   20.225  5.688   1.00 25.01 ? 31  ARG A NH1 1 
ATOM   219  N  NH2 . ARG A 1 31  ? 3.580   18.980  6.736   1.00 31.74 ? 31  ARG A NH2 1 
ATOM   220  N  N   . GLN A 1 32  ? -0.461  16.054  6.714   1.00 31.78 ? 32  GLN A N   1 
ATOM   221  C  CA  . GLN A 1 32  ? 0.200   15.531  5.528   1.00 31.00 ? 32  GLN A CA  1 
ATOM   222  C  C   . GLN A 1 32  ? -0.707  14.577  4.748   1.00 31.46 ? 32  GLN A C   1 
ATOM   223  O  O   . GLN A 1 32  ? -0.651  14.524  3.522   1.00 30.06 ? 32  GLN A O   1 
ATOM   224  C  CB  . GLN A 1 32  ? 1.486   14.822  5.945   1.00 30.47 ? 32  GLN A CB  1 
ATOM   225  C  CG  . GLN A 1 32  ? 2.667   15.048  5.029   1.00 29.43 ? 32  GLN A CG  1 
ATOM   226  C  CD  . GLN A 1 32  ? 3.982   14.900  5.765   1.00 29.20 ? 32  GLN A CD  1 
ATOM   227  O  OE1 . GLN A 1 32  ? 4.101   15.283  6.927   1.00 30.10 ? 32  GLN A OE1 1 
ATOM   228  N  NE2 . GLN A 1 32  ? 4.977   14.344  5.094   1.00 28.59 ? 32  GLN A NE2 1 
ATOM   229  N  N   . SER A 1 33  ? -1.539  13.827  5.466   1.00 32.22 ? 33  SER A N   1 
ATOM   230  C  CA  . SER A 1 33  ? -2.490  12.918  4.837   1.00 30.38 ? 33  SER A CA  1 
ATOM   231  C  C   . SER A 1 33  ? -3.584  13.697  4.120   1.00 30.66 ? 33  SER A C   1 
ATOM   232  O  O   . SER A 1 33  ? -4.010  13.331  3.026   1.00 30.85 ? 33  SER A O   1 
ATOM   233  C  CB  . SER A 1 33  ? -3.122  11.998  5.881   1.00 31.06 ? 33  SER A CB  1 
ATOM   234  O  OG  . SER A 1 33  ? -2.148  11.194  6.516   1.00 29.91 ? 33  SER A OG  1 
ATOM   235  N  N   . ARG A 1 34  ? -4.039  14.773  4.752   1.00 31.34 ? 34  ARG A N   1 
ATOM   236  C  CA  . ARG A 1 34  ? -5.090  15.612  4.193   1.00 33.16 ? 34  ARG A CA  1 
ATOM   237  C  C   . ARG A 1 34  ? -4.641  16.217  2.863   1.00 32.73 ? 34  ARG A C   1 
ATOM   238  O  O   . ARG A 1 34  ? -5.459  16.499  1.988   1.00 33.39 ? 34  ARG A O   1 
ATOM   239  C  CB  . ARG A 1 34  ? -5.448  16.717  5.186   1.00 36.01 ? 34  ARG A CB  1 
ATOM   240  C  CG  . ARG A 1 34  ? -6.858  17.264  5.058   1.00 41.14 ? 34  ARG A CG  1 
ATOM   241  C  CD  . ARG A 1 34  ? -7.130  18.293  6.147   1.00 42.40 ? 34  ARG A CD  1 
ATOM   242  N  NE  . ARG A 1 34  ? -6.865  17.760  7.482   1.00 43.25 ? 34  ARG A NE  1 
ATOM   243  C  CZ  . ARG A 1 34  ? -6.860  18.493  8.593   1.00 43.27 ? 34  ARG A CZ  1 
ATOM   244  N  NH1 . ARG A 1 34  ? -7.105  19.797  8.531   1.00 43.45 ? 34  ARG A NH1 1 
ATOM   245  N  NH2 . ARG A 1 34  ? -6.607  17.923  9.766   1.00 39.83 ? 34  ARG A NH2 1 
ATOM   246  N  N   . VAL A 1 35  ? -3.332  16.402  2.717   1.00 31.34 ? 35  VAL A N   1 
ATOM   247  C  CA  . VAL A 1 35  ? -2.763  16.953  1.493   1.00 30.57 ? 35  VAL A CA  1 
ATOM   248  C  C   . VAL A 1 35  ? -2.633  15.893  0.400   1.00 31.66 ? 35  VAL A C   1 
ATOM   249  O  O   . VAL A 1 35  ? -3.056  16.111  -0.734  1.00 32.70 ? 35  VAL A O   1 
ATOM   250  C  CB  . VAL A 1 35  ? -1.388  17.596  1.750   1.00 30.39 ? 35  VAL A CB  1 
ATOM   251  C  CG1 . VAL A 1 35  ? -0.776  18.079  0.448   1.00 29.63 ? 35  VAL A CG1 1 
ATOM   252  C  CG2 . VAL A 1 35  ? -1.520  18.741  2.730   1.00 29.92 ? 35  VAL A CG2 1 
ATOM   253  N  N   . LEU A 1 36  ? -2.044  14.750  0.740   1.00 31.14 ? 36  LEU A N   1 
ATOM   254  C  CA  . LEU A 1 36  ? -1.922  13.656  -0.219  1.00 29.50 ? 36  LEU A CA  1 
ATOM   255  C  C   . LEU A 1 36  ? -3.290  13.207  -0.723  1.00 28.96 ? 36  LEU A C   1 
ATOM   256  O  O   . LEU A 1 36  ? -3.442  12.849  -1.887  1.00 29.44 ? 36  LEU A O   1 
ATOM   257  C  CB  . LEU A 1 36  ? -1.162  12.468  0.374   1.00 25.60 ? 36  LEU A CB  1 
ATOM   258  C  CG  . LEU A 1 36  ? 0.360   12.505  0.268   1.00 24.86 ? 36  LEU A CG  1 
ATOM   259  C  CD1 . LEU A 1 36  ? 0.939   13.422  1.324   1.00 30.30 ? 36  LEU A CD1 1 
ATOM   260  C  CD2 . LEU A 1 36  ? 0.940   11.112  0.408   1.00 26.10 ? 36  LEU A CD2 1 
ATOM   261  N  N   . SER A 1 37  ? -4.286  13.225  0.155   1.00 27.93 ? 37  SER A N   1 
ATOM   262  C  CA  . SER A 1 37  ? -5.633  12.852  -0.245  1.00 29.16 ? 37  SER A CA  1 
ATOM   263  C  C   . SER A 1 37  ? -6.069  13.689  -1.436  1.00 31.60 ? 37  SER A C   1 
ATOM   264  O  O   . SER A 1 37  ? -6.468  13.159  -2.472  1.00 29.90 ? 37  SER A O   1 
ATOM   265  C  CB  . SER A 1 37  ? -6.611  13.041  0.912   1.00 30.29 ? 37  SER A CB  1 
ATOM   266  O  OG  . SER A 1 37  ? -6.443  12.028  1.884   1.00 33.06 ? 37  SER A OG  1 
ATOM   267  N  N   . GLN A 1 38  ? -5.976  15.005  -1.282  1.00 34.30 ? 38  GLN A N   1 
ATOM   268  C  CA  . GLN A 1 38  ? -6.369  15.938  -2.332  1.00 34.54 ? 38  GLN A CA  1 
ATOM   269  C  C   . GLN A 1 38  ? -5.555  15.728  -3.604  1.00 32.55 ? 38  GLN A C   1 
ATOM   270  O  O   . GLN A 1 38  ? -6.102  15.745  -4.708  1.00 32.21 ? 38  GLN A O   1 
ATOM   271  C  CB  . GLN A 1 38  ? -6.235  17.381  -1.841  1.00 38.49 ? 38  GLN A CB  1 
ATOM   272  C  CG  . GLN A 1 38  ? -6.993  17.659  -0.549  1.00 39.52 ? 38  GLN A CG  1 
ATOM   273  C  CD  . GLN A 1 38  ? -8.485  17.397  -0.678  1.00 45.72 ? 38  GLN A CD  1 
ATOM   274  O  OE1 . GLN A 1 38  ? -9.150  17.943  -1.564  1.00 46.15 ? 38  GLN A OE1 1 
ATOM   275  N  NE2 . GLN A 1 38  ? -9.021  16.565  0.211   1.00 41.26 ? 38  GLN A NE2 1 
ATOM   276  N  N   . LYS A 1 39  ? -4.249  15.532  -3.445  1.00 30.02 ? 39  LYS A N   1 
ATOM   277  C  CA  . LYS A 1 39  ? -3.387  15.246  -4.585  1.00 30.95 ? 39  LYS A CA  1 
ATOM   278  C  C   . LYS A 1 39  ? -3.835  13.972  -5.301  1.00 31.07 ? 39  LYS A C   1 
ATOM   279  O  O   . LYS A 1 39  ? -3.780  13.895  -6.529  1.00 33.01 ? 39  LYS A O   1 
ATOM   280  C  CB  . LYS A 1 39  ? -1.921  15.147  -4.154  1.00 30.49 ? 39  LYS A CB  1 
ATOM   281  C  CG  . LYS A 1 39  ? -1.272  16.504  -3.891  1.00 33.13 ? 39  LYS A CG  1 
ATOM   282  C  CD  . LYS A 1 39  ? 0.044   16.371  -3.139  1.00 34.77 ? 39  LYS A CD  1 
ATOM   283  C  CE  . LYS A 1 39  ? 1.173   15.885  -4.036  1.00 36.87 ? 39  LYS A CE  1 
ATOM   284  N  NZ  . LYS A 1 39  ? 1.730   16.976  -4.886  1.00 42.68 ? 39  LYS A NZ  1 
ATOM   285  N  N   . VAL A 1 40  ? -4.290  12.985  -4.529  1.00 29.25 ? 40  VAL A N   1 
ATOM   286  C  CA  . VAL A 1 40  ? -4.812  11.742  -5.087  1.00 26.37 ? 40  VAL A CA  1 
ATOM   287  C  C   . VAL A 1 40  ? -6.104  11.996  -5.847  1.00 27.78 ? 40  VAL A C   1 
ATOM   288  O  O   . VAL A 1 40  ? -6.242  11.603  -7.002  1.00 28.86 ? 40  VAL A O   1 
ATOM   289  C  CB  . VAL A 1 40  ? -5.094  10.694  -3.988  1.00 25.95 ? 40  VAL A CB  1 
ATOM   290  C  CG1 . VAL A 1 40  ? -5.871  9.522   -4.555  1.00 22.49 ? 40  VAL A CG1 1 
ATOM   291  C  CG2 . VAL A 1 40  ? -3.803  10.216  -3.358  1.00 26.60 ? 40  VAL A CG2 1 
ATOM   292  N  N   . ILE A 1 41  ? -7.051  12.660  -5.195  1.00 27.33 ? 41  ILE A N   1 
ATOM   293  C  CA  . ILE A 1 41  ? -8.365  12.893  -5.787  1.00 28.12 ? 41  ILE A CA  1 
ATOM   294  C  C   . ILE A 1 41  ? -8.280  13.603  -7.143  1.00 28.77 ? 41  ILE A C   1 
ATOM   295  O  O   . ILE A 1 41  ? -9.137  13.418  -8.008  1.00 30.10 ? 41  ILE A O   1 
ATOM   296  C  CB  . ILE A 1 41  ? -9.272  13.705  -4.835  1.00 28.37 ? 41  ILE A CB  1 
ATOM   297  C  CG1 . ILE A 1 41  ? -9.166  13.168  -3.409  1.00 28.72 ? 41  ILE A CG1 1 
ATOM   298  C  CG2 . ILE A 1 41  ? -10.717 13.670  -5.305  1.00 28.23 ? 41  ILE A CG2 1 
ATOM   299  C  CD1 . ILE A 1 41  ? -9.567  11.727  -3.266  1.00 26.15 ? 41  ILE A CD1 1 
ATOM   300  N  N   . ALA A 1 42  ? -7.240  14.409  -7.327  1.00 29.47 ? 42  ALA A N   1 
ATOM   301  C  CA  . ALA A 1 42  ? -7.077  15.177  -8.556  1.00 27.80 ? 42  ALA A CA  1 
ATOM   302  C  C   . ALA A 1 42  ? -6.133  14.486  -9.528  1.00 27.91 ? 42  ALA A C   1 
ATOM   303  O  O   . ALA A 1 42  ? -5.794  15.041  -10.573 1.00 27.47 ? 42  ALA A O   1 
ATOM   304  C  CB  . ALA A 1 42  ? -6.573  16.573  -8.242  1.00 26.85 ? 42  ALA A CB  1 
ATOM   305  N  N   . HIS A 1 43  ? -5.717  13.273  -9.182  1.00 26.87 ? 43  HIS A N   1 
ATOM   306  C  CA  . HIS A 1 43  ? -4.730  12.544  -9.972  1.00 26.46 ? 43  HIS A CA  1 
ATOM   307  C  C   . HIS A 1 43  ? -5.371  11.855  -11.176 1.00 26.75 ? 43  HIS A C   1 
ATOM   308  O  O   . HIS A 1 43  ? -6.450  11.272  -11.063 1.00 26.96 ? 43  HIS A O   1 
ATOM   309  C  CB  . HIS A 1 43  ? -4.016  11.523  -9.086  1.00 25.50 ? 43  HIS A CB  1 
ATOM   310  C  CG  . HIS A 1 43  ? -2.733  11.014  -9.658  1.00 23.66 ? 43  HIS A CG  1 
ATOM   311  N  ND1 . HIS A 1 43  ? -2.684  10.019  -10.608 1.00 24.06 ? 43  HIS A ND1 1 
ATOM   312  C  CD2 . HIS A 1 43  ? -1.448  11.356  -9.404  1.00 23.58 ? 43  HIS A CD2 1 
ATOM   313  C  CE1 . HIS A 1 43  ? -1.426  9.772   -10.921 1.00 23.88 ? 43  HIS A CE1 1 
ATOM   314  N  NE2 . HIS A 1 43  ? -0.655  10.570  -10.205 1.00 23.57 ? 43  HIS A NE2 1 
ATOM   315  N  N   . SER A 1 44  ? -4.706  11.925  -12.326 1.00 25.57 ? 44  SER A N   1 
ATOM   316  C  CA  . SER A 1 44  ? -5.247  11.364  -13.563 1.00 25.44 ? 44  SER A CA  1 
ATOM   317  C  C   . SER A 1 44  ? -5.539  9.879   -13.436 1.00 26.34 ? 44  SER A C   1 
ATOM   318  O  O   . SER A 1 44  ? -6.596  9.410   -13.848 1.00 27.29 ? 44  SER A O   1 
ATOM   319  C  CB  . SER A 1 44  ? -4.282  11.581  -14.729 1.00 27.09 ? 44  SER A CB  1 
ATOM   320  O  OG  . SER A 1 44  ? -4.129  12.953  -15.028 1.00 33.87 ? 44  SER A OG  1 
ATOM   321  N  N   . GLU A 1 45  ? -4.590  9.140   -12.873 1.00 26.07 ? 45  GLU A N   1 
ATOM   322  C  CA  . GLU A 1 45  ? -4.702  7.689   -12.778 1.00 26.46 ? 45  GLU A CA  1 
ATOM   323  C  C   . GLU A 1 45  ? -5.683  7.232   -11.698 1.00 28.27 ? 45  GLU A C   1 
ATOM   324  O  O   . GLU A 1 45  ? -6.203  6.115   -11.758 1.00 27.62 ? 45  GLU A O   1 
ATOM   325  C  CB  . GLU A 1 45  ? -3.329  7.060   -12.561 1.00 26.00 ? 45  GLU A CB  1 
ATOM   326  C  CG  . GLU A 1 45  ? -2.360  7.332   -13.700 1.00 28.39 ? 45  GLU A CG  1 
ATOM   327  C  CD  . GLU A 1 45  ? -2.857  6.802   -15.036 1.00 30.29 ? 45  GLU A CD  1 
ATOM   328  O  OE1 . GLU A 1 45  ? -3.528  5.743   -15.059 1.00 27.68 ? 45  GLU A OE1 1 
ATOM   329  O  OE2 . GLU A 1 45  ? -2.567  7.448   -16.066 1.00 31.98 ? 45  GLU A OE2 1 
ATOM   330  N  N   . TYR A 1 46  ? -5.937  8.082   -10.709 1.00 25.81 ? 46  TYR A N   1 
ATOM   331  C  CA  . TYR A 1 46  ? -6.990  7.778   -9.755  1.00 25.65 ? 46  TYR A CA  1 
ATOM   332  C  C   . TYR A 1 46  ? -8.341  8.052   -10.408 1.00 26.51 ? 46  TYR A C   1 
ATOM   333  O  O   . TYR A 1 46  ? -9.235  7.208   -10.386 1.00 28.69 ? 46  TYR A O   1 
ATOM   334  C  CB  . TYR A 1 46  ? -6.841  8.578   -8.458  1.00 24.85 ? 46  TYR A CB  1 
ATOM   335  C  CG  . TYR A 1 46  ? -8.017  8.386   -7.528  1.00 24.11 ? 46  TYR A CG  1 
ATOM   336  C  CD1 . TYR A 1 46  ? -8.157  7.220   -6.787  1.00 22.68 ? 46  TYR A CD1 1 
ATOM   337  C  CD2 . TYR A 1 46  ? -9.002  9.356   -7.414  1.00 24.61 ? 46  TYR A CD2 1 
ATOM   338  C  CE1 . TYR A 1 46  ? -9.238  7.034   -5.944  1.00 23.01 ? 46  TYR A CE1 1 
ATOM   339  C  CE2 . TYR A 1 46  ? -10.089 9.179   -6.576  1.00 24.75 ? 46  TYR A CE2 1 
ATOM   340  C  CZ  . TYR A 1 46  ? -10.201 8.016   -5.845  1.00 24.94 ? 46  TYR A CZ  1 
ATOM   341  O  OH  . TYR A 1 46  ? -11.281 7.836   -5.014  1.00 25.90 ? 46  TYR A OH  1 
ATOM   342  N  N   . GLN A 1 47  ? -8.478  9.230   -11.004 1.00 26.07 ? 47  GLN A N   1 
ATOM   343  C  CA  . GLN A 1 47  ? -9.708  9.593   -11.697 1.00 26.45 ? 47  GLN A CA  1 
ATOM   344  C  C   . GLN A 1 47  ? -10.112 8.538   -12.728 1.00 25.42 ? 47  GLN A C   1 
ATOM   345  O  O   . GLN A 1 47  ? -11.258 8.092   -12.750 1.00 26.29 ? 47  GLN A O   1 
ATOM   346  C  CB  . GLN A 1 47  ? -9.562  10.964  -12.363 1.00 25.64 ? 47  GLN A CB  1 
ATOM   347  C  CG  . GLN A 1 47  ? -9.514  12.131  -11.390 1.00 26.43 ? 47  GLN A CG  1 
ATOM   348  C  CD  . GLN A 1 47  ? -9.281  13.469  -12.084 1.00 33.77 ? 47  GLN A CD  1 
ATOM   349  O  OE1 . GLN A 1 47  ? -8.933  13.521  -13.267 1.00 31.46 ? 47  GLN A OE1 1 
ATOM   350  N  NE2 . GLN A 1 47  ? -9.468  14.559  -11.344 1.00 34.53 ? 47  GLN A NE2 1 
ATOM   351  N  N   . LYS A 1 48  ? -9.163  8.132   -13.566 1.00 26.10 ? 48  LYS A N   1 
ATOM   352  C  CA  . LYS A 1 48  ? -9.438  7.201   -14.661 1.00 26.14 ? 48  LYS A CA  1 
ATOM   353  C  C   . LYS A 1 48  ? -9.719  5.762   -14.219 1.00 25.49 ? 48  LYS A C   1 
ATOM   354  O  O   . LYS A 1 48  ? -10.518 5.064   -14.841 1.00 24.71 ? 48  LYS A O   1 
ATOM   355  C  CB  . LYS A 1 48  ? -8.281  7.203   -15.668 1.00 27.77 ? 48  LYS A CB  1 
ATOM   356  C  CG  . LYS A 1 48  ? -8.009  8.555   -16.329 1.00 28.56 ? 48  LYS A CG  1 
ATOM   357  C  CD  . LYS A 1 48  ? -6.760  8.480   -17.200 1.00 29.82 ? 48  LYS A CD  1 
ATOM   358  C  CE  . LYS A 1 48  ? -6.221  9.862   -17.552 1.00 32.59 ? 48  LYS A CE  1 
ATOM   359  N  NZ  . LYS A 1 48  ? -6.883  10.473  -18.740 1.00 31.62 ? 48  LYS A NZ  1 
ATOM   360  N  N   . SER A 1 49  ? -9.064  5.322   -13.149 1.00 28.23 ? 49  SER A N   1 
ATOM   361  C  CA  . SER A 1 49  ? -9.118  3.918   -12.739 1.00 25.85 ? 49  SER A CA  1 
ATOM   362  C  C   . SER A 1 49  ? -10.445 3.523   -12.092 1.00 25.12 ? 49  SER A C   1 
ATOM   363  O  O   . SER A 1 49  ? -11.112 4.341   -11.462 1.00 24.87 ? 49  SER A O   1 
ATOM   364  C  CB  . SER A 1 49  ? -7.953  3.585   -11.807 1.00 25.39 ? 49  SER A CB  1 
ATOM   365  O  OG  . SER A 1 49  ? -8.170  4.135   -10.520 1.00 29.80 ? 49  SER A OG  1 
ATOM   366  N  N   . LYS A 1 50  ? -10.809 2.252   -12.239 1.00 26.02 ? 50  LYS A N   1 
ATOM   367  C  CA  . LYS A 1 50  ? -12.114 1.770   -11.804 1.00 25.47 ? 50  LYS A CA  1 
ATOM   368  C  C   . LYS A 1 50  ? -12.011 0.686   -10.737 1.00 26.19 ? 50  LYS A C   1 
ATOM   369  O  O   . LYS A 1 50  ? -12.751 0.708   -9.751  1.00 27.93 ? 50  LYS A O   1 
ATOM   370  C  CB  . LYS A 1 50  ? -12.913 1.272   -13.007 1.00 27.08 ? 50  LYS A CB  1 
ATOM   371  C  CG  . LYS A 1 50  ? -13.056 2.331   -14.093 1.00 30.33 ? 50  LYS A CG  1 
ATOM   372  C  CD  . LYS A 1 50  ? -13.285 1.720   -15.465 1.00 31.55 ? 50  LYS A CD  1 
ATOM   373  C  CE  . LYS A 1 50  ? -13.287 2.790   -16.553 1.00 31.17 ? 50  LYS A CE  1 
ATOM   374  N  NZ  . LYS A 1 50  ? -11.950 3.428   -16.702 1.00 29.65 ? 50  LYS A NZ  1 
ATOM   375  N  N   . ARG A 1 51  ? -11.102 -0.266  -10.933 1.00 25.30 ? 51  ARG A N   1 
ATOM   376  C  CA  . ARG A 1 51  ? -10.862 -1.298  -9.925  1.00 24.33 ? 51  ARG A CA  1 
ATOM   377  C  C   . ARG A 1 51  ? -9.597  -0.966  -9.148  1.00 22.50 ? 51  ARG A C   1 
ATOM   378  O  O   . ARG A 1 51  ? -8.498  -1.008  -9.695  1.00 20.89 ? 51  ARG A O   1 
ATOM   379  C  CB  . ARG A 1 51  ? -10.756 -2.677  -10.568 1.00 22.69 ? 51  ARG A CB  1 
ATOM   380  C  CG  . ARG A 1 51  ? -11.981 -3.069  -11.369 1.00 22.22 ? 51  ARG A CG  1 
ATOM   381  C  CD  . ARG A 1 51  ? -11.713 -4.285  -12.235 1.00 21.11 ? 51  ARG A CD  1 
ATOM   382  N  NE  . ARG A 1 51  ? -11.270 -5.420  -11.436 1.00 20.79 ? 51  ARG A NE  1 
ATOM   383  C  CZ  . ARG A 1 51  ? -12.092 -6.232  -10.784 1.00 21.81 ? 51  ARG A CZ  1 
ATOM   384  N  NH1 . ARG A 1 51  ? -13.401 -6.034  -10.841 1.00 23.57 ? 51  ARG A NH1 1 
ATOM   385  N  NH2 . ARG A 1 51  ? -11.606 -7.238  -10.074 1.00 23.57 ? 51  ARG A NH2 1 
ATOM   386  N  N   . ILE A 1 52  ? -9.769  -0.634  -7.871  1.00 23.08 ? 52  ILE A N   1 
ATOM   387  C  CA  . ILE A 1 52  ? -8.690  -0.091  -7.054  1.00 21.30 ? 52  ILE A CA  1 
ATOM   388  C  C   . ILE A 1 52  ? -8.333  -0.972  -5.865  1.00 21.84 ? 52  ILE A C   1 
ATOM   389  O  O   . ILE A 1 52  ? -9.209  -1.496  -5.186  1.00 22.90 ? 52  ILE A O   1 
ATOM   390  C  CB  . ILE A 1 52  ? -9.058  1.309   -6.517  1.00 22.04 ? 52  ILE A CB  1 
ATOM   391  C  CG1 . ILE A 1 52  ? -8.888  2.366   -7.611  1.00 23.19 ? 52  ILE A CG1 1 
ATOM   392  C  CG2 . ILE A 1 52  ? -8.210  1.665   -5.307  1.00 21.33 ? 52  ILE A CG2 1 
ATOM   393  C  CD1 . ILE A 1 52  ? -9.067  3.775   -7.124  1.00 22.40 ? 52  ILE A CD1 1 
ATOM   394  N  N   . SER A 1 53  ? -7.036  -1.128  -5.624  1.00 22.07 ? 53  SER A N   1 
ATOM   395  C  CA  . SER A 1 53  ? -6.547  -1.741  -4.397  1.00 21.46 ? 53  SER A CA  1 
ATOM   396  C  C   . SER A 1 53  ? -5.963  -0.665  -3.489  1.00 20.88 ? 53  SER A C   1 
ATOM   397  O  O   . SER A 1 53  ? -5.134  0.132   -3.924  1.00 21.09 ? 53  SER A O   1 
ATOM   398  C  CB  . SER A 1 53  ? -5.479  -2.788  -4.705  1.00 21.06 ? 53  SER A CB  1 
ATOM   399  O  OG  . SER A 1 53  ? -4.771  -3.145  -3.527  1.00 19.44 ? 53  SER A OG  1 
ATOM   400  N  N   . ILE A 1 54  ? -6.397  -0.644  -2.232  1.00 20.85 ? 54  ILE A N   1 
ATOM   401  C  CA  . ILE A 1 54  ? -5.928  0.350   -1.271  1.00 19.77 ? 54  ILE A CA  1 
ATOM   402  C  C   . ILE A 1 54  ? -5.789  -0.266  0.121   1.00 21.82 ? 54  ILE A C   1 
ATOM   403  O  O   . ILE A 1 54  ? -6.538  -1.174  0.483   1.00 22.90 ? 54  ILE A O   1 
ATOM   404  C  CB  . ILE A 1 54  ? -6.876  1.560   -1.213  1.00 19.82 ? 54  ILE A CB  1 
ATOM   405  C  CG1 . ILE A 1 54  ? -6.223  2.722   -0.460  1.00 19.73 ? 54  ILE A CG1 1 
ATOM   406  C  CG2 . ILE A 1 54  ? -8.206  1.167   -0.588  1.00 18.40 ? 54  ILE A CG2 1 
ATOM   407  C  CD1 . ILE A 1 54  ? -7.109  3.931   -0.317  1.00 19.82 ? 54  ILE A CD1 1 
ATOM   408  N  N   . PHE A 1 55  ? -4.831  0.229   0.899   1.00 21.69 ? 55  PHE A N   1 
ATOM   409  C  CA  . PHE A 1 55  ? -4.516  -0.361  2.198   1.00 20.74 ? 55  PHE A CA  1 
ATOM   410  C  C   . PHE A 1 55  ? -5.163  0.392   3.345   1.00 21.68 ? 55  PHE A C   1 
ATOM   411  O  O   . PHE A 1 55  ? -5.560  1.548   3.197   1.00 19.71 ? 55  PHE A O   1 
ATOM   412  C  CB  . PHE A 1 55  ? -3.002  -0.410  2.418   1.00 21.62 ? 55  PHE A CB  1 
ATOM   413  C  CG  . PHE A 1 55  ? -2.338  0.935   2.357   1.00 22.66 ? 55  PHE A CG  1 
ATOM   414  C  CD1 . PHE A 1 55  ? -2.178  1.697   3.501   1.00 23.78 ? 55  PHE A CD1 1 
ATOM   415  C  CD2 . PHE A 1 55  ? -1.872  1.439   1.155   1.00 22.08 ? 55  PHE A CD2 1 
ATOM   416  C  CE1 . PHE A 1 55  ? -1.568  2.932   3.444   1.00 22.77 ? 55  PHE A CE1 1 
ATOM   417  C  CE2 . PHE A 1 55  ? -1.259  2.674   1.096   1.00 20.74 ? 55  PHE A CE2 1 
ATOM   418  C  CZ  . PHE A 1 55  ? -1.109  3.421   2.239   1.00 20.73 ? 55  PHE A CZ  1 
ATOM   419  N  N   . LEU A 1 56  ? -5.258  -0.277  4.490   1.00 21.93 ? 56  LEU A N   1 
ATOM   420  C  CA  . LEU A 1 56  ? -5.796  0.330   5.698   1.00 21.68 ? 56  LEU A CA  1 
ATOM   421  C  C   . LEU A 1 56  ? -4.653  0.797   6.593   1.00 24.46 ? 56  LEU A C   1 
ATOM   422  O  O   . LEU A 1 56  ? -3.855  -0.003  7.079   1.00 24.32 ? 56  LEU A O   1 
ATOM   423  C  CB  . LEU A 1 56  ? -6.702  -0.653  6.432   1.00 22.93 ? 56  LEU A CB  1 
ATOM   424  C  CG  . LEU A 1 56  ? -7.850  -1.226  5.599   1.00 21.75 ? 56  LEU A CG  1 
ATOM   425  C  CD1 . LEU A 1 56  ? -8.644  -2.229  6.411   1.00 21.70 ? 56  LEU A CD1 1 
ATOM   426  C  CD2 . LEU A 1 56  ? -8.753  -0.113  5.085   1.00 20.85 ? 56  LEU A CD2 1 
ATOM   427  N  N   . SER A 1 57  ? -4.597  2.106   6.806   1.00 27.53 ? 57  SER A N   1 
ATOM   428  C  CA  . SER A 1 57  ? -3.431  2.770   7.376   1.00 27.33 ? 57  SER A CA  1 
ATOM   429  C  C   . SER A 1 57  ? -3.094  2.390   8.814   1.00 28.53 ? 57  SER A C   1 
ATOM   430  O  O   . SER A 1 57  ? -3.943  2.447   9.701   1.00 29.57 ? 57  SER A O   1 
ATOM   431  C  CB  . SER A 1 57  ? -3.605  4.285   7.283   1.00 26.68 ? 57  SER A CB  1 
ATOM   432  O  OG  . SER A 1 57  ? -4.085  4.650   6.006   1.00 26.76 ? 57  SER A OG  1 
ATOM   433  N  N   . MET A 1 58  ? -1.839  2.012   9.028   1.00 28.27 ? 58  MET A N   1 
ATOM   434  C  CA  . MET A 1 58  ? -1.286  1.914   10.365  1.00 27.80 ? 58  MET A CA  1 
ATOM   435  C  C   . MET A 1 58  ? -0.783  3.297   10.726  1.00 30.41 ? 58  MET A C   1 
ATOM   436  O  O   . MET A 1 58  ? -0.744  4.185   9.879   1.00 31.26 ? 58  MET A O   1 
ATOM   437  C  CB  . MET A 1 58  ? -0.126  0.929   10.396  1.00 28.15 ? 58  MET A CB  1 
ATOM   438  C  CG  . MET A 1 58  ? -0.427  -0.396  9.744   1.00 28.00 ? 58  MET A CG  1 
ATOM   439  S  SD  . MET A 1 58  ? 0.914   -1.553  10.017  1.00 33.58 ? 58  MET A SD  1 
ATOM   440  C  CE  . MET A 1 58  ? 0.481   -2.863  8.877   1.00 35.40 ? 58  MET A CE  1 
ATOM   441  N  N   . GLN A 1 59  ? -0.378  3.479   11.973  1.00 32.11 ? 59  GLN A N   1 
ATOM   442  C  CA  . GLN A 1 59  ? -0.027  4.805   12.464  1.00 32.36 ? 59  GLN A CA  1 
ATOM   443  C  C   . GLN A 1 59  ? 1.223   5.400   11.811  1.00 34.30 ? 59  GLN A C   1 
ATOM   444  O  O   . GLN A 1 59  ? 1.376   6.622   11.756  1.00 37.23 ? 59  GLN A O   1 
ATOM   445  C  CB  . GLN A 1 59  ? 0.097   4.791   13.988  1.00 35.55 ? 59  GLN A CB  1 
ATOM   446  C  CG  . GLN A 1 59  ? -1.082  4.123   14.682  1.00 37.65 ? 59  GLN A CG  1 
ATOM   447  C  CD  . GLN A 1 59  ? -2.425  4.586   14.133  1.00 42.01 ? 59  GLN A CD  1 
ATOM   448  O  OE1 . GLN A 1 59  ? -2.555  5.708   13.637  1.00 43.13 ? 59  GLN A OE1 1 
ATOM   449  N  NE2 . GLN A 1 59  ? -3.433  3.721   14.222  1.00 42.59 ? 59  GLN A NE2 1 
ATOM   450  N  N   . ASP A 1 60  ? 2.116   4.549   11.317  1.00 32.04 ? 60  ASP A N   1 
ATOM   451  C  CA  . ASP A 1 60  ? 3.296   5.038   10.613  1.00 30.50 ? 60  ASP A CA  1 
ATOM   452  C  C   . ASP A 1 60  ? 3.051   5.064   9.110   1.00 29.93 ? 60  ASP A C   1 
ATOM   453  O  O   . ASP A 1 60  ? 3.957   4.807   8.314   1.00 31.15 ? 60  ASP A O   1 
ATOM   454  C  CB  . ASP A 1 60  ? 4.528   4.192   10.940  1.00 30.77 ? 60  ASP A CB  1 
ATOM   455  C  CG  . ASP A 1 60  ? 4.366   2.739   10.537  1.00 33.38 ? 60  ASP A CG  1 
ATOM   456  O  OD1 . ASP A 1 60  ? 3.215   2.301   10.322  1.00 31.61 ? 60  ASP A OD1 1 
ATOM   457  O  OD2 . ASP A 1 60  ? 5.392   2.032   10.440  1.00 36.70 ? 60  ASP A OD2 1 
ATOM   458  N  N   . GLU A 1 61  ? 1.818   5.377   8.728   1.00 28.04 ? 61  GLU A N   1 
ATOM   459  C  CA  . GLU A 1 61  ? 1.434   5.395   7.323   1.00 27.85 ? 61  GLU A CA  1 
ATOM   460  C  C   . GLU A 1 61  ? 0.399   6.467   7.024   1.00 30.41 ? 61  GLU A C   1 
ATOM   461  O  O   . GLU A 1 61  ? -0.502  6.716   7.823   1.00 32.39 ? 61  GLU A O   1 
ATOM   462  C  CB  . GLU A 1 61  ? 0.848   4.051   6.922   1.00 26.28 ? 61  GLU A CB  1 
ATOM   463  C  CG  . GLU A 1 61  ? 1.845   2.951   6.703   1.00 28.43 ? 61  GLU A CG  1 
ATOM   464  C  CD  . GLU A 1 61  ? 1.142   1.676   6.346   1.00 27.75 ? 61  GLU A CD  1 
ATOM   465  O  OE1 . GLU A 1 61  ? -0.068  1.603   6.637   1.00 25.47 ? 61  GLU A OE1 1 
ATOM   466  O  OE2 . GLU A 1 61  ? 1.778   0.765   5.774   1.00 29.19 ? 61  GLU A OE2 1 
ATOM   467  N  N   . ILE A 1 62  ? 0.530   7.090   5.861   1.00 28.52 ? 62  ILE A N   1 
ATOM   468  C  CA  . ILE A 1 62  ? -0.476  8.024   5.382   1.00 28.00 ? 62  ILE A CA  1 
ATOM   469  C  C   . ILE A 1 62  ? -1.865  7.439   5.619   1.00 28.80 ? 62  ILE A C   1 
ATOM   470  O  O   . ILE A 1 62  ? -2.086  6.248   5.394   1.00 25.94 ? 62  ILE A O   1 
ATOM   471  C  CB  . ILE A 1 62  ? -0.288  8.314   3.880   1.00 26.82 ? 62  ILE A CB  1 
ATOM   472  C  CG1 . ILE A 1 62  ? 0.882   9.278   3.664   1.00 26.16 ? 62  ILE A CG1 1 
ATOM   473  C  CG2 . ILE A 1 62  ? -1.563  8.878   3.277   1.00 26.46 ? 62  ILE A CG2 1 
ATOM   474  C  CD1 . ILE A 1 62  ? 0.593   10.692  4.090   1.00 25.20 ? 62  ILE A CD1 1 
ATOM   475  N  N   . GLU A 1 63  ? -2.790  8.273   6.091   1.00 31.40 ? 63  GLU A N   1 
ATOM   476  C  CA  . GLU A 1 63  ? -4.159  7.828   6.356   1.00 30.04 ? 63  GLU A CA  1 
ATOM   477  C  C   . GLU A 1 63  ? -5.009  7.864   5.090   1.00 28.57 ? 63  GLU A C   1 
ATOM   478  O  O   . GLU A 1 63  ? -5.258  8.932   4.528   1.00 31.19 ? 63  GLU A O   1 
ATOM   479  C  CB  . GLU A 1 63  ? -4.810  8.672   7.453   1.00 27.81 ? 63  GLU A CB  1 
ATOM   480  C  CG  . GLU A 1 63  ? -6.270  8.321   7.713   1.00 30.04 ? 63  GLU A CG  1 
ATOM   481  C  CD  . GLU A 1 63  ? -6.457  6.933   8.318   1.00 32.07 ? 63  GLU A CD  1 
ATOM   482  O  OE1 . GLU A 1 63  ? -6.207  6.765   9.535   1.00 29.58 ? 63  GLU A OE1 1 
ATOM   483  O  OE2 . GLU A 1 63  ? -6.878  6.015   7.577   1.00 32.09 ? 63  GLU A OE2 1 
ATOM   484  N  N   . THR A 1 64  ? -5.453  6.692   4.647   1.00 26.69 ? 64  THR A N   1 
ATOM   485  C  CA  . THR A 1 64  ? -6.210  6.579   3.407   1.00 25.83 ? 64  THR A CA  1 
ATOM   486  C  C   . THR A 1 64  ? -7.720  6.611   3.627   1.00 25.85 ? 64  THR A C   1 
ATOM   487  O  O   . THR A 1 64  ? -8.486  6.415   2.689   1.00 25.47 ? 64  THR A O   1 
ATOM   488  C  CB  . THR A 1 64  ? -5.850  5.288   2.655   1.00 23.41 ? 64  THR A CB  1 
ATOM   489  O  OG1 . THR A 1 64  ? -6.233  4.152   3.438   1.00 23.52 ? 64  THR A OG1 1 
ATOM   490  C  CG2 . THR A 1 64  ? -4.360  5.230   2.385   1.00 22.26 ? 64  THR A CG2 1 
ATOM   491  N  N   . GLU A 1 65  ? -8.140  6.855   4.864   1.00 27.73 ? 65  GLU A N   1 
ATOM   492  C  CA  . GLU A 1 65  ? -9.561  6.879   5.203   1.00 27.62 ? 65  GLU A CA  1 
ATOM   493  C  C   . GLU A 1 65  ? -10.343 7.786   4.265   1.00 30.87 ? 65  GLU A C   1 
ATOM   494  O  O   . GLU A 1 65  ? -11.373 7.396   3.715   1.00 30.48 ? 65  GLU A O   1 
ATOM   495  C  CB  . GLU A 1 65  ? -9.760  7.349   6.644   1.00 29.38 ? 65  GLU A CB  1 
ATOM   496  C  CG  . GLU A 1 65  ? -11.209 7.637   7.009   1.00 33.51 ? 65  GLU A CG  1 
ATOM   497  C  CD  . GLU A 1 65  ? -11.354 8.306   8.371   1.00 42.85 ? 65  GLU A CD  1 
ATOM   498  O  OE1 . GLU A 1 65  ? -11.197 7.623   9.413   1.00 37.75 ? 65  GLU A OE1 1 
ATOM   499  O  OE2 . GLU A 1 65  ? -11.639 9.523   8.394   1.00 46.78 ? 65  GLU A OE2 1 
ATOM   500  N  N   . GLU A 1 66  ? -9.845  9.002   4.093   1.00 29.68 ? 66  GLU A N   1 
ATOM   501  C  CA  . GLU A 1 66  ? -10.503 9.985   3.251   1.00 28.94 ? 66  GLU A CA  1 
ATOM   502  C  C   . GLU A 1 66  ? -10.574 9.498   1.805   1.00 29.19 ? 66  GLU A C   1 
ATOM   503  O  O   . GLU A 1 66  ? -11.603 9.627   1.144   1.00 29.70 ? 66  GLU A O   1 
ATOM   504  C  CB  . GLU A 1 66  ? -9.752  11.312  3.335   1.00 34.79 ? 66  GLU A CB  1 
ATOM   505  C  CG  . GLU A 1 66  ? -10.427 12.479  2.646   1.00 36.80 ? 66  GLU A CG  1 
ATOM   506  C  CD  . GLU A 1 66  ? -9.750  13.795  2.970   1.00 40.71 ? 66  GLU A CD  1 
ATOM   507  O  OE1 . GLU A 1 66  ? -9.346  13.985  4.137   1.00 41.08 ? 66  GLU A OE1 1 
ATOM   508  O  OE2 . GLU A 1 66  ? -9.620  14.639  2.058   1.00 45.35 ? 66  GLU A OE2 1 
ATOM   509  N  N   . ILE A 1 67  ? -9.474  8.930   1.321   1.00 28.50 ? 67  ILE A N   1 
ATOM   510  C  CA  . ILE A 1 67  ? -9.404  8.438   -0.048  1.00 26.25 ? 67  ILE A CA  1 
ATOM   511  C  C   . ILE A 1 67  ? -10.418 7.327   -0.283  1.00 26.72 ? 67  ILE A C   1 
ATOM   512  O  O   . ILE A 1 67  ? -11.082 7.285   -1.319  1.00 25.70 ? 67  ILE A O   1 
ATOM   513  C  CB  . ILE A 1 67  ? -7.996  7.918   -0.378  1.00 25.47 ? 67  ILE A CB  1 
ATOM   514  C  CG1 . ILE A 1 67  ? -6.998  9.077   -0.378  1.00 24.53 ? 67  ILE A CG1 1 
ATOM   515  C  CG2 . ILE A 1 67  ? -7.992  7.196   -1.720  1.00 23.94 ? 67  ILE A CG2 1 
ATOM   516  C  CD1 . ILE A 1 67  ? -5.579  8.652   -0.632  1.00 24.67 ? 67  ILE A CD1 1 
ATOM   517  N  N   . ILE A 1 68  ? -10.534 6.432   0.691   1.00 26.81 ? 68  ILE A N   1 
ATOM   518  C  CA  . ILE A 1 68  ? -11.480 5.326   0.619   1.00 24.49 ? 68  ILE A CA  1 
ATOM   519  C  C   . ILE A 1 68  ? -12.907 5.843   0.482   1.00 25.98 ? 68  ILE A C   1 
ATOM   520  O  O   . ILE A 1 68  ? -13.697 5.307   -0.290  1.00 28.59 ? 68  ILE A O   1 
ATOM   521  C  CB  . ILE A 1 68  ? -11.354 4.395   1.847   1.00 24.13 ? 68  ILE A CB  1 
ATOM   522  C  CG1 . ILE A 1 68  ? -10.011 3.662   1.814   1.00 24.41 ? 68  ILE A CG1 1 
ATOM   523  C  CG2 . ILE A 1 68  ? -12.490 3.394   1.887   1.00 23.77 ? 68  ILE A CG2 1 
ATOM   524  C  CD1 . ILE A 1 68  ? -9.681  2.906   3.078   1.00 21.80 ? 68  ILE A CD1 1 
ATOM   525  N  N   . LYS A 1 69  ? -13.234 6.896   1.220   1.00 26.56 ? 69  LYS A N   1 
ATOM   526  C  CA  . LYS A 1 69  ? -14.570 7.473   1.152   1.00 26.13 ? 69  LYS A CA  1 
ATOM   527  C  C   . LYS A 1 69  ? -14.868 7.993   -0.246  1.00 27.85 ? 69  LYS A C   1 
ATOM   528  O  O   . LYS A 1 69  ? -15.974 7.823   -0.754  1.00 29.34 ? 69  LYS A O   1 
ATOM   529  C  CB  . LYS A 1 69  ? -14.727 8.595   2.178   1.00 29.39 ? 69  LYS A CB  1 
ATOM   530  C  CG  . LYS A 1 69  ? -14.455 8.156   3.610   1.00 36.98 ? 69  LYS A CG  1 
ATOM   531  C  CD  . LYS A 1 69  ? -14.990 9.161   4.617   1.00 36.59 ? 69  LYS A CD  1 
ATOM   532  C  CE  . LYS A 1 69  ? -15.052 8.558   6.012   1.00 41.14 ? 69  LYS A CE  1 
ATOM   533  N  NZ  . LYS A 1 69  ? -15.838 9.418   6.942   1.00 44.52 ? 69  LYS A NZ  1 
ATOM   534  N  N   . ASP A 1 70  ? -13.877 8.625   -0.868  1.00 29.13 ? 70  ASP A N   1 
ATOM   535  C  CA  . ASP A 1 70  ? -14.040 9.149   -2.222  1.00 27.97 ? 70  ASP A CA  1 
ATOM   536  C  C   . ASP A 1 70  ? -14.072 8.032   -3.259  1.00 27.53 ? 70  ASP A C   1 
ATOM   537  O  O   . ASP A 1 70  ? -14.620 8.199   -4.347  1.00 26.52 ? 70  ASP A O   1 
ATOM   538  C  CB  . ASP A 1 70  ? -12.921 10.130  -2.566  1.00 26.89 ? 70  ASP A CB  1 
ATOM   539  C  CG  . ASP A 1 70  ? -13.157 10.832  -3.889  1.00 29.01 ? 70  ASP A CG  1 
ATOM   540  O  OD1 . ASP A 1 70  ? -13.895 11.840  -3.903  1.00 30.34 ? 70  ASP A OD1 1 
ATOM   541  O  OD2 . ASP A 1 70  ? -12.603 10.381  -4.914  1.00 27.24 ? 70  ASP A OD2 1 
ATOM   542  N  N   . ILE A 1 71  ? -13.472 6.897   -2.919  1.00 28.78 ? 71  ILE A N   1 
ATOM   543  C  CA  . ILE A 1 71  ? -13.472 5.738   -3.800  1.00 27.11 ? 71  ILE A CA  1 
ATOM   544  C  C   . ILE A 1 71  ? -14.895 5.243   -4.010  1.00 27.27 ? 71  ILE A C   1 
ATOM   545  O  O   . ILE A 1 71  ? -15.303 4.955   -5.136  1.00 27.26 ? 71  ILE A O   1 
ATOM   546  C  CB  . ILE A 1 71  ? -12.600 4.590   -3.236  1.00 25.90 ? 71  ILE A CB  1 
ATOM   547  C  CG1 . ILE A 1 71  ? -11.115 4.906   -3.420  1.00 23.72 ? 71  ILE A CG1 1 
ATOM   548  C  CG2 . ILE A 1 71  ? -12.943 3.267   -3.913  1.00 26.17 ? 71  ILE A CG2 1 
ATOM   549  C  CD1 . ILE A 1 71  ? -10.215 3.709   -3.245  1.00 20.96 ? 71  ILE A CD1 1 
ATOM   550  N  N   . PHE A 1 72  ? -15.651 5.157   -2.921  1.00 27.55 ? 72  PHE A N   1 
ATOM   551  C  CA  . PHE A 1 72  ? -17.011 4.630   -2.978  1.00 27.55 ? 72  PHE A CA  1 
ATOM   552  C  C   . PHE A 1 72  ? -18.009 5.622   -3.577  1.00 26.43 ? 72  PHE A C   1 
ATOM   553  O  O   . PHE A 1 72  ? -18.927 5.221   -4.292  1.00 25.62 ? 72  PHE A O   1 
ATOM   554  C  CB  . PHE A 1 72  ? -17.472 4.156   -1.593  1.00 28.17 ? 72  PHE A CB  1 
ATOM   555  C  CG  . PHE A 1 72  ? -16.938 2.802   -1.206  1.00 27.66 ? 72  PHE A CG  1 
ATOM   556  C  CD1 . PHE A 1 72  ? -17.390 1.656   -1.842  1.00 26.76 ? 72  PHE A CD1 1 
ATOM   557  C  CD2 . PHE A 1 72  ? -15.987 2.675   -0.205  1.00 27.70 ? 72  PHE A CD2 1 
ATOM   558  C  CE1 . PHE A 1 72  ? -16.903 0.413   -1.490  1.00 27.48 ? 72  PHE A CE1 1 
ATOM   559  C  CE2 . PHE A 1 72  ? -15.494 1.430   0.153   1.00 27.08 ? 72  PHE A CE2 1 
ATOM   560  C  CZ  . PHE A 1 72  ? -15.952 0.298   -0.490  1.00 27.74 ? 72  PHE A CZ  1 
ATOM   561  N  N   . GLN A 1 73  ? -17.822 6.908   -3.287  1.00 26.78 ? 73  GLN A N   1 
ATOM   562  C  CA  . GLN A 1 73  ? -18.677 7.958   -3.841  1.00 26.67 ? 73  GLN A CA  1 
ATOM   563  C  C   . GLN A 1 73  ? -18.685 7.915   -5.358  1.00 27.10 ? 73  GLN A C   1 
ATOM   564  O  O   . GLN A 1 73  ? -19.665 8.303   -5.993  1.00 29.13 ? 73  GLN A O   1 
ATOM   565  C  CB  . GLN A 1 73  ? -18.193 9.341   -3.409  1.00 27.07 ? 73  GLN A CB  1 
ATOM   566  C  CG  . GLN A 1 73  ? -18.336 9.643   -1.932  1.00 28.67 ? 73  GLN A CG  1 
ATOM   567  C  CD  . GLN A 1 73  ? -17.672 10.948  -1.562  1.00 29.99 ? 73  GLN A CD  1 
ATOM   568  O  OE1 . GLN A 1 73  ? -17.346 11.757  -2.434  1.00 29.24 ? 73  GLN A OE1 1 
ATOM   569  N  NE2 . GLN A 1 73  ? -17.458 11.160  -0.268  1.00 29.61 ? 73  GLN A NE2 1 
ATOM   570  N  N   . ARG A 1 74  ? -17.579 7.452   -5.932  1.00 25.23 ? 74  ARG A N   1 
ATOM   571  C  CA  . ARG A 1 74  ? -17.396 7.463   -7.373  1.00 24.51 ? 74  ARG A CA  1 
ATOM   572  C  C   . ARG A 1 74  ? -17.559 6.079   -7.993  1.00 26.42 ? 74  ARG A C   1 
ATOM   573  O  O   . ARG A 1 74  ? -16.936 5.770   -9.012  1.00 27.49 ? 74  ARG A O   1 
ATOM   574  C  CB  . ARG A 1 74  ? -16.027 8.048   -7.712  1.00 24.93 ? 74  ARG A CB  1 
ATOM   575  C  CG  . ARG A 1 74  ? -15.794 9.396   -7.062  1.00 26.45 ? 74  ARG A CG  1 
ATOM   576  C  CD  . ARG A 1 74  ? -14.656 10.170  -7.699  1.00 25.78 ? 74  ARG A CD  1 
ATOM   577  N  NE  . ARG A 1 74  ? -14.605 11.522  -7.153  1.00 30.96 ? 74  ARG A NE  1 
ATOM   578  C  CZ  . ARG A 1 74  ? -13.597 12.371  -7.320  1.00 32.72 ? 74  ARG A CZ  1 
ATOM   579  N  NH1 . ARG A 1 74  ? -12.531 12.016  -8.028  1.00 32.29 ? 74  ARG A NH1 1 
ATOM   580  N  NH2 . ARG A 1 74  ? -13.655 13.578  -6.770  1.00 29.95 ? 74  ARG A NH2 1 
ATOM   581  N  N   . GLY A 1 75  ? -18.399 5.253   -7.376  1.00 25.93 ? 75  GLY A N   1 
ATOM   582  C  CA  . GLY A 1 75  ? -18.699 3.926   -7.881  1.00 24.61 ? 75  GLY A CA  1 
ATOM   583  C  C   . GLY A 1 75  ? -17.497 3.150   -8.385  1.00 26.77 ? 75  GLY A C   1 
ATOM   584  O  O   . GLY A 1 75  ? -17.554 2.544   -9.460  1.00 26.39 ? 75  GLY A O   1 
ATOM   585  N  N   . LYS A 1 76  ? -16.408 3.178   -7.619  1.00 25.86 ? 76  LYS A N   1 
ATOM   586  C  CA  . LYS A 1 76  ? -15.223 2.381   -7.925  1.00 25.25 ? 76  LYS A CA  1 
ATOM   587  C  C   . LYS A 1 76  ? -15.277 1.057   -7.170  1.00 26.41 ? 76  LYS A C   1 
ATOM   588  O  O   . LYS A 1 76  ? -15.863 0.982   -6.087  1.00 25.75 ? 76  LYS A O   1 
ATOM   589  C  CB  . LYS A 1 76  ? -13.945 3.130   -7.542  1.00 25.64 ? 76  LYS A CB  1 
ATOM   590  C  CG  . LYS A 1 76  ? -13.666 4.378   -8.357  1.00 25.46 ? 76  LYS A CG  1 
ATOM   591  C  CD  . LYS A 1 76  ? -12.209 4.796   -8.233  1.00 23.78 ? 76  LYS A CD  1 
ATOM   592  C  CE  . LYS A 1 76  ? -11.972 6.183   -8.812  1.00 23.35 ? 76  LYS A CE  1 
ATOM   593  N  NZ  . LYS A 1 76  ? -12.445 6.300   -10.217 1.00 24.75 ? 76  LYS A NZ  1 
ATOM   594  N  N   . ILE A 1 77  ? -14.668 0.017   -7.734  1.00 25.43 ? 77  ILE A N   1 
ATOM   595  C  CA  . ILE A 1 77  ? -14.618 -1.286  -7.073  1.00 24.99 ? 77  ILE A CA  1 
ATOM   596  C  C   . ILE A 1 77  ? -13.425 -1.322  -6.127  1.00 25.00 ? 77  ILE A C   1 
ATOM   597  O  O   . ILE A 1 77  ? -12.280 -1.423  -6.567  1.00 25.97 ? 77  ILE A O   1 
ATOM   598  C  CB  . ILE A 1 77  ? -14.491 -2.441  -8.089  1.00 25.82 ? 77  ILE A CB  1 
ATOM   599  C  CG1 . ILE A 1 77  ? -15.327 -2.153  -9.339  1.00 24.97 ? 77  ILE A CG1 1 
ATOM   600  C  CG2 . ILE A 1 77  ? -14.894 -3.764  -7.448  1.00 23.91 ? 77  ILE A CG2 1 
ATOM   601  C  CD1 . ILE A 1 77  ? -16.797 -1.909  -9.057  1.00 25.68 ? 77  ILE A CD1 1 
ATOM   602  N  N   . CYS A 1 78  ? -13.694 -1.234  -4.828  1.00 24.24 ? 78  CYS A N   1 
ATOM   603  C  CA  . CYS A 1 78  ? -12.628 -1.125  -3.838  1.00 24.10 ? 78  CYS A CA  1 
ATOM   604  C  C   . CYS A 1 78  ? -12.113 -2.490  -3.379  1.00 23.97 ? 78  CYS A C   1 
ATOM   605  O  O   . CYS A 1 78  ? -12.897 -3.407  -3.139  1.00 24.10 ? 78  CYS A O   1 
ATOM   606  C  CB  . CYS A 1 78  ? -13.101 -0.304  -2.636  1.00 23.69 ? 78  CYS A CB  1 
ATOM   607  S  SG  . CYS A 1 78  ? -11.818 0.055   -1.418  1.00 21.92 ? 78  CYS A SG  1 
ATOM   608  N  N   . PHE A 1 79  ? -10.792 -2.614  -3.268  1.00 23.56 ? 79  PHE A N   1 
ATOM   609  C  CA  . PHE A 1 79  ? -10.152 -3.837  -2.786  1.00 22.51 ? 79  PHE A CA  1 
ATOM   610  C  C   . PHE A 1 79  ? -9.158  -3.518  -1.677  1.00 20.10 ? 79  PHE A C   1 
ATOM   611  O  O   . PHE A 1 79  ? -8.501  -2.478  -1.703  1.00 18.57 ? 79  PHE A O   1 
ATOM   612  C  CB  . PHE A 1 79  ? -9.422  -4.562  -3.920  1.00 21.88 ? 79  PHE A CB  1 
ATOM   613  C  CG  . PHE A 1 79  ? -10.328 -5.081  -4.999  1.00 22.92 ? 79  PHE A CG  1 
ATOM   614  C  CD1 . PHE A 1 79  ? -10.701 -6.414  -5.027  1.00 22.99 ? 79  PHE A CD1 1 
ATOM   615  C  CD2 . PHE A 1 79  ? -10.799 -4.240  -5.991  1.00 22.47 ? 79  PHE A CD2 1 
ATOM   616  C  CE1 . PHE A 1 79  ? -11.529 -6.895  -6.018  1.00 21.91 ? 79  PHE A CE1 1 
ATOM   617  C  CE2 . PHE A 1 79  ? -11.628 -4.716  -6.982  1.00 22.55 ? 79  PHE A CE2 1 
ATOM   618  C  CZ  . PHE A 1 79  ? -11.992 -6.045  -6.996  1.00 22.71 ? 79  PHE A CZ  1 
ATOM   619  N  N   . ILE A 1 80  ? -9.055  -4.412  -0.698  1.00 20.48 ? 80  ILE A N   1 
ATOM   620  C  CA  . ILE A 1 80  ? -8.061  -4.264  0.360   1.00 21.15 ? 80  ILE A CA  1 
ATOM   621  C  C   . ILE A 1 80  ? -7.281  -5.561  0.546   1.00 22.13 ? 80  ILE A C   1 
ATOM   622  O  O   . ILE A 1 80  ? -7.812  -6.647  0.310   1.00 22.77 ? 80  ILE A O   1 
ATOM   623  C  CB  . ILE A 1 80  ? -8.686  -3.823  1.704   1.00 20.71 ? 80  ILE A CB  1 
ATOM   624  C  CG1 . ILE A 1 80  ? -9.643  -4.890  2.235   1.00 20.37 ? 80  ILE A CG1 1 
ATOM   625  C  CG2 . ILE A 1 80  ? -9.383  -2.478  1.555   1.00 20.01 ? 80  ILE A CG2 1 
ATOM   626  C  CD1 . ILE A 1 80  ? -10.146 -4.606  3.622   1.00 19.52 ? 80  ILE A CD1 1 
ATOM   627  N  N   . PRO A 1 81  ? -6.013  -5.450  0.967   1.00 21.98 ? 81  PRO A N   1 
ATOM   628  C  CA  . PRO A 1 81  ? -5.144  -6.617  1.128   1.00 21.50 ? 81  PRO A CA  1 
ATOM   629  C  C   . PRO A 1 81  ? -5.687  -7.623  2.132   1.00 21.41 ? 81  PRO A C   1 
ATOM   630  O  O   . PRO A 1 81  ? -6.340  -7.249  3.103   1.00 21.94 ? 81  PRO A O   1 
ATOM   631  C  CB  . PRO A 1 81  ? -3.846  -6.012  1.666   1.00 20.39 ? 81  PRO A CB  1 
ATOM   632  C  CG  . PRO A 1 81  ? -3.874  -4.598  1.239   1.00 21.41 ? 81  PRO A CG  1 
ATOM   633  C  CD  . PRO A 1 81  ? -5.316  -4.198  1.301   1.00 21.78 ? 81  PRO A CD  1 
ATOM   634  N  N   . ARG A 1 82  ? -5.412  -8.896  1.885   1.00 21.51 ? 82  ARG A N   1 
ATOM   635  C  CA  . ARG A 1 82  ? -5.653  -9.941  2.867   1.00 22.93 ? 82  ARG A CA  1 
ATOM   636  C  C   . ARG A 1 82  ? -4.436  -10.845 2.880   1.00 22.39 ? 82  ARG A C   1 
ATOM   637  O  O   . ARG A 1 82  ? -4.316  -11.741 2.047   1.00 22.81 ? 82  ARG A O   1 
ATOM   638  C  CB  . ARG A 1 82  ? -6.900  -10.744 2.512   1.00 23.16 ? 82  ARG A CB  1 
ATOM   639  C  CG  . ARG A 1 82  ? -7.382  -11.673 3.617   1.00 22.24 ? 82  ARG A CG  1 
ATOM   640  C  CD  . ARG A 1 82  ? -8.413  -12.649 3.089   1.00 20.58 ? 82  ARG A CD  1 
ATOM   641  N  NE  . ARG A 1 82  ? -7.815  -13.566 2.127   1.00 19.98 ? 82  ARG A NE  1 
ATOM   642  C  CZ  . ARG A 1 82  ? -8.471  -14.153 1.134   1.00 21.29 ? 82  ARG A CZ  1 
ATOM   643  N  NH1 . ARG A 1 82  ? -9.760  -13.916 0.949   1.00 21.76 ? 82  ARG A NH1 1 
ATOM   644  N  NH2 . ARG A 1 82  ? -7.827  -14.972 0.316   1.00 26.82 ? 82  ARG A NH2 1 
ATOM   645  N  N   . TYR A 1 83  ? -3.526  -10.597 3.818   1.00 23.40 ? 83  TYR A N   1 
ATOM   646  C  CA  . TYR A 1 83  ? -2.258  -11.319 3.859   1.00 26.52 ? 83  TYR A CA  1 
ATOM   647  C  C   . TYR A 1 83  ? -2.298  -12.532 4.785   1.00 28.84 ? 83  TYR A C   1 
ATOM   648  O  O   . TYR A 1 83  ? -3.125  -12.610 5.692   1.00 30.84 ? 83  TYR A O   1 
ATOM   649  C  CB  . TYR A 1 83  ? -1.111  -10.382 4.253   1.00 27.46 ? 83  TYR A CB  1 
ATOM   650  C  CG  . TYR A 1 83  ? -1.116  -9.949  5.704   1.00 28.94 ? 83  TYR A CG  1 
ATOM   651  C  CD1 . TYR A 1 83  ? -1.862  -8.854  6.123   1.00 29.62 ? 83  TYR A CD1 1 
ATOM   652  C  CD2 . TYR A 1 83  ? -0.363  -10.631 6.655   1.00 31.49 ? 83  TYR A CD2 1 
ATOM   653  C  CE1 . TYR A 1 83  ? -1.863  -8.449  7.452   1.00 29.34 ? 83  TYR A CE1 1 
ATOM   654  C  CE2 . TYR A 1 83  ? -0.359  -10.237 7.984   1.00 31.83 ? 83  TYR A CE2 1 
ATOM   655  C  CZ  . TYR A 1 83  ? -1.110  -9.146  8.378   1.00 31.83 ? 83  TYR A CZ  1 
ATOM   656  O  OH  . TYR A 1 83  ? -1.107  -8.755  9.700   1.00 31.10 ? 83  TYR A OH  1 
ATOM   657  N  N   . ARG A 1 84  ? -1.404  -13.484 4.542   1.00 29.32 ? 84  ARG A N   1 
ATOM   658  C  CA  . ARG A 1 84  ? -1.278  -14.650 5.401   1.00 31.82 ? 84  ARG A CA  1 
ATOM   659  C  C   . ARG A 1 84  ? 0.069   -14.618 6.112   1.00 35.39 ? 84  ARG A C   1 
ATOM   660  O  O   . ARG A 1 84  ? 1.093   -14.356 5.487   1.00 35.85 ? 84  ARG A O   1 
ATOM   661  C  CB  . ARG A 1 84  ? -1.407  -15.929 4.580   1.00 33.58 ? 84  ARG A CB  1 
ATOM   662  C  CG  . ARG A 1 84  ? -2.478  -15.873 3.492   1.00 35.39 ? 84  ARG A CG  1 
ATOM   663  C  CD  . ARG A 1 84  ? -3.013  -17.271 3.176   1.00 37.00 ? 84  ARG A CD  1 
ATOM   664  N  NE  . ARG A 1 84  ? -1.964  -18.269 3.338   1.00 40.02 ? 84  ARG A NE  1 
ATOM   665  C  CZ  . ARG A 1 84  ? -2.196  -19.558 3.542   1.00 42.70 ? 84  ARG A CZ  1 
ATOM   666  N  NH1 . ARG A 1 84  ? -3.449  -19.997 3.604   1.00 43.00 ? 84  ARG A NH1 1 
ATOM   667  N  NH2 . ARG A 1 84  ? -1.177  -20.400 3.688   1.00 40.57 ? 84  ARG A NH2 1 
ATOM   668  N  N   . PHE A 1 85  ? 0.071   -14.895 7.412   1.00 37.62 ? 85  PHE A N   1 
ATOM   669  C  CA  . PHE A 1 85  ? 1.291   -14.758 8.207   1.00 41.46 ? 85  PHE A CA  1 
ATOM   670  C  C   . PHE A 1 85  ? 2.275   -15.908 7.984   1.00 43.29 ? 85  PHE A C   1 
ATOM   671  O  O   . PHE A 1 85  ? 3.473   -15.768 8.231   1.00 42.54 ? 85  PHE A O   1 
ATOM   672  C  CB  . PHE A 1 85  ? 0.961   -14.601 9.698   1.00 43.70 ? 85  PHE A CB  1 
ATOM   673  C  CG  . PHE A 1 85  ? 0.592   -15.890 10.385  1.00 49.68 ? 85  PHE A CG  1 
ATOM   674  C  CD1 . PHE A 1 85  ? -0.688  -16.409 10.274  1.00 48.02 ? 85  PHE A CD1 1 
ATOM   675  C  CD2 . PHE A 1 85  ? 1.524   -16.576 11.152  1.00 49.55 ? 85  PHE A CD2 1 
ATOM   676  C  CE1 . PHE A 1 85  ? -1.030  -17.590 10.909  1.00 48.66 ? 85  PHE A CE1 1 
ATOM   677  C  CE2 . PHE A 1 85  ? 1.188   -17.758 11.790  1.00 47.97 ? 85  PHE A CE2 1 
ATOM   678  C  CZ  . PHE A 1 85  ? -0.091  -18.265 11.668  1.00 48.70 ? 85  PHE A CZ  1 
ATOM   679  N  N   . GLN A 1 86  ? 1.766   -17.042 7.512   1.00 43.10 ? 86  GLN A N   1 
ATOM   680  C  CA  . GLN A 1 86  ? 2.615   -18.194 7.243   1.00 41.77 ? 86  GLN A CA  1 
ATOM   681  C  C   . GLN A 1 86  ? 3.705   -17.848 6.240   1.00 40.30 ? 86  GLN A C   1 
ATOM   682  O  O   . GLN A 1 86  ? 4.889   -18.084 6.484   1.00 43.23 ? 86  GLN A O   1 
ATOM   683  C  CB  . GLN A 1 86  ? 1.791   -19.371 6.705   1.00 42.65 ? 86  GLN A CB  1 
ATOM   684  C  CG  . GLN A 1 86  ? 0.783   -19.948 7.686   1.00 45.24 ? 86  GLN A CG  1 
ATOM   685  C  CD  . GLN A 1 86  ? -0.537  -19.206 7.668   1.00 46.15 ? 86  GLN A CD  1 
ATOM   686  O  OE1 . GLN A 1 86  ? -0.769  -18.348 6.814   1.00 45.30 ? 86  GLN A OE1 1 
ATOM   687  N  NE2 . GLN A 1 86  ? -1.415  -19.536 8.610   1.00 46.56 ? 86  GLN A NE2 1 
ATOM   688  N  N   . SER A 1 87  ? 3.292   -17.279 5.113   1.00 38.28 ? 87  SER A N   1 
ATOM   689  C  CA  . SER A 1 87  ? 4.193   -17.049 3.995   1.00 36.70 ? 87  SER A CA  1 
ATOM   690  C  C   . SER A 1 87  ? 4.302   -15.576 3.634   1.00 35.35 ? 87  SER A C   1 
ATOM   691  O  O   . SER A 1 87  ? 4.230   -14.698 4.495   1.00 38.11 ? 87  SER A O   1 
ATOM   692  C  CB  . SER A 1 87  ? 3.698   -17.824 2.774   1.00 36.58 ? 87  SER A CB  1 
ATOM   693  O  OG  . SER A 1 87  ? 2.435   -17.338 2.349   1.00 33.41 ? 87  SER A OG  1 
ATOM   694  N  N   . ASN A 1 88  ? 4.490   -15.321 2.344   1.00 33.47 ? 88  ASN A N   1 
ATOM   695  C  CA  . ASN A 1 88  ? 4.495   -13.969 1.813   1.00 33.05 ? 88  ASN A CA  1 
ATOM   696  C  C   . ASN A 1 88  ? 3.327   -13.785 0.857   1.00 32.01 ? 88  ASN A C   1 
ATOM   697  O  O   . ASN A 1 88  ? 3.422   -13.039 -0.115  1.00 31.96 ? 88  ASN A O   1 
ATOM   698  C  CB  . ASN A 1 88  ? 5.804   -13.687 1.080   1.00 34.86 ? 88  ASN A CB  1 
ATOM   699  C  CG  . ASN A 1 88  ? 5.923   -14.458 -0.227  1.00 35.88 ? 88  ASN A CG  1 
ATOM   700  O  OD1 . ASN A 1 88  ? 5.140   -15.367 -0.497  1.00 34.06 ? 88  ASN A OD1 1 
ATOM   701  N  ND2 . ASN A 1 88  ? 6.911   -14.094 -1.043  1.00 35.69 ? 88  ASN A ND2 1 
ATOM   702  N  N   . HIS A 1 89  ? 2.225   -14.472 1.138   1.00 31.88 ? 89  HIS A N   1 
ATOM   703  C  CA  . HIS A 1 89  ? 1.060   -14.462 0.255   1.00 30.40 ? 89  HIS A CA  1 
ATOM   704  C  C   . HIS A 1 89  ? -0.016  -13.473 0.703   1.00 29.54 ? 89  HIS A C   1 
ATOM   705  O  O   . HIS A 1 89  ? -0.241  -13.274 1.899   1.00 28.82 ? 89  HIS A O   1 
ATOM   706  C  CB  . HIS A 1 89  ? 0.472   -15.872 0.156   1.00 31.85 ? 89  HIS A CB  1 
ATOM   707  C  CG  . HIS A 1 89  ? -0.705  -15.976 -0.763  1.00 28.92 ? 89  HIS A CG  1 
ATOM   708  N  ND1 . HIS A 1 89  ? -0.605  -15.782 -2.123  1.00 27.70 ? 89  HIS A ND1 1 
ATOM   709  C  CD2 . HIS A 1 89  ? -2.004  -16.266 -0.518  1.00 27.91 ? 89  HIS A CD2 1 
ATOM   710  C  CE1 . HIS A 1 89  ? -1.794  -15.940 -2.675  1.00 28.54 ? 89  HIS A CE1 1 
ATOM   711  N  NE2 . HIS A 1 89  ? -2.660  -16.236 -1.723  1.00 24.95 ? 89  HIS A NE2 1 
ATOM   712  N  N   . MET A 1 90  ? -0.673  -12.850 -0.270  1.00 26.32 ? 90  MET A N   1 
ATOM   713  C  CA  . MET A 1 90  ? -1.779  -11.943 0.004   1.00 25.45 ? 90  MET A CA  1 
ATOM   714  C  C   . MET A 1 90  ? -2.627  -11.732 -1.248  1.00 25.55 ? 90  MET A C   1 
ATOM   715  O  O   . MET A 1 90  ? -2.101  -11.613 -2.353  1.00 25.68 ? 90  MET A O   1 
ATOM   716  C  CB  . MET A 1 90  ? -1.273  -10.594 0.541   1.00 24.86 ? 90  MET A CB  1 
ATOM   717  C  CG  . MET A 1 90  ? -0.430  -9.794  -0.447  1.00 25.67 ? 90  MET A CG  1 
ATOM   718  S  SD  . MET A 1 90  ? -0.683  -8.005  -0.361  1.00 17.55 ? 90  MET A SD  1 
ATOM   719  C  CE  . MET A 1 90  ? -0.709  -7.745  1.406   1.00 25.78 ? 90  MET A CE  1 
ATOM   720  N  N   . ASP A 1 91  ? -3.944  -11.703 -1.067  1.00 24.76 ? 91  ASP A N   1 
ATOM   721  C  CA  . ASP A 1 91  ? -4.861  -11.365 -2.143  1.00 22.90 ? 91  ASP A CA  1 
ATOM   722  C  C   . ASP A 1 91  ? -5.521  -10.037 -1.825  1.00 24.41 ? 91  ASP A C   1 
ATOM   723  O  O   . ASP A 1 91  ? -5.682  -9.683  -0.658  1.00 27.07 ? 91  ASP A O   1 
ATOM   724  C  CB  . ASP A 1 91  ? -5.951  -12.423 -2.274  1.00 24.08 ? 91  ASP A CB  1 
ATOM   725  C  CG  . ASP A 1 91  ? -5.399  -13.799 -2.535  1.00 26.71 ? 91  ASP A CG  1 
ATOM   726  O  OD1 . ASP A 1 91  ? -4.197  -13.923 -2.860  1.00 26.75 ? 91  ASP A OD1 1 
ATOM   727  O  OD2 . ASP A 1 91  ? -6.182  -14.763 -2.421  1.00 29.04 ? 91  ASP A OD2 1 
ATOM   728  N  N   . MET A 1 92  ? -5.904  -9.299  -2.859  1.00 23.69 ? 92  MET A N   1 
ATOM   729  C  CA  . MET A 1 92  ? -6.735  -8.123  -2.676  1.00 20.03 ? 92  MET A CA  1 
ATOM   730  C  C   . MET A 1 92  ? -8.183  -8.576  -2.698  1.00 20.90 ? 92  MET A C   1 
ATOM   731  O  O   . MET A 1 92  ? -8.656  -9.122  -3.689  1.00 21.77 ? 92  MET A O   1 
ATOM   732  C  CB  . MET A 1 92  ? -6.481  -7.103  -3.782  1.00 21.11 ? 92  MET A CB  1 
ATOM   733  C  CG  . MET A 1 92  ? -5.034  -6.668  -3.880  1.00 20.67 ? 92  MET A CG  1 
ATOM   734  S  SD  . MET A 1 92  ? -4.443  -5.871  -2.374  1.00 22.91 ? 92  MET A SD  1 
ATOM   735  C  CE  . MET A 1 92  ? -2.716  -5.639  -2.786  1.00 21.39 ? 92  MET A CE  1 
ATOM   736  N  N   . VAL A 1 93  ? -8.878  -8.366  -1.589  1.00 22.28 ? 93  VAL A N   1 
ATOM   737  C  CA  . VAL A 1 93  ? -10.266 -8.787  -1.470  1.00 21.68 ? 93  VAL A CA  1 
ATOM   738  C  C   . VAL A 1 93  ? -11.204 -7.584  -1.435  1.00 22.64 ? 93  VAL A C   1 
ATOM   739  O  O   . VAL A 1 93  ? -10.905 -6.560  -0.817  1.00 22.34 ? 93  VAL A O   1 
ATOM   740  C  CB  . VAL A 1 93  ? -10.479 -9.674  -0.229  1.00 24.96 ? 93  VAL A CB  1 
ATOM   741  C  CG1 . VAL A 1 93  ? -9.648  -10.950 -0.348  1.00 23.31 ? 93  VAL A CG1 1 
ATOM   742  C  CG2 . VAL A 1 93  ? -10.122 -8.915  1.040   1.00 23.03 ? 93  VAL A CG2 1 
ATOM   743  N  N   . ARG A 1 94  ? -12.341 -7.721  -2.108  1.00 24.56 ? 94  ARG A N   1 
ATOM   744  C  CA  . ARG A 1 94  ? -13.262 -6.612  -2.331  1.00 24.32 ? 94  ARG A CA  1 
ATOM   745  C  C   . ARG A 1 94  ? -14.140 -6.285  -1.123  1.00 25.85 ? 94  ARG A C   1 
ATOM   746  O  O   . ARG A 1 94  ? -14.737 -7.177  -0.517  1.00 26.87 ? 94  ARG A O   1 
ATOM   747  C  CB  . ARG A 1 94  ? -14.146 -6.914  -3.543  1.00 24.13 ? 94  ARG A CB  1 
ATOM   748  C  CG  . ARG A 1 94  ? -15.227 -5.884  -3.800  1.00 24.63 ? 94  ARG A CG  1 
ATOM   749  C  CD  . ARG A 1 94  ? -16.213 -6.390  -4.826  1.00 24.37 ? 94  ARG A CD  1 
ATOM   750  N  NE  . ARG A 1 94  ? -17.201 -5.376  -5.169  1.00 30.54 ? 94  ARG A NE  1 
ATOM   751  C  CZ  . ARG A 1 94  ? -18.074 -5.494  -6.165  1.00 34.59 ? 94  ARG A CZ  1 
ATOM   752  N  NH1 . ARG A 1 94  ? -18.083 -6.587  -6.920  1.00 33.88 ? 94  ARG A NH1 1 
ATOM   753  N  NH2 . ARG A 1 94  ? -18.939 -4.518  -6.410  1.00 33.70 ? 94  ARG A NH2 1 
ATOM   754  N  N   . ILE A 1 95  ? -14.213 -4.998  -0.785  1.00 26.09 ? 95  ILE A N   1 
ATOM   755  C  CA  . ILE A 1 95  ? -15.130 -4.520  0.245   1.00 26.97 ? 95  ILE A CA  1 
ATOM   756  C  C   . ILE A 1 95  ? -16.278 -3.731  -0.387  1.00 27.81 ? 95  ILE A C   1 
ATOM   757  O  O   . ILE A 1 95  ? -16.099 -3.068  -1.406  1.00 27.69 ? 95  ILE A O   1 
ATOM   758  C  CB  . ILE A 1 95  ? -14.412 -3.664  1.308   1.00 25.46 ? 95  ILE A CB  1 
ATOM   759  C  CG1 . ILE A 1 95  ? -13.712 -2.469  0.656   1.00 27.35 ? 95  ILE A CG1 1 
ATOM   760  C  CG2 . ILE A 1 95  ? -13.416 -4.505  2.082   1.00 22.45 ? 95  ILE A CG2 1 
ATOM   761  C  CD1 . ILE A 1 95  ? -13.024 -1.551  1.652   1.00 24.20 ? 95  ILE A CD1 1 
ATOM   762  N  N   . GLU A 1 96  ? -17.455 -3.803  0.227   1.00 30.59 ? 96  GLU A N   1 
ATOM   763  C  CA  . GLU A 1 96  ? -18.674 -3.251  -0.363  1.00 31.13 ? 96  GLU A CA  1 
ATOM   764  C  C   . GLU A 1 96  ? -19.014 -1.845  0.131   1.00 30.34 ? 96  GLU A C   1 
ATOM   765  O  O   . GLU A 1 96  ? -19.687 -1.086  -0.560  1.00 29.28 ? 96  GLU A O   1 
ATOM   766  C  CB  . GLU A 1 96  ? -19.850 -4.187  -0.087  1.00 34.57 ? 96  GLU A CB  1 
ATOM   767  C  CG  . GLU A 1 96  ? -19.614 -5.628  -0.518  1.00 37.64 ? 96  GLU A CG  1 
ATOM   768  C  CD  . GLU A 1 96  ? -20.324 -5.981  -1.811  1.00 39.86 ? 96  GLU A CD  1 
ATOM   769  O  OE1 . GLU A 1 96  ? -21.383 -5.378  -2.092  1.00 37.95 ? 96  GLU A OE1 1 
ATOM   770  O  OE2 . GLU A 1 96  ? -19.831 -6.870  -2.536  1.00 42.82 ? 96  GLU A OE2 1 
ATOM   771  N  N   . SER A 1 97  ? -18.561 -1.508  1.334   1.00 31.04 ? 97  SER A N   1 
ATOM   772  C  CA  . SER A 1 97  ? -18.784 -0.177  1.888   1.00 29.02 ? 97  SER A CA  1 
ATOM   773  C  C   . SER A 1 97  ? -17.719 0.149   2.932   1.00 29.33 ? 97  SER A C   1 
ATOM   774  O  O   . SER A 1 97  ? -17.095 -0.756  3.483   1.00 30.47 ? 97  SER A O   1 
ATOM   775  C  CB  . SER A 1 97  ? -20.189 -0.074  2.491   1.00 30.79 ? 97  SER A CB  1 
ATOM   776  O  OG  . SER A 1 97  ? -20.289 -0.787  3.713   1.00 31.09 ? 97  SER A OG  1 
ATOM   777  N  N   . PRO A 1 98  ? -17.500 1.445   3.201   1.00 30.22 ? 98  PRO A N   1 
ATOM   778  C  CA  . PRO A 1 98  ? -16.478 1.849   4.172   1.00 29.17 ? 98  PRO A CA  1 
ATOM   779  C  C   . PRO A 1 98  ? -16.859 1.413   5.579   1.00 30.71 ? 98  PRO A C   1 
ATOM   780  O  O   . PRO A 1 98  ? -15.983 1.209   6.418   1.00 31.49 ? 98  PRO A O   1 
ATOM   781  C  CB  . PRO A 1 98  ? -16.490 3.380   4.084   1.00 28.40 ? 98  PRO A CB  1 
ATOM   782  C  CG  . PRO A 1 98  ? -17.151 3.694   2.790   1.00 30.39 ? 98  PRO A CG  1 
ATOM   783  C  CD  . PRO A 1 98  ? -18.157 2.607   2.585   1.00 30.85 ? 98  PRO A CD  1 
ATOM   784  N  N   . GLU A 1 99  ? -18.158 1.277   5.825   1.00 32.01 ? 99  GLU A N   1 
ATOM   785  C  CA  . GLU A 1 99  ? -18.653 0.874   7.132   1.00 29.61 ? 99  GLU A CA  1 
ATOM   786  C  C   . GLU A 1 99  ? -18.218 -0.546  7.428   1.00 30.84 ? 99  GLU A C   1 
ATOM   787  O  O   . GLU A 1 99  ? -17.974 -0.908  8.580   1.00 32.28 ? 99  GLU A O   1 
ATOM   788  C  CB  . GLU A 1 99  ? -20.180 0.979   7.187   1.00 32.54 ? 99  GLU A CB  1 
ATOM   789  C  CG  . GLU A 1 99  ? -20.714 2.405   7.122   1.00 33.19 ? 99  GLU A CG  1 
ATOM   790  C  CD  . GLU A 1 99  ? -20.917 2.899   5.698   1.00 35.69 ? 99  GLU A CD  1 
ATOM   791  O  OE1 . GLU A 1 99  ? -21.694 2.260   4.956   1.00 36.94 ? 99  GLU A OE1 1 
ATOM   792  O  OE2 . GLU A 1 99  ? -20.311 3.930   5.329   1.00 34.23 ? 99  GLU A OE2 1 
ATOM   793  N  N   . GLU A 1 100 ? -18.115 -1.350  6.377   1.00 30.32 ? 100 GLU A N   1 
ATOM   794  C  CA  . GLU A 1 100 ? -17.726 -2.745  6.516   1.00 31.05 ? 100 GLU A CA  1 
ATOM   795  C  C   . GLU A 1 100 ? -16.359 -2.884  7.175   1.00 29.23 ? 100 GLU A C   1 
ATOM   796  O  O   . GLU A 1 100 ? -16.099 -3.849  7.889   1.00 29.95 ? 100 GLU A O   1 
ATOM   797  C  CB  . GLU A 1 100 ? -17.718 -3.429  5.154   1.00 29.53 ? 100 GLU A CB  1 
ATOM   798  C  CG  . GLU A 1 100 ? -17.394 -4.902  5.217   1.00 29.10 ? 100 GLU A CG  1 
ATOM   799  C  CD  . GLU A 1 100 ? -17.402 -5.548  3.852   1.00 31.49 ? 100 GLU A CD  1 
ATOM   800  O  OE1 . GLU A 1 100 ? -17.623 -4.829  2.856   1.00 31.80 ? 100 GLU A OE1 1 
ATOM   801  O  OE2 . GLU A 1 100 ? -17.190 -6.774  3.777   1.00 32.37 ? 100 GLU A OE2 1 
ATOM   802  N  N   . ILE A 1 101 ? -15.488 -1.914  6.925   1.00 27.28 ? 101 ILE A N   1 
ATOM   803  C  CA  . ILE A 1 101 ? -14.148 -1.918  7.495   1.00 29.07 ? 101 ILE A CA  1 
ATOM   804  C  C   . ILE A 1 101 ? -14.181 -2.011  9.019   1.00 29.53 ? 101 ILE A C   1 
ATOM   805  O  O   . ILE A 1 101 ? -13.308 -2.627  9.643   1.00 27.01 ? 101 ILE A O   1 
ATOM   806  C  CB  . ILE A 1 101 ? -13.371 -0.654  7.080   1.00 28.40 ? 101 ILE A CB  1 
ATOM   807  C  CG1 . ILE A 1 101 ? -13.020 -0.718  5.594   1.00 23.52 ? 101 ILE A CG1 1 
ATOM   808  C  CG2 . ILE A 1 101 ? -12.115 -0.486  7.929   1.00 26.43 ? 101 ILE A CG2 1 
ATOM   809  C  CD1 . ILE A 1 101 ? -12.158 0.414   5.134   1.00 22.77 ? 101 ILE A CD1 1 
ATOM   810  N  N   . SER A 1 102 ? -15.207 -1.405  9.609   1.00 30.27 ? 102 SER A N   1 
ATOM   811  C  CA  . SER A 1 102 ? -15.308 -1.281  11.059  1.00 28.72 ? 102 SER A CA  1 
ATOM   812  C  C   . SER A 1 102 ? -15.861 -2.534  11.721  1.00 26.38 ? 102 SER A C   1 
ATOM   813  O  O   . SER A 1 102 ? -15.940 -2.605  12.943  1.00 28.63 ? 102 SER A O   1 
ATOM   814  C  CB  . SER A 1 102 ? -16.174 -0.074  11.419  1.00 30.81 ? 102 SER A CB  1 
ATOM   815  O  OG  . SER A 1 102 ? -15.748 1.080   10.708  1.00 33.62 ? 102 SER A OG  1 
ATOM   816  N  N   . LEU A 1 103 ? -16.242 -3.518  10.917  1.00 27.24 ? 103 LEU A N   1 
ATOM   817  C  CA  . LEU A 1 103 ? -16.765 -4.774  11.443  1.00 27.99 ? 103 LEU A CA  1 
ATOM   818  C  C   . LEU A 1 103 ? -15.729 -5.885  11.327  1.00 27.51 ? 103 LEU A C   1 
ATOM   819  O  O   . LEU A 1 103 ? -15.693 -6.800  12.149  1.00 26.99 ? 103 LEU A O   1 
ATOM   820  C  CB  . LEU A 1 103 ? -18.043 -5.185  10.706  1.00 28.44 ? 103 LEU A CB  1 
ATOM   821  C  CG  . LEU A 1 103 ? -19.237 -4.228  10.732  1.00 27.42 ? 103 LEU A CG  1 
ATOM   822  C  CD1 . LEU A 1 103 ? -20.489 -4.964  10.304  1.00 29.65 ? 103 LEU A CD1 1 
ATOM   823  C  CD2 . LEU A 1 103 ? -19.428 -3.629  12.108  1.00 28.28 ? 103 LEU A CD2 1 
ATOM   824  N  N   . LEU A 1 104 ? -14.885 -5.791  10.304  1.00 27.79 ? 104 LEU A N   1 
ATOM   825  C  CA  . LEU A 1 104 ? -13.878 -6.809  10.027  1.00 27.12 ? 104 LEU A CA  1 
ATOM   826  C  C   . LEU A 1 104 ? -13.025 -7.121  11.250  1.00 26.72 ? 104 LEU A C   1 
ATOM   827  O  O   . LEU A 1 104 ? -12.837 -6.269  12.118  1.00 26.63 ? 104 LEU A O   1 
ATOM   828  C  CB  . LEU A 1 104 ? -12.969 -6.370  8.871   1.00 27.04 ? 104 LEU A CB  1 
ATOM   829  C  CG  . LEU A 1 104 ? -13.565 -6.145  7.480   1.00 24.29 ? 104 LEU A CG  1 
ATOM   830  C  CD1 . LEU A 1 104 ? -12.500 -5.600  6.546   1.00 23.69 ? 104 LEU A CD1 1 
ATOM   831  C  CD2 . LEU A 1 104 ? -14.154 -7.425  6.924   1.00 25.68 ? 104 LEU A CD2 1 
ATOM   832  N  N   . PRO A 1 105 ? -12.504 -8.358  11.318  1.00 27.97 ? 105 PRO A N   1 
ATOM   833  C  CA  . PRO A 1 105 ? -11.549 -8.763  12.351  1.00 26.12 ? 105 PRO A CA  1 
ATOM   834  C  C   . PRO A 1 105 ? -10.226 -8.070  12.088  1.00 26.89 ? 105 PRO A C   1 
ATOM   835  O  O   . PRO A 1 105 ? -10.090 -7.390  11.074  1.00 27.30 ? 105 PRO A O   1 
ATOM   836  C  CB  . PRO A 1 105 ? -11.391 -10.269 12.119  1.00 26.49 ? 105 PRO A CB  1 
ATOM   837  C  CG  . PRO A 1 105 ? -12.505 -10.659 11.197  1.00 26.70 ? 105 PRO A CG  1 
ATOM   838  C  CD  . PRO A 1 105 ? -12.794 -9.454  10.380  1.00 27.71 ? 105 PRO A CD  1 
ATOM   839  N  N   . LYS A 1 106 ? -9.258  -8.242  12.977  1.00 27.08 ? 106 LYS A N   1 
ATOM   840  C  CA  . LYS A 1 106 ? -7.978  -7.571  12.820  1.00 26.23 ? 106 LYS A CA  1 
ATOM   841  C  C   . LYS A 1 106 ? -6.848  -8.530  13.130  1.00 27.06 ? 106 LYS A C   1 
ATOM   842  O  O   . LYS A 1 106 ? -7.020  -9.473  13.897  1.00 28.96 ? 106 LYS A O   1 
ATOM   843  C  CB  . LYS A 1 106 ? -7.917  -6.338  13.720  1.00 28.51 ? 106 LYS A CB  1 
ATOM   844  C  CG  . LYS A 1 106 ? -8.903  -5.251  13.311  1.00 27.35 ? 106 LYS A CG  1 
ATOM   845  C  CD  . LYS A 1 106 ? -9.483  -4.533  14.515  1.00 29.23 ? 106 LYS A CD  1 
ATOM   846  C  CE  . LYS A 1 106 ? -8.406  -3.781  15.273  1.00 33.17 ? 106 LYS A CE  1 
ATOM   847  N  NZ  . LYS A 1 106 ? -7.706  -2.796  14.398  1.00 33.80 ? 106 LYS A NZ  1 
ATOM   848  N  N   . THR A 1 107 ? -5.693  -8.295  12.521  1.00 28.37 ? 107 THR A N   1 
ATOM   849  C  CA  . THR A 1 107 ? -4.549  -9.181  12.694  1.00 30.56 ? 107 THR A CA  1 
ATOM   850  C  C   . THR A 1 107 ? -3.716  -8.819  13.920  1.00 31.76 ? 107 THR A C   1 
ATOM   851  O  O   . THR A 1 107 ? -4.099  -7.965  14.719  1.00 31.86 ? 107 THR A O   1 
ATOM   852  C  CB  . THR A 1 107 ? -3.646  -9.165  11.453  1.00 30.07 ? 107 THR A CB  1 
ATOM   853  O  OG1 . THR A 1 107 ? -3.300  -7.813  11.132  1.00 30.20 ? 107 THR A OG1 1 
ATOM   854  C  CG2 . THR A 1 107 ? -4.365  -9.790  10.271  1.00 28.59 ? 107 THR A CG2 1 
ATOM   855  N  N   . SER A 1 108 ? -2.573  -9.482  14.062  1.00 32.83 ? 108 SER A N   1 
ATOM   856  C  CA  . SER A 1 108 ? -1.664  -9.209  15.168  1.00 34.83 ? 108 SER A CA  1 
ATOM   857  C  C   . SER A 1 108 ? -1.103  -7.791  15.072  1.00 36.86 ? 108 SER A C   1 
ATOM   858  O  O   . SER A 1 108 ? -0.701  -7.202  16.074  1.00 36.49 ? 108 SER A O   1 
ATOM   859  C  CB  . SER A 1 108 ? -0.530  -10.237 15.196  1.00 34.24 ? 108 SER A CB  1 
ATOM   860  O  OG  . SER A 1 108 ? 0.235   -10.195 14.006  1.00 33.95 ? 108 SER A OG  1 
ATOM   861  N  N   . TRP A 1 109 ? -1.081  -7.246  13.860  1.00 35.19 ? 109 TRP A N   1 
ATOM   862  C  CA  . TRP A 1 109 ? -0.634  -5.875  13.646  1.00 36.68 ? 109 TRP A CA  1 
ATOM   863  C  C   . TRP A 1 109 ? -1.793  -4.907  13.851  1.00 36.44 ? 109 TRP A C   1 
ATOM   864  O  O   . TRP A 1 109 ? -1.685  -3.717  13.550  1.00 36.00 ? 109 TRP A O   1 
ATOM   865  C  CB  . TRP A 1 109 ? -0.064  -5.711  12.232  1.00 38.25 ? 109 TRP A CB  1 
ATOM   866  C  CG  . TRP A 1 109 ? 1.292   -6.327  12.043  1.00 40.67 ? 109 TRP A CG  1 
ATOM   867  C  CD1 . TRP A 1 109 ? 1.614   -7.647  12.158  1.00 42.86 ? 109 TRP A CD1 1 
ATOM   868  C  CD2 . TRP A 1 109 ? 2.505   -5.646  11.690  1.00 43.52 ? 109 TRP A CD2 1 
ATOM   869  N  NE1 . TRP A 1 109 ? 2.953   -7.831  11.910  1.00 45.40 ? 109 TRP A NE1 1 
ATOM   870  C  CE2 . TRP A 1 109 ? 3.523   -6.619  11.619  1.00 45.35 ? 109 TRP A CE2 1 
ATOM   871  C  CE3 . TRP A 1 109 ? 2.832   -4.311  11.433  1.00 47.64 ? 109 TRP A CE3 1 
ATOM   872  C  CZ2 . TRP A 1 109 ? 4.843   -6.297  11.302  1.00 47.09 ? 109 TRP A CZ2 1 
ATOM   873  C  CZ3 . TRP A 1 109 ? 4.146   -3.995  11.116  1.00 45.40 ? 109 TRP A CZ3 1 
ATOM   874  C  CH2 . TRP A 1 109 ? 5.133   -4.984  11.052  1.00 44.60 ? 109 TRP A CH2 1 
ATOM   875  N  N   . ASN A 1 110 ? -2.900  -5.427  14.374  1.00 35.43 ? 110 ASN A N   1 
ATOM   876  C  CA  . ASN A 1 110 ? -4.135  -4.658  14.484  1.00 34.65 ? 110 ASN A CA  1 
ATOM   877  C  C   . ASN A 1 110 ? -4.564  -4.070  13.145  1.00 30.83 ? 110 ASN A C   1 
ATOM   878  O  O   . ASN A 1 110 ? -5.078  -2.953  13.078  1.00 29.51 ? 110 ASN A O   1 
ATOM   879  C  CB  . ASN A 1 110 ? -4.020  -3.558  15.545  1.00 33.20 ? 110 ASN A CB  1 
ATOM   880  C  CG  . ASN A 1 110 ? -4.578  -3.984  16.888  1.00 36.62 ? 110 ASN A CG  1 
ATOM   881  O  OD1 . ASN A 1 110 ? -5.612  -3.478  17.330  1.00 37.95 ? 110 ASN A OD1 1 
ATOM   882  N  ND2 . ASN A 1 110 ? -3.906  -4.929  17.538  1.00 36.63 ? 110 ASN A ND2 1 
ATOM   883  N  N   . ILE A 1 111 ? -4.340  -4.833  12.081  1.00 28.66 ? 111 ILE A N   1 
ATOM   884  C  CA  . ILE A 1 111 ? -4.788  -4.438  10.753  1.00 29.89 ? 111 ILE A CA  1 
ATOM   885  C  C   . ILE A 1 111 ? -6.021  -5.235  10.360  1.00 27.56 ? 111 ILE A C   1 
ATOM   886  O  O   . ILE A 1 111 ? -6.025  -6.462  10.459  1.00 27.38 ? 111 ILE A O   1 
ATOM   887  C  CB  . ILE A 1 111 ? -3.679  -4.605  9.697   1.00 30.34 ? 111 ILE A CB  1 
ATOM   888  C  CG1 . ILE A 1 111 ? -2.734  -3.411  9.759   1.00 31.79 ? 111 ILE A CG1 1 
ATOM   889  C  CG2 . ILE A 1 111 ? -4.276  -4.697  8.308   1.00 29.00 ? 111 ILE A CG2 1 
ATOM   890  C  CD1 . ILE A 1 111 ? -3.462  -2.071  9.770   1.00 31.17 ? 111 ILE A CD1 1 
ATOM   891  N  N   . PRO A 1 112 ? -7.076  -4.532  9.925   1.00 26.29 ? 112 PRO A N   1 
ATOM   892  C  CA  . PRO A 1 112 ? -8.385  -5.121  9.635   1.00 23.79 ? 112 PRO A CA  1 
ATOM   893  C  C   . PRO A 1 112 ? -8.408  -5.844  8.298   1.00 25.86 ? 112 PRO A C   1 
ATOM   894  O  O   . PRO A 1 112 ? -7.970  -5.296  7.284   1.00 25.69 ? 112 PRO A O   1 
ATOM   895  C  CB  . PRO A 1 112 ? -9.317  -3.902  9.578   1.00 24.69 ? 112 PRO A CB  1 
ATOM   896  C  CG  . PRO A 1 112 ? -8.499  -2.729  10.072  1.00 24.34 ? 112 PRO A CG  1 
ATOM   897  C  CD  . PRO A 1 112 ? -7.088  -3.073  9.747   1.00 26.27 ? 112 PRO A CD  1 
ATOM   898  N  N   . GLN A 1 113 ? -8.919  -7.069  8.301   1.00 26.30 ? 113 GLN A N   1 
ATOM   899  C  CA  . GLN A 1 113 ? -9.071  -7.838  7.077   1.00 25.10 ? 113 GLN A CA  1 
ATOM   900  C  C   . GLN A 1 113 ? -10.034 -8.996  7.302   1.00 25.69 ? 113 GLN A C   1 
ATOM   901  O  O   . GLN A 1 113 ? -10.214 -9.445  8.435   1.00 26.98 ? 113 GLN A O   1 
ATOM   902  C  CB  . GLN A 1 113 ? -7.715  -8.350  6.587   1.00 24.37 ? 113 GLN A CB  1 
ATOM   903  C  CG  . GLN A 1 113 ? -7.051  -9.366  7.501   1.00 24.95 ? 113 GLN A CG  1 
ATOM   904  C  CD  . GLN A 1 113 ? -5.752  -9.893  6.924   1.00 23.45 ? 113 GLN A CD  1 
ATOM   905  O  OE1 . GLN A 1 113 ? -4.864  -9.121  6.574   1.00 24.08 ? 113 GLN A OE1 1 
ATOM   906  N  NE2 . GLN A 1 113 ? -5.639  -11.211 6.817   1.00 23.22 ? 113 GLN A NE2 1 
ATOM   907  N  N   . PRO A 1 114 ? -10.671 -9.472  6.224   1.00 24.69 ? 114 PRO A N   1 
ATOM   908  C  CA  . PRO A 1 114 ? -11.579 -10.619 6.316   1.00 27.44 ? 114 PRO A CA  1 
ATOM   909  C  C   . PRO A 1 114 ? -10.876 -11.848 6.893   1.00 27.39 ? 114 PRO A C   1 
ATOM   910  O  O   . PRO A 1 114 ? -9.714  -12.095 6.575   1.00 29.41 ? 114 PRO A O   1 
ATOM   911  C  CB  . PRO A 1 114 ? -11.974 -10.865 4.857   1.00 28.16 ? 114 PRO A CB  1 
ATOM   912  C  CG  . PRO A 1 114 ? -11.807 -9.532  4.196   1.00 26.44 ? 114 PRO A CG  1 
ATOM   913  C  CD  . PRO A 1 114 ? -10.623 -8.908  4.864   1.00 24.77 ? 114 PRO A CD  1 
ATOM   914  N  N   . GLY A 1 115 ? -11.576 -12.601 7.735   1.00 28.80 ? 115 GLY A N   1 
ATOM   915  C  CA  . GLY A 1 115 ? -11.007 -13.776 8.370   1.00 29.54 ? 115 GLY A CA  1 
ATOM   916  C  C   . GLY A 1 115 ? -10.914 -14.970 7.441   1.00 33.77 ? 115 GLY A C   1 
ATOM   917  O  O   . GLY A 1 115 ? -10.841 -14.817 6.222   1.00 32.14 ? 115 GLY A O   1 
ATOM   918  N  N   . GLU A 1 116 ? -10.921 -16.165 8.024   1.00 38.38 ? 116 GLU A N   1 
ATOM   919  C  CA  . GLU A 1 116 ? -10.801 -17.402 7.255   1.00 40.59 ? 116 GLU A CA  1 
ATOM   920  C  C   . GLU A 1 116 ? -12.080 -17.795 6.514   1.00 36.89 ? 116 GLU A C   1 
ATOM   921  O  O   . GLU A 1 116 ? -12.078 -17.940 5.292   1.00 36.03 ? 116 GLU A O   1 
ATOM   922  C  CB  . GLU A 1 116 ? -10.359 -18.557 8.156   1.00 43.37 ? 116 GLU A CB  1 
ATOM   923  C  CG  . GLU A 1 116 ? -8.854  -18.722 8.260   1.00 49.05 ? 116 GLU A CG  1 
ATOM   924  C  CD  . GLU A 1 116 ? -8.448  -20.167 8.498   1.00 60.74 ? 116 GLU A CD  1 
ATOM   925  O  OE1 . GLU A 1 116 ? -9.236  -20.918 9.115   1.00 61.91 ? 116 GLU A OE1 1 
ATOM   926  O  OE2 . GLU A 1 116 ? -7.341  -20.553 8.063   1.00 61.89 ? 116 GLU A OE2 1 
ATOM   927  N  N   . GLY A 1 117 ? -13.163 -17.977 7.260   1.00 35.17 ? 117 GLY A N   1 
ATOM   928  C  CA  . GLY A 1 117 ? -14.406 -18.455 6.688   1.00 34.37 ? 117 GLY A CA  1 
ATOM   929  C  C   . GLY A 1 117 ? -15.038 -17.493 5.703   1.00 34.09 ? 117 GLY A C   1 
ATOM   930  O  O   . GLY A 1 117 ? -15.963 -17.861 4.977   1.00 32.63 ? 117 GLY A O   1 
ATOM   931  N  N   . ASP A 1 118 ? -14.537 -16.263 5.676   1.00 33.26 ? 118 ASP A N   1 
ATOM   932  C  CA  . ASP A 1 118 ? -15.104 -15.226 4.826   1.00 31.70 ? 118 ASP A CA  1 
ATOM   933  C  C   . ASP A 1 118 ? -14.670 -15.415 3.378   1.00 31.96 ? 118 ASP A C   1 
ATOM   934  O  O   . ASP A 1 118 ? -13.498 -15.236 3.044   1.00 32.24 ? 118 ASP A O   1 
ATOM   935  C  CB  . ASP A 1 118 ? -14.684 -13.844 5.327   1.00 29.18 ? 118 ASP A CB  1 
ATOM   936  C  CG  . ASP A 1 118 ? -15.689 -12.763 4.978   1.00 31.21 ? 118 ASP A CG  1 
ATOM   937  O  OD1 . ASP A 1 118 ? -16.516 -12.981 4.064   1.00 31.60 ? 118 ASP A OD1 1 
ATOM   938  O  OD2 . ASP A 1 118 ? -15.645 -11.697 5.630   1.00 29.88 ? 118 ASP A OD2 1 
ATOM   939  N  N   . VAL A 1 119 ? -15.615 -15.789 2.521   1.00 28.90 ? 119 VAL A N   1 
ATOM   940  C  CA  . VAL A 1 119 ? -15.324 -15.945 1.102   1.00 29.83 ? 119 VAL A CA  1 
ATOM   941  C  C   . VAL A 1 119 ? -15.413 -14.594 0.411   1.00 31.77 ? 119 VAL A C   1 
ATOM   942  O  O   . VAL A 1 119 ? -16.489 -13.998 0.324   1.00 33.25 ? 119 VAL A O   1 
ATOM   943  C  CB  . VAL A 1 119 ? -16.279 -16.936 0.410   1.00 32.06 ? 119 VAL A CB  1 
ATOM   944  C  CG1 . VAL A 1 119 ? -16.057 -16.916 -1.098  1.00 29.75 ? 119 VAL A CG1 1 
ATOM   945  C  CG2 . VAL A 1 119 ? -16.086 -18.343 0.966   1.00 30.59 ? 119 VAL A CG2 1 
ATOM   946  N  N   . ARG A 1 120 ? -14.276 -14.112 -0.077  1.00 30.91 ? 120 ARG A N   1 
ATOM   947  C  CA  . ARG A 1 120 ? -14.200 -12.777 -0.654  1.00 27.10 ? 120 ARG A CA  1 
ATOM   948  C  C   . ARG A 1 120 ? -13.990 -12.827 -2.154  1.00 27.47 ? 120 ARG A C   1 
ATOM   949  O  O   . ARG A 1 120 ? -13.365 -13.752 -2.673  1.00 27.44 ? 120 ARG A O   1 
ATOM   950  C  CB  . ARG A 1 120 ? -13.055 -11.996 -0.012  1.00 25.90 ? 120 ARG A CB  1 
ATOM   951  C  CG  . ARG A 1 120 ? -13.342 -11.555 1.404   1.00 28.53 ? 120 ARG A CG  1 
ATOM   952  C  CD  . ARG A 1 120 ? -14.482 -10.562 1.429   1.00 26.18 ? 120 ARG A CD  1 
ATOM   953  N  NE  . ARG A 1 120 ? -14.931 -10.273 2.785   1.00 26.53 ? 120 ARG A NE  1 
ATOM   954  C  CZ  . ARG A 1 120 ? -15.475 -9.119  3.152   1.00 28.61 ? 120 ARG A CZ  1 
ATOM   955  N  NH1 . ARG A 1 120 ? -15.619 -8.148  2.262   1.00 29.54 ? 120 ARG A NH1 1 
ATOM   956  N  NH2 . ARG A 1 120 ? -15.861 -8.926  4.406   1.00 29.27 ? 120 ARG A NH2 1 
ATOM   957  N  N   . GLU A 1 121 ? -14.512 -11.827 -2.855  1.00 27.80 ? 121 GLU A N   1 
ATOM   958  C  CA  . GLU A 1 121 ? -14.184 -11.676 -4.260  1.00 24.99 ? 121 GLU A CA  1 
ATOM   959  C  C   . GLU A 1 121 ? -12.747 -11.190 -4.368  1.00 24.17 ? 121 GLU A C   1 
ATOM   960  O  O   . GLU A 1 121 ? -12.423 -10.094 -3.914  1.00 25.50 ? 121 GLU A O   1 
ATOM   961  C  CB  . GLU A 1 121 ? -15.121 -10.692 -4.948  1.00 24.11 ? 121 GLU A CB  1 
ATOM   962  C  CG  . GLU A 1 121 ? -14.929 -10.668 -6.450  1.00 25.26 ? 121 GLU A CG  1 
ATOM   963  C  CD  . GLU A 1 121 ? -15.654 -9.528  -7.111  1.00 27.92 ? 121 GLU A CD  1 
ATOM   964  O  OE1 . GLU A 1 121 ? -16.763 -9.183  -6.650  1.00 28.47 ? 121 GLU A OE1 1 
ATOM   965  O  OE2 . GLU A 1 121 ? -15.109 -8.980  -8.092  1.00 27.36 ? 121 GLU A OE2 1 
ATOM   966  N  N   . GLU A 1 122 ? -11.886 -12.017 -4.951  1.00 23.28 ? 122 GLU A N   1 
ATOM   967  C  CA  . GLU A 1 122 ? -10.475 -11.683 -5.108  1.00 23.08 ? 122 GLU A CA  1 
ATOM   968  C  C   . GLU A 1 122 ? -10.243 -10.950 -6.421  1.00 24.37 ? 122 GLU A C   1 
ATOM   969  O  O   . GLU A 1 122 ? -10.686 -11.401 -7.476  1.00 24.13 ? 122 GLU A O   1 
ATOM   970  C  CB  . GLU A 1 122 ? -9.627  -12.953 -5.050  1.00 23.69 ? 122 GLU A CB  1 
ATOM   971  C  CG  . GLU A 1 122 ? -9.843  -13.753 -3.773  1.00 26.39 ? 122 GLU A CG  1 
ATOM   972  C  CD  . GLU A 1 122 ? -9.073  -15.060 -3.749  1.00 28.25 ? 122 GLU A CD  1 
ATOM   973  O  OE1 . GLU A 1 122 ? -8.781  -15.591 -4.841  1.00 29.82 ? 122 GLU A OE1 1 
ATOM   974  O  OE2 . GLU A 1 122 ? -8.767  -15.555 -2.641  1.00 26.00 ? 122 GLU A OE2 1 
ATOM   975  N  N   . ALA A 1 123 ? -9.542  -9.821  -6.346  1.00 25.60 ? 123 ALA A N   1 
ATOM   976  C  CA  . ALA A 1 123 ? -9.346  -8.944  -7.500  1.00 23.56 ? 123 ALA A CA  1 
ATOM   977  C  C   . ALA A 1 123 ? -8.982  -9.695  -8.775  1.00 25.05 ? 123 ALA A C   1 
ATOM   978  O  O   . ALA A 1 123 ? -9.609  -9.503  -9.815  1.00 26.22 ? 123 ALA A O   1 
ATOM   979  C  CB  . ALA A 1 123 ? -8.294  -7.891  -7.190  1.00 23.07 ? 123 ALA A CB  1 
ATOM   980  N  N   . LEU A 1 124 ? -7.970  -10.552 -8.688  1.00 25.52 ? 124 LEU A N   1 
ATOM   981  C  CA  . LEU A 1 124 ? -7.459  -11.260 -9.859  1.00 25.83 ? 124 LEU A CA  1 
ATOM   982  C  C   . LEU A 1 124 ? -8.394  -12.349 -10.377 1.00 25.21 ? 124 LEU A C   1 
ATOM   983  O  O   . LEU A 1 124 ? -8.117  -12.969 -11.401 1.00 27.04 ? 124 LEU A O   1 
ATOM   984  C  CB  . LEU A 1 124 ? -6.086  -11.852 -9.555  1.00 24.74 ? 124 LEU A CB  1 
ATOM   985  C  CG  . LEU A 1 124 ? -5.010  -10.795 -9.329  1.00 25.83 ? 124 LEU A CG  1 
ATOM   986  C  CD1 . LEU A 1 124 ? -3.736  -11.447 -8.825  1.00 28.35 ? 124 LEU A CD1 1 
ATOM   987  C  CD2 . LEU A 1 124 ? -4.763  -10.003 -10.609 1.00 25.43 ? 124 LEU A CD2 1 
ATOM   988  N  N   . SER A 1 125 ? -9.495  -12.581 -9.672  1.00 24.32 ? 125 SER A N   1 
ATOM   989  C  CA  . SER A 1 125 ? -10.495 -13.540 -10.131 1.00 24.93 ? 125 SER A CA  1 
ATOM   990  C  C   . SER A 1 125 ? -11.529 -12.867 -11.034 1.00 23.85 ? 125 SER A C   1 
ATOM   991  O  O   . SER A 1 125 ? -12.345 -13.539 -11.662 1.00 22.72 ? 125 SER A O   1 
ATOM   992  C  CB  . SER A 1 125 ? -11.195 -14.207 -8.945  1.00 24.13 ? 125 SER A CB  1 
ATOM   993  O  OG  . SER A 1 125 ? -12.220 -13.380 -8.418  1.00 22.55 ? 125 SER A OG  1 
ATOM   994  N  N   . THR A 1 126 ? -11.487 -11.540 -11.100 1.00 23.95 ? 126 THR A N   1 
ATOM   995  C  CA  . THR A 1 126 ? -12.499 -10.788 -11.830 1.00 22.59 ? 126 THR A CA  1 
ATOM   996  C  C   . THR A 1 126 ? -11.947 -9.655  -12.696 1.00 24.10 ? 126 THR A C   1 
ATOM   997  O  O   . THR A 1 126 ? -12.684 -8.742  -13.060 1.00 26.35 ? 126 THR A O   1 
ATOM   998  C  CB  . THR A 1 126 ? -13.571 -10.221 -10.877 1.00 24.13 ? 126 THR A CB  1 
ATOM   999  O  OG1 . THR A 1 126 ? -12.938 -9.621  -9.740  1.00 27.05 ? 126 THR A OG1 1 
ATOM   1000 C  CG2 . THR A 1 126 ? -14.502 -11.327 -10.403 1.00 24.66 ? 126 THR A CG2 1 
ATOM   1001 N  N   . GLY A 1 127 ? -10.661 -9.709  -13.030 1.00 24.76 ? 127 GLY A N   1 
ATOM   1002 C  CA  . GLY A 1 127 ? -10.098 -8.757  -13.976 1.00 23.87 ? 127 GLY A CA  1 
ATOM   1003 C  C   . GLY A 1 127 ? -8.864  -7.994  -13.530 1.00 24.34 ? 127 GLY A C   1 
ATOM   1004 O  O   . GLY A 1 127 ? -8.405  -7.087  -14.231 1.00 22.71 ? 127 GLY A O   1 
ATOM   1005 N  N   . GLY A 1 128 ? -8.322  -8.354  -12.371 1.00 24.71 ? 128 GLY A N   1 
ATOM   1006 C  CA  . GLY A 1 128 ? -7.148  -7.682  -11.845 1.00 23.36 ? 128 GLY A CA  1 
ATOM   1007 C  C   . GLY A 1 128 ? -7.454  -6.282  -11.350 1.00 22.16 ? 128 GLY A C   1 
ATOM   1008 O  O   . GLY A 1 128 ? -8.597  -5.969  -11.028 1.00 21.83 ? 128 GLY A O   1 
ATOM   1009 N  N   . LEU A 1 129 ? -6.432  -5.435  -11.301 1.00 22.87 ? 129 LEU A N   1 
ATOM   1010 C  CA  . LEU A 1 129 ? -6.579  -4.089  -10.758 1.00 22.09 ? 129 LEU A CA  1 
ATOM   1011 C  C   . LEU A 1 129 ? -6.075  -3.007  -11.710 1.00 24.10 ? 129 LEU A C   1 
ATOM   1012 O  O   . LEU A 1 129 ? -5.064  -3.186  -12.393 1.00 24.15 ? 129 LEU A O   1 
ATOM   1013 C  CB  . LEU A 1 129 ? -5.844  -3.986  -9.424  1.00 20.34 ? 129 LEU A CB  1 
ATOM   1014 C  CG  . LEU A 1 129 ? -6.373  -4.911  -8.330  1.00 21.35 ? 129 LEU A CG  1 
ATOM   1015 C  CD1 . LEU A 1 129 ? -5.332  -5.123  -7.247  1.00 20.07 ? 129 LEU A CD1 1 
ATOM   1016 C  CD2 . LEU A 1 129 ? -7.663  -4.355  -7.749  1.00 22.01 ? 129 LEU A CD2 1 
ATOM   1017 N  N   . ASP A 1 130 ? -6.790  -1.885  -11.748 1.00 23.63 ? 130 ASP A N   1 
ATOM   1018 C  CA  . ASP A 1 130 ? -6.384  -0.730  -12.545 1.00 23.76 ? 130 ASP A CA  1 
ATOM   1019 C  C   . ASP A 1 130 ? -5.306  0.066   -11.821 1.00 25.44 ? 130 ASP A C   1 
ATOM   1020 O  O   . ASP A 1 130 ? -4.328  0.512   -12.430 1.00 24.42 ? 130 ASP A O   1 
ATOM   1021 C  CB  . ASP A 1 130 ? -7.582  0.179   -12.831 1.00 23.39 ? 130 ASP A CB  1 
ATOM   1022 C  CG  . ASP A 1 130 ? -8.540  -0.415  -13.844 1.00 24.97 ? 130 ASP A CG  1 
ATOM   1023 O  OD1 . ASP A 1 130 ? -8.066  -1.074  -14.795 1.00 25.26 ? 130 ASP A OD1 1 
ATOM   1024 O  OD2 . ASP A 1 130 ? -9.767  -0.216  -13.694 1.00 25.19 ? 130 ASP A OD2 1 
ATOM   1025 N  N   . LEU A 1 131 ? -5.492  0.235   -10.514 1.00 23.98 ? 131 LEU A N   1 
ATOM   1026 C  CA  . LEU A 1 131 ? -4.579  1.023   -9.693  1.00 22.48 ? 131 LEU A CA  1 
ATOM   1027 C  C   . LEU A 1 131 ? -4.369  0.397   -8.315  1.00 22.75 ? 131 LEU A C   1 
ATOM   1028 O  O   . LEU A 1 131 ? -5.328  0.053   -7.621  1.00 21.64 ? 131 LEU A O   1 
ATOM   1029 C  CB  . LEU A 1 131 ? -5.111  2.448   -9.533  1.00 21.85 ? 131 LEU A CB  1 
ATOM   1030 C  CG  . LEU A 1 131 ? -4.433  3.284   -8.447  1.00 21.65 ? 131 LEU A CG  1 
ATOM   1031 C  CD1 . LEU A 1 131 ? -3.106  3.815   -8.941  1.00 22.83 ? 131 LEU A CD1 1 
ATOM   1032 C  CD2 . LEU A 1 131 ? -5.326  4.427   -8.022  1.00 23.31 ? 131 LEU A CD2 1 
ATOM   1033 N  N   . ILE A 1 132 ? -3.107  0.266   -7.919  1.00 23.38 ? 132 ILE A N   1 
ATOM   1034 C  CA  . ILE A 1 132 ? -2.760  -0.234  -6.597  1.00 21.05 ? 132 ILE A CA  1 
ATOM   1035 C  C   . ILE A 1 132 ? -2.087  0.858   -5.766  1.00 21.31 ? 132 ILE A C   1 
ATOM   1036 O  O   . ILE A 1 132 ? -1.021  1.347   -6.134  1.00 22.68 ? 132 ILE A O   1 
ATOM   1037 C  CB  . ILE A 1 132 ? -1.792  -1.416  -6.703  1.00 20.48 ? 132 ILE A CB  1 
ATOM   1038 C  CG1 . ILE A 1 132 ? -2.326  -2.454  -7.690  1.00 19.27 ? 132 ILE A CG1 1 
ATOM   1039 C  CG2 . ILE A 1 132 ? -1.540  -2.026  -5.328  1.00 22.82 ? 132 ILE A CG2 1 
ATOM   1040 C  CD1 . ILE A 1 132 ? -1.347  -3.562  -7.999  1.00 19.52 ? 132 ILE A CD1 1 
ATOM   1041 N  N   . PHE A 1 133 ? -2.707  1.252   -4.657  1.00 20.43 ? 133 PHE A N   1 
ATOM   1042 C  CA  . PHE A 1 133 ? -2.060  2.187   -3.739  1.00 19.99 ? 133 PHE A CA  1 
ATOM   1043 C  C   . PHE A 1 133 ? -1.041  1.426   -2.908  1.00 21.94 ? 133 PHE A C   1 
ATOM   1044 O  O   . PHE A 1 133 ? -1.369  0.440   -2.251  1.00 21.68 ? 133 PHE A O   1 
ATOM   1045 C  CB  . PHE A 1 133 ? -3.075  2.876   -2.835  1.00 19.95 ? 133 PHE A CB  1 
ATOM   1046 C  CG  . PHE A 1 133 ? -3.830  3.977   -3.507  1.00 19.93 ? 133 PHE A CG  1 
ATOM   1047 C  CD1 . PHE A 1 133 ? -3.233  5.203   -3.730  1.00 19.95 ? 133 PHE A CD1 1 
ATOM   1048 C  CD2 . PHE A 1 133 ? -5.138  3.793   -3.913  1.00 20.85 ? 133 PHE A CD2 1 
ATOM   1049 C  CE1 . PHE A 1 133 ? -3.923  6.219   -4.348  1.00 19.75 ? 133 PHE A CE1 1 
ATOM   1050 C  CE2 . PHE A 1 133 ? -5.833  4.811   -4.531  1.00 19.76 ? 133 PHE A CE2 1 
ATOM   1051 C  CZ  . PHE A 1 133 ? -5.223  6.023   -4.747  1.00 19.10 ? 133 PHE A CZ  1 
ATOM   1052 N  N   . MET A 1 134 ? 0.201   1.887   -2.944  1.00 22.11 ? 134 MET A N   1 
ATOM   1053 C  CA  . MET A 1 134 ? 1.302   1.130   -2.373  1.00 22.65 ? 134 MET A CA  1 
ATOM   1054 C  C   . MET A 1 134 ? 1.787   1.703   -1.049  1.00 23.90 ? 134 MET A C   1 
ATOM   1055 O  O   . MET A 1 134 ? 2.117   2.886   -0.960  1.00 24.46 ? 134 MET A O   1 
ATOM   1056 C  CB  . MET A 1 134 ? 2.458   1.086   -3.368  1.00 23.85 ? 134 MET A CB  1 
ATOM   1057 C  CG  . MET A 1 134 ? 2.111   0.422   -4.683  1.00 22.45 ? 134 MET A CG  1 
ATOM   1058 S  SD  . MET A 1 134 ? 2.316   -1.359  -4.575  1.00 27.01 ? 134 MET A SD  1 
ATOM   1059 C  CE  . MET A 1 134 ? 3.996   -1.446  -3.968  1.00 25.24 ? 134 MET A CE  1 
ATOM   1060 N  N   . PRO A 1 135 ? 1.837   0.858   -0.012  1.00 24.08 ? 135 PRO A N   1 
ATOM   1061 C  CA  . PRO A 1 135 ? 2.400   1.238   1.283   1.00 25.23 ? 135 PRO A CA  1 
ATOM   1062 C  C   . PRO A 1 135 ? 3.909   1.051   1.256   1.00 26.85 ? 135 PRO A C   1 
ATOM   1063 O  O   . PRO A 1 135 ? 4.450   0.676   0.217   1.00 26.93 ? 135 PRO A O   1 
ATOM   1064 C  CB  . PRO A 1 135 ? 1.767   0.233   2.238   1.00 24.36 ? 135 PRO A CB  1 
ATOM   1065 C  CG  . PRO A 1 135 ? 1.533   -0.968  1.415   1.00 23.24 ? 135 PRO A CG  1 
ATOM   1066 C  CD  . PRO A 1 135 ? 1.351   -0.532  -0.013  1.00 24.22 ? 135 PRO A CD  1 
ATOM   1067 N  N   . GLY A 1 136 ? 4.577   1.312   2.374   1.00 27.43 ? 136 GLY A N   1 
ATOM   1068 C  CA  . GLY A 1 136 ? 6.014   1.144   2.448   1.00 26.46 ? 136 GLY A CA  1 
ATOM   1069 C  C   . GLY A 1 136 ? 6.651   2.038   3.488   1.00 29.31 ? 136 GLY A C   1 
ATOM   1070 O  O   . GLY A 1 136 ? 6.142   3.118   3.788   1.00 29.07 ? 136 GLY A O   1 
ATOM   1071 N  N   . LEU A 1 137 ? 7.771   1.583   4.040   1.00 30.72 ? 137 LEU A N   1 
ATOM   1072 C  CA  . LEU A 1 137 ? 8.513   2.358   5.022   1.00 28.71 ? 137 LEU A CA  1 
ATOM   1073 C  C   . LEU A 1 137 ? 9.170   3.572   4.387   1.00 28.99 ? 137 LEU A C   1 
ATOM   1074 O  O   . LEU A 1 137 ? 9.152   4.659   4.956   1.00 31.74 ? 137 LEU A O   1 
ATOM   1075 C  CB  . LEU A 1 137 ? 9.570   1.494   5.707   1.00 28.86 ? 137 LEU A CB  1 
ATOM   1076 C  CG  . LEU A 1 137 ? 9.037   0.512   6.742   1.00 29.20 ? 137 LEU A CG  1 
ATOM   1077 C  CD1 . LEU A 1 137 ? 10.191  -0.149  7.462   1.00 31.84 ? 137 LEU A CD1 1 
ATOM   1078 C  CD2 . LEU A 1 137 ? 8.126   1.232   7.724   1.00 30.33 ? 137 LEU A CD2 1 
ATOM   1079 N  N   . GLY A 1 138 ? 9.753   3.385   3.208   1.00 29.44 ? 138 GLY A N   1 
ATOM   1080 C  CA  . GLY A 1 138 ? 10.432  4.473   2.531   1.00 30.29 ? 138 GLY A CA  1 
ATOM   1081 C  C   . GLY A 1 138 ? 10.480  4.337   1.023   1.00 29.90 ? 138 GLY A C   1 
ATOM   1082 O  O   . GLY A 1 138 ? 10.407  3.240   0.478   1.00 29.98 ? 138 GLY A O   1 
ATOM   1083 N  N   . PHE A 1 139 ? 10.596  5.472   0.346   1.00 31.09 ? 139 PHE A N   1 
ATOM   1084 C  CA  . PHE A 1 139 ? 10.739  5.496   -1.100  1.00 30.23 ? 139 PHE A CA  1 
ATOM   1085 C  C   . PHE A 1 139 ? 11.751  6.568   -1.463  1.00 32.59 ? 139 PHE A C   1 
ATOM   1086 O  O   . PHE A 1 139 ? 11.890  7.560   -0.751  1.00 34.10 ? 139 PHE A O   1 
ATOM   1087 C  CB  . PHE A 1 139 ? 9.410   5.835   -1.772  1.00 30.29 ? 139 PHE A CB  1 
ATOM   1088 C  CG  . PHE A 1 139 ? 8.240   5.047   -1.256  1.00 30.88 ? 139 PHE A CG  1 
ATOM   1089 C  CD1 . PHE A 1 139 ? 7.790   3.928   -1.934  1.00 30.38 ? 139 PHE A CD1 1 
ATOM   1090 C  CD2 . PHE A 1 139 ? 7.576   5.440   -0.107  1.00 28.83 ? 139 PHE A CD2 1 
ATOM   1091 C  CE1 . PHE A 1 139 ? 6.707   3.210   -1.470  1.00 27.37 ? 139 PHE A CE1 1 
ATOM   1092 C  CE2 . PHE A 1 139 ? 6.494   4.723   0.360   1.00 28.75 ? 139 PHE A CE2 1 
ATOM   1093 C  CZ  . PHE A 1 139 ? 6.062   3.605   -0.323  1.00 27.60 ? 139 PHE A CZ  1 
ATOM   1094 N  N   . ASP A 1 140 ? 12.457  6.371   -2.568  1.00 32.62 ? 140 ASP A N   1 
ATOM   1095 C  CA  . ASP A 1 140 ? 13.297  7.428   -3.113  1.00 32.73 ? 140 ASP A CA  1 
ATOM   1096 C  C   . ASP A 1 140 ? 12.648  7.978   -4.381  1.00 33.42 ? 140 ASP A C   1 
ATOM   1097 O  O   . ASP A 1 140 ? 11.741  7.363   -4.938  1.00 33.17 ? 140 ASP A O   1 
ATOM   1098 C  CB  . ASP A 1 140 ? 14.724  6.932   -3.375  1.00 32.87 ? 140 ASP A CB  1 
ATOM   1099 C  CG  . ASP A 1 140 ? 14.789  5.846   -4.432  1.00 34.20 ? 140 ASP A CG  1 
ATOM   1100 O  OD1 . ASP A 1 140 ? 13.796  5.656   -5.163  1.00 35.08 ? 140 ASP A OD1 1 
ATOM   1101 O  OD2 . ASP A 1 140 ? 15.839  5.180   -4.537  1.00 33.22 ? 140 ASP A OD2 1 
ATOM   1102 N  N   . LYS A 1 141 ? 13.103  9.141   -4.829  1.00 35.22 ? 141 LYS A N   1 
ATOM   1103 C  CA  . LYS A 1 141 ? 12.518  9.775   -6.004  1.00 34.54 ? 141 LYS A CA  1 
ATOM   1104 C  C   . LYS A 1 141 ? 12.789  8.985   -7.284  1.00 33.07 ? 141 LYS A C   1 
ATOM   1105 O  O   . LYS A 1 141 ? 12.118  9.181   -8.294  1.00 29.79 ? 141 LYS A O   1 
ATOM   1106 C  CB  . LYS A 1 141 ? 13.024  11.213  -6.138  1.00 34.64 ? 141 LYS A CB  1 
ATOM   1107 C  CG  . LYS A 1 141 ? 12.579  12.130  -5.005  1.00 35.30 ? 141 LYS A CG  1 
ATOM   1108 C  CD  . LYS A 1 141 ? 13.156  13.532  -5.150  1.00 33.74 ? 141 LYS A CD  1 
ATOM   1109 C  CE  . LYS A 1 141 ? 12.788  14.401  -3.961  1.00 35.85 ? 141 LYS A CE  1 
ATOM   1110 N  NZ  . LYS A 1 141 ? 13.474  15.723  -4.007  1.00 40.98 ? 141 LYS A NZ  1 
ATOM   1111 N  N   . HIS A 1 142 ? 13.778  8.097   -7.233  1.00 36.21 ? 142 HIS A N   1 
ATOM   1112 C  CA  . HIS A 1 142 ? 14.096  7.237   -8.368  1.00 36.20 ? 142 HIS A CA  1 
ATOM   1113 C  C   . HIS A 1 142 ? 13.021  6.154   -8.526  1.00 35.28 ? 142 HIS A C   1 
ATOM   1114 O  O   . HIS A 1 142 ? 13.011  5.415   -9.513  1.00 32.35 ? 142 HIS A O   1 
ATOM   1115 C  CB  . HIS A 1 142 ? 15.484  6.595   -8.209  1.00 37.34 ? 142 HIS A CB  1 
ATOM   1116 C  CG  . HIS A 1 142 ? 16.612  7.582   -8.097  1.00 39.61 ? 142 HIS A CG  1 
ATOM   1117 N  ND1 . HIS A 1 142 ? 17.044  8.088   -6.892  1.00 42.29 ? 142 HIS A ND1 1 
ATOM   1118 C  CD2 . HIS A 1 142 ? 17.412  8.131   -9.044  1.00 40.66 ? 142 HIS A CD2 1 
ATOM   1119 C  CE1 . HIS A 1 142 ? 18.049  8.922   -7.097  1.00 37.98 ? 142 HIS A CE1 1 
ATOM   1120 N  NE2 . HIS A 1 142 ? 18.295  8.963   -8.394  1.00 41.22 ? 142 HIS A NE2 1 
ATOM   1121 N  N   . GLY A 1 143 ? 12.124  6.061   -7.544  1.00 34.59 ? 143 GLY A N   1 
ATOM   1122 C  CA  . GLY A 1 143 ? 10.969  5.181   -7.632  1.00 32.31 ? 143 GLY A CA  1 
ATOM   1123 C  C   . GLY A 1 143 ? 10.991  3.941   -6.753  1.00 32.85 ? 143 GLY A C   1 
ATOM   1124 O  O   . GLY A 1 143 ? 9.981   3.253   -6.620  1.00 32.29 ? 143 GLY A O   1 
ATOM   1125 N  N   . ASN A 1 144 ? 12.138  3.649   -6.148  1.00 33.71 ? 144 ASN A N   1 
ATOM   1126 C  CA  . ASN A 1 144 ? 12.296  2.433   -5.353  1.00 32.19 ? 144 ASN A CA  1 
ATOM   1127 C  C   . ASN A 1 144 ? 11.455  2.415   -4.077  1.00 33.79 ? 144 ASN A C   1 
ATOM   1128 O  O   . ASN A 1 144 ? 11.035  3.463   -3.583  1.00 35.02 ? 144 ASN A O   1 
ATOM   1129 C  CB  . ASN A 1 144 ? 13.772  2.204   -5.024  1.00 32.01 ? 144 ASN A CB  1 
ATOM   1130 C  CG  . ASN A 1 144 ? 14.586  1.841   -6.248  1.00 32.36 ? 144 ASN A CG  1 
ATOM   1131 O  OD1 . ASN A 1 144 ? 15.391  2.638   -6.728  1.00 34.18 ? 144 ASN A OD1 1 
ATOM   1132 N  ND2 . ASN A 1 144 ? 14.366  0.639   -6.772  1.00 31.83 ? 144 ASN A ND2 1 
ATOM   1133 N  N   . ARG A 1 145 ? 11.213  1.219   -3.549  1.00 33.60 ? 145 ARG A N   1 
ATOM   1134 C  CA  . ARG A 1 145 ? 10.386  1.063   -2.357  1.00 31.64 ? 145 ARG A CA  1 
ATOM   1135 C  C   . ARG A 1 145 ? 11.121  0.313   -1.254  1.00 30.73 ? 145 ARG A C   1 
ATOM   1136 O  O   . ARG A 1 145 ? 11.856  -0.637  -1.514  1.00 30.26 ? 145 ARG A O   1 
ATOM   1137 C  CB  . ARG A 1 145 ? 9.075   0.338   -2.697  1.00 30.41 ? 145 ARG A CB  1 
ATOM   1138 C  CG  . ARG A 1 145 ? 8.017   0.401   -1.597  1.00 30.63 ? 145 ARG A CG  1 
ATOM   1139 C  CD  . ARG A 1 145 ? 6.727   -0.315  -1.988  1.00 27.92 ? 145 ARG A CD  1 
ATOM   1140 N  NE  . ARG A 1 145 ? 6.809   -1.751  -1.733  1.00 32.75 ? 145 ARG A NE  1 
ATOM   1141 C  CZ  . ARG A 1 145 ? 6.196   -2.374  -0.731  1.00 30.14 ? 145 ARG A CZ  1 
ATOM   1142 N  NH1 . ARG A 1 145 ? 5.434   -1.699  0.114   1.00 27.50 ? 145 ARG A NH1 1 
ATOM   1143 N  NH2 . ARG A 1 145 ? 6.338   -3.681  -0.579  1.00 30.48 ? 145 ARG A NH2 1 
ATOM   1144 N  N   . LEU A 1 146 ? 10.925  0.754   -0.019  1.00 31.49 ? 146 LEU A N   1 
ATOM   1145 C  CA  . LEU A 1 146 ? 11.389  0.008   1.138   1.00 31.68 ? 146 LEU A CA  1 
ATOM   1146 C  C   . LEU A 1 146 ? 10.182  -0.633  1.806   1.00 31.59 ? 146 LEU A C   1 
ATOM   1147 O  O   . LEU A 1 146 ? 9.432   0.029   2.519   1.00 30.19 ? 146 LEU A O   1 
ATOM   1148 C  CB  . LEU A 1 146 ? 12.128  0.917   2.118   1.00 31.10 ? 146 LEU A CB  1 
ATOM   1149 C  CG  . LEU A 1 146 ? 12.761  0.229   3.330   1.00 30.77 ? 146 LEU A CG  1 
ATOM   1150 C  CD1 . LEU A 1 146 ? 13.341  -1.125  2.952   1.00 31.57 ? 146 LEU A CD1 1 
ATOM   1151 C  CD2 . LEU A 1 146 ? 13.823  1.120   3.953   1.00 31.19 ? 146 LEU A CD2 1 
ATOM   1152 N  N   . GLY A 1 147 ? 9.987   -1.919  1.547   1.00 33.32 ? 147 GLY A N   1 
ATOM   1153 C  CA  . GLY A 1 147 ? 8.865   -2.644  2.106   1.00 34.23 ? 147 GLY A CA  1 
ATOM   1154 C  C   . GLY A 1 147 ? 9.118   -3.006  3.552   1.00 35.21 ? 147 GLY A C   1 
ATOM   1155 O  O   . GLY A 1 147 ? 10.175  -2.699  4.103   1.00 35.08 ? 147 GLY A O   1 
ATOM   1156 N  N   . ARG A 1 148 ? 8.148   -3.666  4.171   1.00 38.82 ? 148 ARG A N   1 
ATOM   1157 C  CA  . ARG A 1 148 ? 8.278   -4.059  5.568   1.00 38.24 ? 148 ARG A CA  1 
ATOM   1158 C  C   . ARG A 1 148 ? 9.133   -5.313  5.718   1.00 40.80 ? 148 ARG A C   1 
ATOM   1159 O  O   . ARG A 1 148 ? 9.354   -5.790  6.828   1.00 43.43 ? 148 ARG A O   1 
ATOM   1160 C  CB  . ARG A 1 148 ? 6.904   -4.239  6.213   1.00 32.96 ? 148 ARG A CB  1 
ATOM   1161 C  CG  . ARG A 1 148 ? 6.096   -2.957  6.246   1.00 29.04 ? 148 ARG A CG  1 
ATOM   1162 C  CD  . ARG A 1 148 ? 4.895   -3.082  7.150   1.00 31.10 ? 148 ARG A CD  1 
ATOM   1163 N  NE  . ARG A 1 148 ? 4.168   -1.821  7.265   1.00 30.36 ? 148 ARG A NE  1 
ATOM   1164 C  CZ  . ARG A 1 148 ? 4.553   -0.806  8.030   1.00 31.76 ? 148 ARG A CZ  1 
ATOM   1165 N  NH1 . ARG A 1 148 ? 5.665   -0.899  8.745   1.00 35.38 ? 148 ARG A NH1 1 
ATOM   1166 N  NH2 . ARG A 1 148 ? 3.831   0.303   8.078   1.00 32.61 ? 148 ARG A NH2 1 
ATOM   1167 N  N   . GLY A 1 149 ? 9.613   -5.837  4.593   1.00 39.93 ? 149 GLY A N   1 
ATOM   1168 C  CA  . GLY A 1 149 ? 10.604  -6.897  4.606   1.00 40.09 ? 149 GLY A CA  1 
ATOM   1169 C  C   . GLY A 1 149 ? 10.097  -8.296  4.312   1.00 42.10 ? 149 GLY A C   1 
ATOM   1170 O  O   . GLY A 1 149 ? 10.893  -9.211  4.104   1.00 43.06 ? 149 GLY A O   1 
ATOM   1171 N  N   . LYS A 1 150 ? 8.780   -8.468  4.282   1.00 40.63 ? 150 LYS A N   1 
ATOM   1172 C  CA  . LYS A 1 150 ? 8.195   -9.798  4.125   1.00 39.68 ? 150 LYS A CA  1 
ATOM   1173 C  C   . LYS A 1 150 ? 7.881   -10.158 2.670   1.00 38.91 ? 150 LYS A C   1 
ATOM   1174 O  O   . LYS A 1 150 ? 7.542   -11.301 2.366   1.00 37.17 ? 150 LYS A O   1 
ATOM   1175 C  CB  . LYS A 1 150 ? 6.954   -9.937  5.004   1.00 39.59 ? 150 LYS A CB  1 
ATOM   1176 C  CG  . LYS A 1 150 ? 7.091   -9.242  6.352   1.00 44.80 ? 150 LYS A CG  1 
ATOM   1177 C  CD  . LYS A 1 150 ? 8.145   -9.895  7.244   1.00 51.85 ? 150 LYS A CD  1 
ATOM   1178 C  CE  . LYS A 1 150 ? 8.599   -8.943  8.352   1.00 50.50 ? 150 LYS A CE  1 
ATOM   1179 N  NZ  . LYS A 1 150 ? 9.131   -9.655  9.553   1.00 53.25 ? 150 LYS A NZ  1 
ATOM   1180 N  N   . GLY A 1 151 ? 7.995   -9.175  1.778   1.00 38.60 ? 151 GLY A N   1 
ATOM   1181 C  CA  . GLY A 1 151 ? 7.885   -9.409  0.348   1.00 35.20 ? 151 GLY A CA  1 
ATOM   1182 C  C   . GLY A 1 151 ? 6.477   -9.602  -0.178  1.00 32.53 ? 151 GLY A C   1 
ATOM   1183 O  O   . GLY A 1 151 ? 6.277   -10.207 -1.227  1.00 32.20 ? 151 GLY A O   1 
ATOM   1184 N  N   . TYR A 1 152 ? 5.496   -9.077  0.544   1.00 33.64 ? 152 TYR A N   1 
ATOM   1185 C  CA  . TYR A 1 152 ? 4.101   -9.280  0.174   1.00 32.11 ? 152 TYR A CA  1 
ATOM   1186 C  C   . TYR A 1 152 ? 3.735   -8.608  -1.143  1.00 30.61 ? 152 TYR A C   1 
ATOM   1187 O  O   . TYR A 1 152 ? 3.149   -9.241  -2.021  1.00 29.34 ? 152 TYR A O   1 
ATOM   1188 C  CB  . TYR A 1 152 ? 3.165   -8.804  1.291   1.00 30.90 ? 152 TYR A CB  1 
ATOM   1189 C  CG  . TYR A 1 152 ? 3.056   -9.763  2.454   1.00 30.67 ? 152 TYR A CG  1 
ATOM   1190 C  CD1 . TYR A 1 152 ? 3.659   -9.484  3.671   1.00 32.22 ? 152 TYR A CD1 1 
ATOM   1191 C  CD2 . TYR A 1 152 ? 2.347   -10.952 2.333   1.00 30.98 ? 152 TYR A CD2 1 
ATOM   1192 C  CE1 . TYR A 1 152 ? 3.559   -10.359 4.735   1.00 32.44 ? 152 TYR A CE1 1 
ATOM   1193 C  CE2 . TYR A 1 152 ? 2.241   -11.833 3.392   1.00 30.61 ? 152 TYR A CE2 1 
ATOM   1194 C  CZ  . TYR A 1 152 ? 2.850   -11.532 4.587   1.00 31.84 ? 152 TYR A CZ  1 
ATOM   1195 O  OH  . TYR A 1 152 ? 2.749   -12.408 5.640   1.00 34.75 ? 152 TYR A OH  1 
ATOM   1196 N  N   . TYR A 1 153 ? 4.078   -7.329  -1.280  1.00 31.30 ? 153 TYR A N   1 
ATOM   1197 C  CA  . TYR A 1 153 ? 3.681   -6.562  -2.460  1.00 27.76 ? 153 TYR A CA  1 
ATOM   1198 C  C   . TYR A 1 153 ? 4.477   -6.915  -3.708  1.00 31.06 ? 153 TYR A C   1 
ATOM   1199 O  O   . TYR A 1 153 ? 3.907   -7.031  -4.792  1.00 31.84 ? 153 TYR A O   1 
ATOM   1200 C  CB  . TYR A 1 153 ? 3.736   -5.060  -2.186  1.00 25.61 ? 153 TYR A CB  1 
ATOM   1201 C  CG  . TYR A 1 153 ? 2.428   -4.515  -1.673  1.00 25.82 ? 153 TYR A CG  1 
ATOM   1202 C  CD1 . TYR A 1 153 ? 2.208   -4.345  -0.313  1.00 27.07 ? 153 TYR A CD1 1 
ATOM   1203 C  CD2 . TYR A 1 153 ? 1.399   -4.192  -2.549  1.00 24.60 ? 153 TYR A CD2 1 
ATOM   1204 C  CE1 . TYR A 1 153 ? 1.004   -3.857  0.161   1.00 23.45 ? 153 TYR A CE1 1 
ATOM   1205 C  CE2 . TYR A 1 153 ? 0.192   -3.701  -2.084  1.00 22.86 ? 153 TYR A CE2 1 
ATOM   1206 C  CZ  . TYR A 1 153 ? 0.001   -3.535  -0.728  1.00 21.74 ? 153 TYR A CZ  1 
ATOM   1207 O  OH  . TYR A 1 153 ? -1.195  -3.046  -0.260  1.00 18.97 ? 153 TYR A OH  1 
ATOM   1208 N  N   . ASP A 1 154 ? 5.787   -7.087  -3.556  1.00 31.96 ? 154 ASP A N   1 
ATOM   1209 C  CA  . ASP A 1 154 ? 6.629   -7.498  -4.674  1.00 30.99 ? 154 ASP A CA  1 
ATOM   1210 C  C   . ASP A 1 154 ? 6.074   -8.768  -5.302  1.00 29.84 ? 154 ASP A C   1 
ATOM   1211 O  O   . ASP A 1 154 ? 6.009   -8.894  -6.524  1.00 30.37 ? 154 ASP A O   1 
ATOM   1212 C  CB  . ASP A 1 154 ? 8.071   -7.734  -4.215  1.00 33.38 ? 154 ASP A CB  1 
ATOM   1213 C  CG  . ASP A 1 154 ? 8.678   -6.520  -3.533  1.00 38.14 ? 154 ASP A CG  1 
ATOM   1214 O  OD1 . ASP A 1 154 ? 9.652   -5.961  -4.081  1.00 39.06 ? 154 ASP A OD1 1 
ATOM   1215 O  OD2 . ASP A 1 154 ? 8.183   -6.123  -2.454  1.00 37.77 ? 154 ASP A OD2 1 
ATOM   1216 N  N   . ALA A 1 155 ? 5.670   -9.705  -4.451  1.00 29.70 ? 155 ALA A N   1 
ATOM   1217 C  CA  . ALA A 1 155 ? 5.161   -10.992 -4.911  1.00 30.07 ? 155 ALA A CA  1 
ATOM   1218 C  C   . ALA A 1 155 ? 3.813   -10.838 -5.594  1.00 30.37 ? 155 ALA A C   1 
ATOM   1219 O  O   . ALA A 1 155 ? 3.549   -11.472 -6.618  1.00 31.90 ? 155 ALA A O   1 
ATOM   1220 C  CB  . ALA A 1 155 ? 5.056   -11.968 -3.751  1.00 28.80 ? 155 ALA A CB  1 
ATOM   1221 N  N   . TYR A 1 156 ? 2.962   -9.993  -5.021  1.00 30.02 ? 156 TYR A N   1 
ATOM   1222 C  CA  . TYR A 1 156 ? 1.626   -9.785  -5.559  1.00 27.98 ? 156 TYR A CA  1 
ATOM   1223 C  C   . TYR A 1 156 ? 1.656   -9.106  -6.932  1.00 29.00 ? 156 TYR A C   1 
ATOM   1224 O  O   . TYR A 1 156 ? 0.917   -9.492  -7.837  1.00 28.48 ? 156 TYR A O   1 
ATOM   1225 C  CB  . TYR A 1 156 ? 0.758   -8.991  -4.580  1.00 25.61 ? 156 TYR A CB  1 
ATOM   1226 C  CG  . TYR A 1 156 ? -0.662  -8.848  -5.060  1.00 24.66 ? 156 TYR A CG  1 
ATOM   1227 C  CD1 . TYR A 1 156 ? -1.576  -9.874  -4.888  1.00 23.10 ? 156 TYR A CD1 1 
ATOM   1228 C  CD2 . TYR A 1 156 ? -1.080  -7.699  -5.719  1.00 24.94 ? 156 TYR A CD2 1 
ATOM   1229 C  CE1 . TYR A 1 156 ? -2.873  -9.757  -5.344  1.00 23.85 ? 156 TYR A CE1 1 
ATOM   1230 C  CE2 . TYR A 1 156 ? -2.374  -7.571  -6.178  1.00 22.48 ? 156 TYR A CE2 1 
ATOM   1231 C  CZ  . TYR A 1 156 ? -3.266  -8.603  -5.989  1.00 22.81 ? 156 TYR A CZ  1 
ATOM   1232 O  OH  . TYR A 1 156 ? -4.556  -8.483  -6.443  1.00 22.46 ? 156 TYR A OH  1 
ATOM   1233 N  N   . LEU A 1 157 ? 2.513   -8.099  -7.081  1.00 29.62 ? 157 LEU A N   1 
ATOM   1234 C  CA  . LEU A 1 157 ? 2.642   -7.375  -8.344  1.00 28.99 ? 157 LEU A CA  1 
ATOM   1235 C  C   . LEU A 1 157 ? 3.029   -8.304  -9.487  1.00 30.50 ? 157 LEU A C   1 
ATOM   1236 O  O   . LEU A 1 157 ? 2.543   -8.167  -10.608 1.00 32.20 ? 157 LEU A O   1 
ATOM   1237 C  CB  . LEU A 1 157 ? 3.681   -6.261  -8.221  1.00 30.36 ? 157 LEU A CB  1 
ATOM   1238 C  CG  . LEU A 1 157 ? 3.461   -5.220  -7.124  1.00 30.09 ? 157 LEU A CG  1 
ATOM   1239 C  CD1 . LEU A 1 157 ? 4.545   -4.153  -7.188  1.00 30.69 ? 157 LEU A CD1 1 
ATOM   1240 C  CD2 . LEU A 1 157 ? 2.080   -4.596  -7.238  1.00 28.25 ? 157 LEU A CD2 1 
ATOM   1241 N  N   . LYS A 1 158 ? 3.915   -9.246  -9.195  1.00 29.90 ? 158 LYS A N   1 
ATOM   1242 C  CA  . LYS A 1 158 ? 4.321   -10.234 -10.180 1.00 29.85 ? 158 LYS A CA  1 
ATOM   1243 C  C   . LYS A 1 158 ? 3.142   -11.120 -10.579 1.00 32.07 ? 158 LYS A C   1 
ATOM   1244 O  O   . LYS A 1 158 ? 3.042   -11.550 -11.729 1.00 36.04 ? 158 LYS A O   1 
ATOM   1245 C  CB  . LYS A 1 158 ? 5.493   -11.065 -9.651  1.00 32.97 ? 158 LYS A CB  1 
ATOM   1246 C  CG  . LYS A 1 158 ? 6.752   -10.230 -9.443  1.00 36.97 ? 158 LYS A CG  1 
ATOM   1247 C  CD  . LYS A 1 158 ? 7.877   -11.002 -8.773  1.00 36.08 ? 158 LYS A CD  1 
ATOM   1248 C  CE  . LYS A 1 158 ? 9.087   -10.096 -8.580  1.00 39.64 ? 158 LYS A CE  1 
ATOM   1249 N  NZ  . LYS A 1 158 ? 10.147  -10.720 -7.748  1.00 46.21 ? 158 LYS A NZ  1 
ATOM   1250 N  N   . ARG A 1 159 ? 2.245   -11.384 -9.633  1.00 31.08 ? 159 ARG A N   1 
ATOM   1251 C  CA  . ARG A 1 159 ? 1.029   -12.128 -9.938  1.00 30.41 ? 159 ARG A CA  1 
ATOM   1252 C  C   . ARG A 1 159 ? 0.135   -11.314 -10.855 1.00 31.87 ? 159 ARG A C   1 
ATOM   1253 O  O   . ARG A 1 159 ? -0.508  -11.857 -11.753 1.00 33.52 ? 159 ARG A O   1 
ATOM   1254 C  CB  . ARG A 1 159 ? 0.268   -12.483 -8.663  1.00 29.45 ? 159 ARG A CB  1 
ATOM   1255 C  CG  . ARG A 1 159 ? 0.611   -13.843 -8.085  1.00 30.02 ? 159 ARG A CG  1 
ATOM   1256 C  CD  . ARG A 1 159 ? -0.129  -14.071 -6.772  1.00 30.27 ? 159 ARG A CD  1 
ATOM   1257 N  NE  . ARG A 1 159 ? -1.566  -14.256 -6.955  1.00 26.09 ? 159 ARG A NE  1 
ATOM   1258 C  CZ  . ARG A 1 159 ? -2.463  -14.070 -5.993  1.00 24.17 ? 159 ARG A CZ  1 
ATOM   1259 N  NH1 . ARG A 1 159 ? -2.067  -13.679 -4.791  1.00 24.26 ? 159 ARG A NH1 1 
ATOM   1260 N  NH2 . ARG A 1 159 ? -3.752  -14.264 -6.236  1.00 22.23 ? 159 ARG A NH2 1 
ATOM   1261 N  N   . CYS A 1 160 ? 0.092   -10.007 -10.615 1.00 31.47 ? 160 CYS A N   1 
ATOM   1262 C  CA  . CYS A 1 160 ? -0.673  -9.095  -11.454 1.00 32.41 ? 160 CYS A CA  1 
ATOM   1263 C  C   . CYS A 1 160 ? -0.165  -9.118  -12.887 1.00 33.22 ? 160 CYS A C   1 
ATOM   1264 O  O   . CYS A 1 160 ? -0.931  -9.327  -13.827 1.00 33.46 ? 160 CYS A O   1 
ATOM   1265 C  CB  . CYS A 1 160 ? -0.584  -7.673  -10.911 1.00 32.57 ? 160 CYS A CB  1 
ATOM   1266 S  SG  . CYS A 1 160 ? -1.791  -7.292  -9.651  1.00 28.19 ? 160 CYS A SG  1 
ATOM   1267 N  N   . LEU A 1 161 ? 1.132   -8.889  -13.045 1.00 32.03 ? 161 LEU A N   1 
ATOM   1268 C  CA  . LEU A 1 161 ? 1.755   -8.937  -14.359 1.00 33.93 ? 161 LEU A CA  1 
ATOM   1269 C  C   . LEU A 1 161 ? 1.208   -10.102 -15.184 1.00 36.14 ? 161 LEU A C   1 
ATOM   1270 O  O   . LEU A 1 161 ? 0.892   -9.945  -16.363 1.00 38.40 ? 161 LEU A O   1 
ATOM   1271 C  CB  . LEU A 1 161 ? 3.272   -9.035  -14.223 1.00 32.73 ? 161 LEU A CB  1 
ATOM   1272 C  CG  . LEU A 1 161 ? 4.015   -7.708  -14.067 1.00 31.57 ? 161 LEU A CG  1 
ATOM   1273 C  CD1 . LEU A 1 161 ? 3.175   -6.689  -13.321 1.00 32.32 ? 161 LEU A CD1 1 
ATOM   1274 C  CD2 . LEU A 1 161 ? 5.355   -7.926  -13.378 1.00 35.85 ? 161 LEU A CD2 1 
ATOM   1275 N  N   . GLN A 1 162 ? 1.083   -11.267 -14.555 1.00 34.49 ? 162 GLN A N   1 
ATOM   1276 C  CA  . GLN A 1 162 ? 0.525   -12.436 -15.228 1.00 34.53 ? 162 GLN A CA  1 
ATOM   1277 C  C   . GLN A 1 162 ? -0.919  -12.216 -15.670 1.00 35.78 ? 162 GLN A C   1 
ATOM   1278 O  O   . GLN A 1 162 ? -1.199  -12.108 -16.860 1.00 42.45 ? 162 GLN A O   1 
ATOM   1279 C  CB  . GLN A 1 162 ? 0.604   -13.668 -14.326 1.00 36.33 ? 162 GLN A CB  1 
ATOM   1280 C  CG  . GLN A 1 162 ? 1.897   -14.451 -14.450 1.00 35.44 ? 162 GLN A CG  1 
ATOM   1281 C  CD  . GLN A 1 162 ? 1.706   -15.919 -14.133 1.00 36.14 ? 162 GLN A CD  1 
ATOM   1282 O  OE1 . GLN A 1 162 ? 0.960   -16.276 -13.221 1.00 37.17 ? 162 GLN A OE1 1 
ATOM   1283 N  NE2 . GLN A 1 162 ? 2.373   -16.780 -14.893 1.00 36.02 ? 162 GLN A NE2 1 
ATOM   1284 N  N   . HIS A 1 163 ? -1.828  -12.166 -14.704 1.00 35.14 ? 163 HIS A N   1 
ATOM   1285 C  CA  . HIS A 1 163 ? -3.257  -12.034 -14.966 1.00 35.32 ? 163 HIS A CA  1 
ATOM   1286 C  C   . HIS A 1 163 ? -3.631  -10.919 -15.923 1.00 36.19 ? 163 HIS A C   1 
ATOM   1287 O  O   . HIS A 1 163 ? -4.634  -11.005 -16.632 1.00 39.03 ? 163 HIS A O   1 
ATOM   1288 C  CB  . HIS A 1 163 ? -3.992  -11.774 -13.660 1.00 33.67 ? 163 HIS A CB  1 
ATOM   1289 C  CG  . HIS A 1 163 ? -4.853  -12.914 -13.215 1.00 31.35 ? 163 HIS A CG  1 
ATOM   1290 N  ND1 . HIS A 1 163 ? -4.434  -13.847 -12.296 1.00 31.26 ? 163 HIS A ND1 1 
ATOM   1291 C  CD2 . HIS A 1 163 ? -6.118  -13.256 -13.555 1.00 31.11 ? 163 HIS A CD2 1 
ATOM   1292 C  CE1 . HIS A 1 163 ? -5.401  -14.720 -12.087 1.00 31.79 ? 163 HIS A CE1 1 
ATOM   1293 N  NE2 . HIS A 1 163 ? -6.436  -14.387 -12.838 1.00 31.93 ? 163 HIS A NE2 1 
ATOM   1294 N  N   . GLN A 1 164 ? -2.844  -9.852  -15.913 1.00 36.10 ? 164 GLN A N   1 
ATOM   1295 C  CA  . GLN A 1 164 ? -3.235  -8.631  -16.599 1.00 35.55 ? 164 GLN A CA  1 
ATOM   1296 C  C   . GLN A 1 164 ? -2.418  -8.392  -17.855 1.00 37.10 ? 164 GLN A C   1 
ATOM   1297 O  O   . GLN A 1 164 ? -1.202  -8.592  -17.871 1.00 35.28 ? 164 GLN A O   1 
ATOM   1298 C  CB  . GLN A 1 164 ? -3.121  -7.437  -15.646 1.00 33.67 ? 164 GLN A CB  1 
ATOM   1299 C  CG  . GLN A 1 164 ? -3.945  -7.601  -14.379 1.00 29.95 ? 164 GLN A CG  1 
ATOM   1300 C  CD  . GLN A 1 164 ? -3.810  -6.427  -13.432 1.00 28.95 ? 164 GLN A CD  1 
ATOM   1301 O  OE1 . GLN A 1 164 ? -3.833  -5.270  -13.848 1.00 29.25 ? 164 GLN A OE1 1 
ATOM   1302 N  NE2 . GLN A 1 164 ? -3.678  -6.722  -12.145 1.00 30.02 ? 164 GLN A NE2 1 
ATOM   1303 N  N   . GLU A 1 165 ? -3.109  -7.971  -18.909 1.00 39.30 ? 165 GLU A N   1 
ATOM   1304 C  CA  . GLU A 1 165 ? -2.463  -7.568  -20.148 1.00 41.52 ? 165 GLU A CA  1 
ATOM   1305 C  C   . GLU A 1 165 ? -1.557  -6.381  -19.845 1.00 40.29 ? 165 GLU A C   1 
ATOM   1306 O  O   . GLU A 1 165 ? -0.332  -6.480  -19.933 1.00 39.26 ? 165 GLU A O   1 
ATOM   1307 C  CB  . GLU A 1 165 ? -3.521  -7.179  -21.177 1.00 45.01 ? 165 GLU A CB  1 
ATOM   1308 C  CG  . GLU A 1 165 ? -4.853  -7.903  -20.985 1.00 47.24 ? 165 GLU A CG  1 
ATOM   1309 C  CD  . GLU A 1 165 ? -4.806  -9.356  -21.422 1.00 50.75 ? 165 GLU A CD  1 
ATOM   1310 O  OE1 . GLU A 1 165 ? -4.918  -10.245 -20.551 1.00 50.08 ? 165 GLU A OE1 1 
ATOM   1311 O  OE2 . GLU A 1 165 ? -4.652  -9.606  -22.637 1.00 52.85 ? 165 GLU A OE2 1 
ATOM   1312 N  N   . VAL A 1 166 ? -2.169  -5.262  -19.472 1.00 38.45 ? 166 VAL A N   1 
ATOM   1313 C  CA  . VAL A 1 166 ? -1.424  -4.095  -19.016 1.00 37.38 ? 166 VAL A CA  1 
ATOM   1314 C  C   . VAL A 1 166 ? -1.278  -4.140  -17.500 1.00 38.12 ? 166 VAL A C   1 
ATOM   1315 O  O   . VAL A 1 166 ? -2.236  -4.445  -16.789 1.00 37.48 ? 166 VAL A O   1 
ATOM   1316 C  CB  . VAL A 1 166 ? -2.120  -2.782  -19.422 1.00 38.09 ? 166 VAL A CB  1 
ATOM   1317 C  CG1 . VAL A 1 166 ? -2.006  -2.562  -20.924 1.00 36.41 ? 166 VAL A CG1 1 
ATOM   1318 C  CG2 . VAL A 1 166 ? -3.577  -2.795  -18.986 1.00 37.19 ? 166 VAL A CG2 1 
ATOM   1319 N  N   . LYS A 1 167 ? -0.076  -3.848  -17.010 1.00 37.88 ? 167 LYS A N   1 
ATOM   1320 C  CA  . LYS A 1 167 ? 0.196   -3.876  -15.574 1.00 34.45 ? 167 LYS A CA  1 
ATOM   1321 C  C   . LYS A 1 167 ? -0.494  -2.716  -14.853 1.00 35.20 ? 167 LYS A C   1 
ATOM   1322 O  O   . LYS A 1 167 ? -0.665  -1.635  -15.423 1.00 34.82 ? 167 LYS A O   1 
ATOM   1323 C  CB  . LYS A 1 167 ? 1.704   -3.836  -15.312 1.00 35.38 ? 167 LYS A CB  1 
ATOM   1324 C  CG  . LYS A 1 167 ? 2.371   -2.520  -15.706 1.00 41.60 ? 167 LYS A CG  1 
ATOM   1325 C  CD  . LYS A 1 167 ? 3.883   -2.567  -15.509 1.00 44.73 ? 167 LYS A CD  1 
ATOM   1326 C  CE  . LYS A 1 167 ? 4.525   -1.231  -15.857 1.00 49.78 ? 167 LYS A CE  1 
ATOM   1327 N  NZ  . LYS A 1 167 ? 6.010   -1.264  -15.718 1.00 50.70 ? 167 LYS A NZ  1 
ATOM   1328 N  N   . PRO A 1 168 ? -0.894  -2.938  -13.592 1.00 33.74 ? 168 PRO A N   1 
ATOM   1329 C  CA  . PRO A 1 168 ? -1.558  -1.894  -12.804 1.00 29.60 ? 168 PRO A CA  1 
ATOM   1330 C  C   . PRO A 1 168 ? -0.637  -0.709  -12.553 1.00 27.08 ? 168 PRO A C   1 
ATOM   1331 O  O   . PRO A 1 168 ? 0.574   -0.884  -12.434 1.00 28.38 ? 168 PRO A O   1 
ATOM   1332 C  CB  . PRO A 1 168 ? -1.865  -2.595  -11.478 1.00 26.26 ? 168 PRO A CB  1 
ATOM   1333 C  CG  . PRO A 1 168 ? -1.828  -4.047  -11.784 1.00 29.81 ? 168 PRO A CG  1 
ATOM   1334 C  CD  . PRO A 1 168 ? -0.797  -4.208  -12.855 1.00 32.51 ? 168 PRO A CD  1 
ATOM   1335 N  N   . TYR A 1 169 ? -1.213  0.485   -12.478 1.00 24.78 ? 169 TYR A N   1 
ATOM   1336 C  CA  . TYR A 1 169 ? -0.459  1.667   -12.093 1.00 24.73 ? 169 TYR A CA  1 
ATOM   1337 C  C   . TYR A 1 169 ? -0.276  1.661   -10.574 1.00 23.95 ? 169 TYR A C   1 
ATOM   1338 O  O   . TYR A 1 169 ? -1.250  1.674   -9.826  1.00 24.10 ? 169 TYR A O   1 
ATOM   1339 C  CB  . TYR A 1 169 ? -1.197  2.928   -12.544 1.00 23.32 ? 169 TYR A CB  1 
ATOM   1340 C  CG  . TYR A 1 169 ? -0.333  4.165   -12.583 1.00 23.30 ? 169 TYR A CG  1 
ATOM   1341 C  CD1 . TYR A 1 169 ? 0.644   4.320   -13.553 1.00 22.66 ? 169 TYR A CD1 1 
ATOM   1342 C  CD2 . TYR A 1 169 ? -0.499  5.182   -11.654 1.00 23.93 ? 169 TYR A CD2 1 
ATOM   1343 C  CE1 . TYR A 1 169 ? 1.434   5.447   -13.595 1.00 22.74 ? 169 TYR A CE1 1 
ATOM   1344 C  CE2 . TYR A 1 169 ? 0.289   6.314   -11.689 1.00 23.28 ? 169 TYR A CE2 1 
ATOM   1345 C  CZ  . TYR A 1 169 ? 1.255   6.442   -12.661 1.00 22.66 ? 169 TYR A CZ  1 
ATOM   1346 O  OH  . TYR A 1 169 ? 2.046   7.569   -12.704 1.00 22.96 ? 169 TYR A OH  1 
ATOM   1347 N  N   . THR A 1 170 ? 0.973   1.619   -10.121 1.00 24.42 ? 170 THR A N   1 
ATOM   1348 C  CA  . THR A 1 170 ? 1.266   1.538   -8.689  1.00 23.78 ? 170 THR A CA  1 
ATOM   1349 C  C   . THR A 1 170 ? 1.561   2.910   -8.082  1.00 24.00 ? 170 THR A C   1 
ATOM   1350 O  O   . THR A 1 170 ? 2.563   3.546   -8.414  1.00 24.16 ? 170 THR A O   1 
ATOM   1351 C  CB  . THR A 1 170 ? 2.444   0.588   -8.403  1.00 22.47 ? 170 THR A CB  1 
ATOM   1352 O  OG1 . THR A 1 170 ? 3.597   1.022   -9.132  1.00 25.02 ? 170 THR A OG1 1 
ATOM   1353 C  CG2 . THR A 1 170 ? 2.100   -0.827  -8.821  1.00 21.94 ? 170 THR A CG2 1 
ATOM   1354 N  N   . LEU A 1 171 ? 0.689   3.353   -7.180  1.00 22.94 ? 171 LEU A N   1 
ATOM   1355 C  CA  . LEU A 1 171 ? 0.778   4.698   -6.623  1.00 22.50 ? 171 LEU A CA  1 
ATOM   1356 C  C   . LEU A 1 171 ? 1.178   4.692   -5.150  1.00 24.60 ? 171 LEU A C   1 
ATOM   1357 O  O   . LEU A 1 171 ? 0.393   4.307   -4.283  1.00 24.15 ? 171 LEU A O   1 
ATOM   1358 C  CB  . LEU A 1 171 ? -0.553  5.421   -6.796  1.00 22.27 ? 171 LEU A CB  1 
ATOM   1359 C  CG  . LEU A 1 171 ? -0.481  6.939   -6.697  1.00 23.99 ? 171 LEU A CG  1 
ATOM   1360 C  CD1 . LEU A 1 171 ? 0.715   7.451   -7.483  1.00 24.36 ? 171 LEU A CD1 1 
ATOM   1361 C  CD2 . LEU A 1 171 ? -1.775  7.564   -7.193  1.00 23.08 ? 171 LEU A CD2 1 
ATOM   1362 N  N   . ALA A 1 172 ? 2.400   5.135   -4.875  1.00 24.22 ? 172 ALA A N   1 
ATOM   1363 C  CA  . ALA A 1 172 ? 2.927   5.147   -3.518  1.00 22.68 ? 172 ALA A CA  1 
ATOM   1364 C  C   . ALA A 1 172 ? 2.549   6.423   -2.783  1.00 23.22 ? 172 ALA A C   1 
ATOM   1365 O  O   . ALA A 1 172 ? 2.813   7.522   -3.258  1.00 24.50 ? 172 ALA A O   1 
ATOM   1366 C  CB  . ALA A 1 172 ? 4.435   4.983   -3.542  1.00 25.60 ? 172 ALA A CB  1 
ATOM   1367 N  N   . LEU A 1 173 ? 1.931   6.271   -1.619  1.00 25.20 ? 173 LEU A N   1 
ATOM   1368 C  CA  . LEU A 1 173 ? 1.601   7.415   -0.777  1.00 24.84 ? 173 LEU A CA  1 
ATOM   1369 C  C   . LEU A 1 173 ? 2.589   7.471   0.379   1.00 24.10 ? 173 LEU A C   1 
ATOM   1370 O  O   . LEU A 1 173 ? 2.758   6.490   1.099   1.00 25.03 ? 173 LEU A O   1 
ATOM   1371 C  CB  . LEU A 1 173 ? 0.170   7.301   -0.258  1.00 24.07 ? 173 LEU A CB  1 
ATOM   1372 C  CG  . LEU A 1 173 ? -0.910  7.101   -1.325  1.00 21.77 ? 173 LEU A CG  1 
ATOM   1373 C  CD1 . LEU A 1 173 ? -2.267  6.859   -0.677  1.00 19.71 ? 173 LEU A CD1 1 
ATOM   1374 C  CD2 . LEU A 1 173 ? -0.960  8.289   -2.279  1.00 20.97 ? 173 LEU A CD2 1 
ATOM   1375 N  N   . ALA A 1 174 ? 3.245   8.616   0.550   1.00 23.94 ? 174 ALA A N   1 
ATOM   1376 C  CA  . ALA A 1 174 ? 4.345   8.723   1.503   1.00 25.27 ? 174 ALA A CA  1 
ATOM   1377 C  C   . ALA A 1 174 ? 4.433   10.080  2.203   1.00 28.72 ? 174 ALA A C   1 
ATOM   1378 O  O   . ALA A 1 174 ? 4.081   11.116  1.633   1.00 28.11 ? 174 ALA A O   1 
ATOM   1379 C  CB  . ALA A 1 174 ? 5.665   8.402   0.818   1.00 23.31 ? 174 ALA A CB  1 
ATOM   1380 N  N   . PHE A 1 175 ? 4.913   10.055  3.446   1.00 27.80 ? 175 PHE A N   1 
ATOM   1381 C  CA  . PHE A 1 175 ? 5.242   11.272  4.172   1.00 27.69 ? 175 PHE A CA  1 
ATOM   1382 C  C   . PHE A 1 175 ? 6.505   11.877  3.575   1.00 29.72 ? 175 PHE A C   1 
ATOM   1383 O  O   . PHE A 1 175 ? 7.339   11.160  3.025   1.00 30.20 ? 175 PHE A O   1 
ATOM   1384 C  CB  . PHE A 1 175 ? 5.511   10.969  5.650   1.00 28.79 ? 175 PHE A CB  1 
ATOM   1385 C  CG  . PHE A 1 175 ? 4.304   10.521  6.418   1.00 25.72 ? 175 PHE A CG  1 
ATOM   1386 C  CD1 . PHE A 1 175 ? 3.177   11.316  6.491   1.00 26.28 ? 175 PHE A CD1 1 
ATOM   1387 C  CD2 . PHE A 1 175 ? 4.315   9.319   7.099   1.00 25.11 ? 175 PHE A CD2 1 
ATOM   1388 C  CE1 . PHE A 1 175 ? 2.071   10.910  7.208   1.00 27.69 ? 175 PHE A CE1 1 
ATOM   1389 C  CE2 . PHE A 1 175 ? 3.214   8.904   7.818   1.00 27.57 ? 175 PHE A CE2 1 
ATOM   1390 C  CZ  . PHE A 1 175 ? 2.088   9.701   7.872   1.00 28.81 ? 175 PHE A CZ  1 
ATOM   1391 N  N   . LYS A 1 176 ? 6.647   13.195  3.689   1.00 31.02 ? 176 LYS A N   1 
ATOM   1392 C  CA  . LYS A 1 176 ? 7.906   13.859  3.377   1.00 29.61 ? 176 LYS A CA  1 
ATOM   1393 C  C   . LYS A 1 176 ? 9.026   13.135  4.112   1.00 31.69 ? 176 LYS A C   1 
ATOM   1394 O  O   . LYS A 1 176 ? 10.136  12.977  3.597   1.00 30.69 ? 176 LYS A O   1 
ATOM   1395 C  CB  . LYS A 1 176 ? 7.865   15.317  3.836   1.00 30.98 ? 176 LYS A CB  1 
ATOM   1396 C  CG  . LYS A 1 176 ? 6.831   16.181  3.134   1.00 30.94 ? 176 LYS A CG  1 
ATOM   1397 C  CD  . LYS A 1 176 ? 7.004   17.658  3.486   1.00 30.93 ? 176 LYS A CD  1 
ATOM   1398 C  CE  . LYS A 1 176 ? 6.323   18.012  4.800   1.00 31.51 ? 176 LYS A CE  1 
ATOM   1399 N  NZ  . LYS A 1 176 ? 6.486   19.455  5.141   1.00 31.14 ? 176 LYS A NZ  1 
ATOM   1400 N  N   . GLU A 1 177 ? 8.711   12.694  5.327   1.00 32.30 ? 177 GLU A N   1 
ATOM   1401 C  CA  . GLU A 1 177 ? 9.654   11.998  6.194   1.00 31.71 ? 177 GLU A CA  1 
ATOM   1402 C  C   . GLU A 1 177 ? 10.081  10.639  5.632   1.00 30.95 ? 177 GLU A C   1 
ATOM   1403 O  O   . GLU A 1 177 ? 11.212  10.197  5.842   1.00 30.21 ? 177 GLU A O   1 
ATOM   1404 C  CB  . GLU A 1 177 ? 9.044   11.822  7.589   1.00 30.32 ? 177 GLU A CB  1 
ATOM   1405 C  CG  . GLU A 1 177 ? 9.003   13.096  8.432   1.00 29.41 ? 177 GLU A CG  1 
ATOM   1406 C  CD  . GLU A 1 177 ? 7.930   14.079  7.991   1.00 34.15 ? 177 GLU A CD  1 
ATOM   1407 O  OE1 . GLU A 1 177 ? 7.022   13.684  7.228   1.00 33.42 ? 177 GLU A OE1 1 
ATOM   1408 O  OE2 . GLU A 1 177 ? 7.991   15.252  8.420   1.00 35.10 ? 177 GLU A OE2 1 
ATOM   1409 N  N   . GLN A 1 178 ? 9.171   9.987   4.915   1.00 30.05 ? 178 GLN A N   1 
ATOM   1410 C  CA  . GLN A 1 178 ? 9.425   8.659   4.367   1.00 30.32 ? 178 GLN A CA  1 
ATOM   1411 C  C   . GLN A 1 178 ? 10.289  8.673   3.107   1.00 31.71 ? 178 GLN A C   1 
ATOM   1412 O  O   . GLN A 1 178 ? 10.707  7.618   2.626   1.00 32.16 ? 178 GLN A O   1 
ATOM   1413 C  CB  . GLN A 1 178 ? 8.105   7.936   4.083   1.00 29.15 ? 178 GLN A CB  1 
ATOM   1414 C  CG  . GLN A 1 178 ? 7.530   7.200   5.279   1.00 27.14 ? 178 GLN A CG  1 
ATOM   1415 C  CD  . GLN A 1 178 ? 6.140   6.667   5.023   1.00 26.99 ? 178 GLN A CD  1 
ATOM   1416 O  OE1 . GLN A 1 178 ? 5.908   5.460   5.058   1.00 29.23 ? 178 GLN A OE1 1 
ATOM   1417 N  NE2 . GLN A 1 178 ? 5.205   7.566   4.755   1.00 28.63 ? 178 GLN A NE2 1 
ATOM   1418 N  N   . ILE A 1 179 ? 10.560  9.862   2.576   1.00 32.20 ? 179 ILE A N   1 
ATOM   1419 C  CA  . ILE A 1 179 ? 11.331  9.983   1.340   1.00 32.06 ? 179 ILE A CA  1 
ATOM   1420 C  C   . ILE A 1 179 ? 12.836  9.944   1.600   1.00 33.03 ? 179 ILE A C   1 
ATOM   1421 O  O   . ILE A 1 179 ? 13.344  10.655  2.468   1.00 34.71 ? 179 ILE A O   1 
ATOM   1422 C  CB  . ILE A 1 179 ? 10.960  11.260  0.557   1.00 31.81 ? 179 ILE A CB  1 
ATOM   1423 C  CG1 . ILE A 1 179 ? 9.483   11.227  0.160   1.00 29.99 ? 179 ILE A CG1 1 
ATOM   1424 C  CG2 . ILE A 1 179 ? 11.831  11.403  -0.682  1.00 33.36 ? 179 ILE A CG2 1 
ATOM   1425 C  CD1 . ILE A 1 179 ? 9.090   10.001  -0.648  1.00 27.97 ? 179 ILE A CD1 1 
ATOM   1426 N  N   . CYS A 1 180 ? 13.540  9.105   0.843   1.00 33.31 ? 180 CYS A N   1 
ATOM   1427 C  CA  . CYS A 1 180 ? 14.972  8.896   1.041   1.00 33.84 ? 180 CYS A CA  1 
ATOM   1428 C  C   . CYS A 1 180 ? 15.787  9.351   -0.158  1.00 33.71 ? 180 CYS A C   1 
ATOM   1429 O  O   . CYS A 1 180 ? 15.256  9.547   -1.249  1.00 33.22 ? 180 CYS A O   1 
ATOM   1430 C  CB  . CYS A 1 180 ? 15.262  7.418   1.302   1.00 31.38 ? 180 CYS A CB  1 
ATOM   1431 S  SG  . CYS A 1 180 ? 14.313  6.700   2.650   1.00 31.08 ? 180 CYS A SG  1 
ATOM   1432 N  N   . LEU A 1 181 ? 17.087  9.515   0.058   1.00 34.49 ? 181 LEU A N   1 
ATOM   1433 C  CA  . LEU A 1 181 ? 18.006  9.817   -1.024  1.00 34.17 ? 181 LEU A CA  1 
ATOM   1434 C  C   . LEU A 1 181 ? 18.067  8.590   -1.915  1.00 33.44 ? 181 LEU A C   1 
ATOM   1435 O  O   . LEU A 1 181 ? 17.570  8.603   -3.035  1.00 34.80 ? 181 LEU A O   1 
ATOM   1436 C  CB  . LEU A 1 181 ? 19.392  10.148  -0.469  1.00 38.14 ? 181 LEU A CB  1 
ATOM   1437 C  CG  . LEU A 1 181 ? 20.430  10.774  -1.406  1.00 37.79 ? 181 LEU A CG  1 
ATOM   1438 C  CD1 . LEU A 1 181 ? 21.630  11.259  -0.609  1.00 36.82 ? 181 LEU A CD1 1 
ATOM   1439 C  CD2 . LEU A 1 181 ? 20.866  9.793   -2.480  1.00 38.18 ? 181 LEU A CD2 1 
ATOM   1440 N  N   . GLN A 1 182 ? 18.677  7.524   -1.406  1.00 35.75 ? 182 GLN A N   1 
ATOM   1441 C  CA  . GLN A 1 182 ? 18.682  6.248   -2.111  1.00 36.08 ? 182 GLN A CA  1 
ATOM   1442 C  C   . GLN A 1 182 ? 18.214  5.124   -1.195  1.00 33.82 ? 182 GLN A C   1 
ATOM   1443 O  O   . GLN A 1 182 ? 18.569  5.080   -0.019  1.00 32.56 ? 182 GLN A O   1 
ATOM   1444 C  CB  . GLN A 1 182 ? 20.061  5.940   -2.674  1.00 33.63 ? 182 GLN A CB  1 
ATOM   1445 N  N   . VAL A 1 183 ? 17.403  4.226   -1.745  1.00 32.77 ? 183 VAL A N   1 
ATOM   1446 C  CA  . VAL A 1 183 ? 16.947  3.043   -1.030  1.00 32.87 ? 183 VAL A CA  1 
ATOM   1447 C  C   . VAL A 1 183 ? 17.626  1.801   -1.599  1.00 34.04 ? 183 VAL A C   1 
ATOM   1448 O  O   . VAL A 1 183 ? 17.665  1.611   -2.812  1.00 35.71 ? 183 VAL A O   1 
ATOM   1449 C  CB  . VAL A 1 183 ? 15.413  2.885   -1.127  1.00 30.86 ? 183 VAL A CB  1 
ATOM   1450 C  CG1 . VAL A 1 183 ? 15.015  1.421   -1.052  1.00 31.33 ? 183 VAL A CG1 1 
ATOM   1451 C  CG2 . VAL A 1 183 ? 14.729  3.686   -0.034  1.00 31.77 ? 183 VAL A CG2 1 
ATOM   1452 N  N   . PRO A 1 184 ? 18.182  0.955   -0.723  1.00 33.48 ? 184 PRO A N   1 
ATOM   1453 C  CA  . PRO A 1 184 ? 18.780  -0.302  -1.178  1.00 34.84 ? 184 PRO A CA  1 
ATOM   1454 C  C   . PRO A 1 184 ? 17.746  -1.136  -1.926  1.00 34.59 ? 184 PRO A C   1 
ATOM   1455 O  O   . PRO A 1 184 ? 16.593  -1.193  -1.503  1.00 36.65 ? 184 PRO A O   1 
ATOM   1456 C  CB  . PRO A 1 184 ? 19.170  -0.991  0.132   1.00 37.47 ? 184 PRO A CB  1 
ATOM   1457 C  CG  . PRO A 1 184 ? 19.312  0.122   1.120   1.00 35.07 ? 184 PRO A CG  1 
ATOM   1458 C  CD  . PRO A 1 184 ? 18.286  1.131   0.734   1.00 32.53 ? 184 PRO A CD  1 
ATOM   1459 N  N   . VAL A 1 185 ? 18.146  -1.771  -3.022  1.00 35.28 ? 185 VAL A N   1 
ATOM   1460 C  CA  . VAL A 1 185 ? 17.201  -2.545  -3.822  1.00 39.22 ? 185 VAL A CA  1 
ATOM   1461 C  C   . VAL A 1 185 ? 17.786  -3.869  -4.316  1.00 40.40 ? 185 VAL A C   1 
ATOM   1462 O  O   . VAL A 1 185 ? 18.999  -4.076  -4.286  1.00 37.26 ? 185 VAL A O   1 
ATOM   1463 C  CB  . VAL A 1 185 ? 16.692  -1.710  -4.990  1.00 33.80 ? 185 VAL A CB  1 
ATOM   1464 N  N   . ASN A 1 186 ? 16.906  -4.758  -4.772  1.00 41.73 ? 186 ASN A N   1 
ATOM   1465 C  CA  . ASN A 1 186 ? 17.314  -6.050  -5.317  1.00 44.27 ? 186 ASN A CA  1 
ATOM   1466 C  C   . ASN A 1 186 ? 17.258  -6.078  -6.842  1.00 45.71 ? 186 ASN A C   1 
ATOM   1467 O  O   . ASN A 1 186 ? 16.734  -7.024  -7.437  1.00 48.84 ? 186 ASN A O   1 
ATOM   1468 C  CB  . ASN A 1 186 ? 16.444  -7.176  -4.750  1.00 46.43 ? 186 ASN A CB  1 
ATOM   1469 C  CG  . ASN A 1 186 ? 16.814  -7.543  -3.326  1.00 46.16 ? 186 ASN A CG  1 
ATOM   1470 O  OD1 . ASN A 1 186 ? 17.741  -6.975  -2.744  1.00 46.67 ? 186 ASN A OD1 1 
ATOM   1471 N  ND2 . ASN A 1 186 ? 16.090  -8.500  -2.757  1.00 43.05 ? 186 ASN A ND2 1 
ATOM   1472 N  N   . ASP A 1 189 ? 12.873  -5.084  -5.446  1.00 38.39 ? 189 ASP A N   1 
ATOM   1473 C  CA  . ASP A 1 189 ? 12.798  -5.859  -6.677  1.00 39.90 ? 189 ASP A CA  1 
ATOM   1474 C  C   . ASP A 1 189 ? 11.942  -5.157  -7.729  1.00 39.60 ? 189 ASP A C   1 
ATOM   1475 O  O   . ASP A 1 189 ? 12.252  -5.212  -8.920  1.00 38.28 ? 189 ASP A O   1 
ATOM   1476 C  CB  . ASP A 1 189 ? 12.260  -7.255  -6.393  1.00 39.51 ? 189 ASP A CB  1 
ATOM   1477 N  N   . MET A 1 190 ? 10.872  -4.497  -7.281  1.00 40.19 ? 190 MET A N   1 
ATOM   1478 C  CA  . MET A 1 190 ? 9.937   -3.804  -8.172  1.00 37.16 ? 190 MET A CA  1 
ATOM   1479 C  C   . MET A 1 190 ? 9.847   -2.325  -7.815  1.00 32.38 ? 190 MET A C   1 
ATOM   1480 O  O   . MET A 1 190 ? 9.717   -1.980  -6.643  1.00 32.58 ? 190 MET A O   1 
ATOM   1481 C  CB  . MET A 1 190 ? 8.532   -4.418  -8.074  1.00 36.17 ? 190 MET A CB  1 
ATOM   1482 C  CG  . MET A 1 190 ? 8.474   -5.935  -8.216  1.00 37.25 ? 190 MET A CG  1 
ATOM   1483 S  SD  . MET A 1 190 ? 8.551   -6.521  -9.921  1.00 50.18 ? 190 MET A SD  1 
ATOM   1484 C  CE  . MET A 1 190 ? 7.011   -5.889  -10.586 1.00 37.47 ? 190 MET A CE  1 
ATOM   1485 N  N   . LYS A 1 191 ? 9.911   -1.456  -8.822  1.00 28.86 ? 191 LYS A N   1 
ATOM   1486 C  CA  . LYS A 1 191 ? 9.713   -0.023  -8.610  1.00 28.77 ? 191 LYS A CA  1 
ATOM   1487 C  C   . LYS A 1 191 ? 8.233   0.321   -8.592  1.00 28.78 ? 191 LYS A C   1 
ATOM   1488 O  O   . LYS A 1 191 ? 7.389   -0.508  -8.932  1.00 30.69 ? 191 LYS A O   1 
ATOM   1489 C  CB  . LYS A 1 191 ? 10.388  0.801   -9.709  1.00 29.82 ? 191 LYS A CB  1 
ATOM   1490 C  CG  . LYS A 1 191 ? 11.901  0.750   -9.714  1.00 31.20 ? 191 LYS A CG  1 
ATOM   1491 C  CD  . LYS A 1 191 ? 12.466  1.656   -10.801 1.00 27.62 ? 191 LYS A CD  1 
ATOM   1492 C  CE  . LYS A 1 191 ? 13.956  1.430   -10.980 1.00 29.87 ? 191 LYS A CE  1 
ATOM   1493 N  NZ  . LYS A 1 191 ? 14.554  2.391   -11.943 1.00 34.32 ? 191 LYS A NZ  1 
ATOM   1494 N  N   . VAL A 1 192 ? 7.922   1.551   -8.197  1.00 27.08 ? 192 VAL A N   1 
ATOM   1495 C  CA  . VAL A 1 192 ? 6.557   2.045   -8.279  1.00 25.73 ? 192 VAL A CA  1 
ATOM   1496 C  C   . VAL A 1 192 ? 6.479   3.143   -9.335  1.00 25.94 ? 192 VAL A C   1 
ATOM   1497 O  O   . VAL A 1 192 ? 7.415   3.925   -9.497  1.00 27.92 ? 192 VAL A O   1 
ATOM   1498 C  CB  . VAL A 1 192 ? 6.042   2.569   -6.919  1.00 25.93 ? 192 VAL A CB  1 
ATOM   1499 C  CG1 . VAL A 1 192 ? 6.037   1.455   -5.889  1.00 25.45 ? 192 VAL A CG1 1 
ATOM   1500 C  CG2 . VAL A 1 192 ? 6.880   3.743   -6.436  1.00 26.66 ? 192 VAL A CG2 1 
ATOM   1501 N  N   . ASP A 1 193 ? 5.367   3.188   -10.059 1.00 25.20 ? 193 ASP A N   1 
ATOM   1502 C  CA  . ASP A 1 193 ? 5.177   4.171   -11.119 1.00 24.86 ? 193 ASP A CA  1 
ATOM   1503 C  C   . ASP A 1 193 ? 5.301   5.611   -10.626 1.00 25.47 ? 193 ASP A C   1 
ATOM   1504 O  O   . ASP A 1 193 ? 5.726   6.492   -11.378 1.00 25.51 ? 193 ASP A O   1 
ATOM   1505 C  CB  . ASP A 1 193 ? 3.814   3.974   -11.786 1.00 25.03 ? 193 ASP A CB  1 
ATOM   1506 C  CG  . ASP A 1 193 ? 3.704   2.648   -12.506 1.00 24.09 ? 193 ASP A CG  1 
ATOM   1507 O  OD1 . ASP A 1 193 ? 4.583   2.348   -13.340 1.00 26.98 ? 193 ASP A OD1 1 
ATOM   1508 O  OD2 . ASP A 1 193 ? 2.732   1.911   -12.243 1.00 22.62 ? 193 ASP A OD2 1 
ATOM   1509 N  N   . GLU A 1 194 ? 4.934   5.850   -9.368  1.00 24.12 ? 194 GLU A N   1 
ATOM   1510 C  CA  . GLU A 1 194 ? 4.896   7.207   -8.835  1.00 22.49 ? 194 GLU A CA  1 
ATOM   1511 C  C   . GLU A 1 194 ? 4.804   7.248   -7.311  1.00 25.00 ? 194 GLU A C   1 
ATOM   1512 O  O   . GLU A 1 194 ? 4.155   6.401   -6.695  1.00 24.98 ? 194 GLU A O   1 
ATOM   1513 C  CB  . GLU A 1 194 ? 3.709   7.955   -9.440  1.00 23.01 ? 194 GLU A CB  1 
ATOM   1514 C  CG  . GLU A 1 194 ? 3.686   9.446   -9.179  1.00 23.38 ? 194 GLU A CG  1 
ATOM   1515 C  CD  . GLU A 1 194 ? 2.524   10.125  -9.878  1.00 25.62 ? 194 GLU A CD  1 
ATOM   1516 O  OE1 . GLU A 1 194 ? 2.251   11.309  -9.581  1.00 26.15 ? 194 GLU A OE1 1 
ATOM   1517 O  OE2 . GLU A 1 194 ? 1.882   9.469   -10.727 1.00 24.28 ? 194 GLU A OE2 1 
ATOM   1518 N  N   . VAL A 1 195 ? 5.459   8.240   -6.711  1.00 23.46 ? 195 VAL A N   1 
ATOM   1519 C  CA  . VAL A 1 195 ? 5.371   8.472   -5.275  1.00 22.41 ? 195 VAL A CA  1 
ATOM   1520 C  C   . VAL A 1 195 ? 4.825   9.871   -4.999  1.00 23.31 ? 195 VAL A C   1 
ATOM   1521 O  O   . VAL A 1 195 ? 5.299   10.849  -5.566  1.00 24.45 ? 195 VAL A O   1 
ATOM   1522 C  CB  . VAL A 1 195 ? 6.742   8.312   -4.578  1.00 25.37 ? 195 VAL A CB  1 
ATOM   1523 C  CG1 . VAL A 1 195 ? 7.205   6.867   -4.613  1.00 27.10 ? 195 VAL A CG1 1 
ATOM   1524 C  CG2 . VAL A 1 195 ? 7.776   9.207   -5.229  1.00 30.12 ? 195 VAL A CG2 1 
ATOM   1525 N  N   . LEU A 1 196 ? 3.821   9.961   -4.131  1.00 25.78 ? 196 LEU A N   1 
ATOM   1526 C  CA  . LEU A 1 196 ? 3.238   11.249  -3.763  1.00 26.21 ? 196 LEU A CA  1 
ATOM   1527 C  C   . LEU A 1 196 ? 3.704   11.685  -2.381  1.00 26.55 ? 196 LEU A C   1 
ATOM   1528 O  O   . LEU A 1 196 ? 3.977   10.850  -1.522  1.00 26.95 ? 196 LEU A O   1 
ATOM   1529 C  CB  . LEU A 1 196 ? 1.710   11.185  -3.790  1.00 24.77 ? 196 LEU A CB  1 
ATOM   1530 C  CG  . LEU A 1 196 ? 1.037   10.834  -5.115  1.00 24.40 ? 196 LEU A CG  1 
ATOM   1531 C  CD1 . LEU A 1 196 ? -0.466  10.839  -4.935  1.00 26.48 ? 196 LEU A CD1 1 
ATOM   1532 C  CD2 . LEU A 1 196 ? 1.454   11.799  -6.210  1.00 23.10 ? 196 LEU A CD2 1 
ATOM   1533 N  N   . TYR A 1 197 ? 3.778   12.997  -2.170  1.00 28.89 ? 197 TYR A N   1 
ATOM   1534 C  CA  . TYR A 1 197 ? 4.226   13.545  -0.896  1.00 28.62 ? 197 TYR A CA  1 
ATOM   1535 C  C   . TYR A 1 197 ? 4.271   15.066  -0.941  1.00 30.54 ? 197 TYR A C   1 
ATOM   1536 O  O   . TYR A 1 197 ? 3.772   15.676  -1.886  1.00 36.53 ? 197 TYR A O   1 
ATOM   1537 C  CB  . TYR A 1 197 ? 5.615   13.011  -0.556  1.00 27.79 ? 197 TYR A CB  1 
ATOM   1538 C  CG  . TYR A 1 197 ? 6.677   13.422  -1.547  1.00 28.57 ? 197 TYR A CG  1 
ATOM   1539 C  CD1 . TYR A 1 197 ? 7.317   14.646  -1.437  1.00 30.90 ? 197 TYR A CD1 1 
ATOM   1540 C  CD2 . TYR A 1 197 ? 7.043   12.587  -2.593  1.00 28.44 ? 197 TYR A CD2 1 
ATOM   1541 C  CE1 . TYR A 1 197 ? 8.285   15.027  -2.338  1.00 30.93 ? 197 TYR A CE1 1 
ATOM   1542 C  CE2 . TYR A 1 197 ? 8.013   12.963  -3.498  1.00 27.08 ? 197 TYR A CE2 1 
ATOM   1543 C  CZ  . TYR A 1 197 ? 8.630   14.185  -3.363  1.00 27.95 ? 197 TYR A CZ  1 
ATOM   1544 O  OH  . TYR A 1 197 ? 9.599   14.575  -4.257  1.00 33.58 ? 197 TYR A OH  1 
ATOM   1545 N  N   . GLU A 1 198 ? 4.870   15.658  0.092   1.00 30.86 ? 198 GLU A N   1 
ATOM   1546 C  CA  . GLU A 1 198 ? 5.194   17.088  0.132   1.00 31.79 ? 198 GLU A CA  1 
ATOM   1547 C  C   . GLU A 1 198 ? 4.132   17.904  0.858   1.00 31.03 ? 198 GLU A C   1 
ATOM   1548 O  O   . GLU A 1 198 ? 2.938   17.676  0.682   1.00 34.21 ? 198 GLU A O   1 
ATOM   1549 C  CB  . GLU A 1 198 ? 5.423   17.640  -1.278  1.00 32.12 ? 198 GLU A CB  1 
ATOM   1550 C  CG  . GLU A 1 198 ? 6.491   18.705  -1.373  1.00 33.55 ? 198 GLU A CG  1 
ATOM   1551 C  CD  . GLU A 1 198 ? 6.979   18.890  -2.795  1.00 40.55 ? 198 GLU A CD  1 
ATOM   1552 O  OE1 . GLU A 1 198 ? 6.167   18.721  -3.734  1.00 39.75 ? 198 GLU A OE1 1 
ATOM   1553 O  OE2 . GLU A 1 198 ? 8.178   19.196  -2.973  1.00 42.42 ? 198 GLU A OE2 1 
HETATM 1554 NI NI  . NI  B 2 .   ? -5.104  -16.389 -1.149  1.00 34.66 ? 204 NI  A NI  1 
HETATM 1555 MG MG  . MG  C 3 .   ? 20.741  8.812   -6.943  1.00 42.00 ? 205 MG  A MG  1 
HETATM 1556 MG MG  . MG  D 3 .   ? 18.367  8.847   3.186   1.00 32.55 ? 206 MG  A MG  1 
HETATM 1557 MG MG  . MG  E 3 .   ? -6.160  -10.978 -5.837  1.00 19.32 ? 207 MG  A MG  1 
HETATM 1558 N  N1  . N5G F 4 .   ? -0.741  -3.889  5.229   1.00 29.75 ? 501 N5G A N1  1 
HETATM 1559 C  C2  . N5G F 4 .   ? -0.863  -2.970  4.840   1.00 28.99 ? 501 N5G A C2  1 
HETATM 1560 N  NA2 . N5G F 4 .   ? -2.105  -2.304  5.173   1.00 28.07 ? 501 N5G A NA2 1 
HETATM 1561 N  N3  . N5G F 4 .   ? 0.504   -2.267  5.138   1.00 24.57 ? 501 N5G A N3  1 
HETATM 1562 C  C4  . N5G F 4 .   ? 1.668   -3.152  4.699   1.00 26.30 ? 501 N5G A C4  1 
HETATM 1563 O  O4  . N5G F 4 .   ? 2.879   -2.217  4.299   1.00 27.14 ? 501 N5G A O4  1 
HETATM 1564 C  C4A . N5G F 4 .   ? 1.135   -4.246  3.610   1.00 28.93 ? 501 N5G A C4A 1 
HETATM 1565 N  N5  . N5G F 4 .   ? 2.175   -5.407  3.947   1.00 30.58 ? 501 N5G A N5  1 
HETATM 1566 C  C6  . N5G F 4 .   ? 1.784   -6.562  5.017   1.00 30.51 ? 501 N5G A C6  1 
HETATM 1567 C  C7  . N5G F 4 .   ? 0.364   -7.096  4.603   1.00 30.73 ? 501 N5G A C7  1 
HETATM 1568 N  N8  . N5G F 4 .   ? -0.292  -5.694  4.651   1.00 28.16 ? 501 N5G A N8  1 
HETATM 1569 C  C8A . N5G F 4 .   ? -0.134  -4.542  3.894   1.00 28.15 ? 501 N5G A C8A 1 
HETATM 1570 C  C9  . N5G F 4 .   ? 2.194   -6.477  6.563   1.00 31.26 ? 501 N5G A C9  1 
HETATM 1571 N  N10 . N5G F 4 .   ? 3.257   -7.324  7.235   1.00 38.20 ? 501 N5G A N10 1 
HETATM 1572 C  C11 . N5G F 4 .   ? 4.711   -10.021 10.577  1.00 47.77 ? 501 N5G A C11 1 
HETATM 1573 C  C12 . N5G F 4 .   ? 3.440   -10.391 9.778   1.00 46.84 ? 501 N5G A C12 1 
HETATM 1574 C  C13 . N5G F 4 .   ? 2.920   -9.450  8.644   1.00 42.58 ? 501 N5G A C13 1 
HETATM 1575 C  C14 . N5G F 4 .   ? 3.902   -8.489  7.917   1.00 41.98 ? 501 N5G A C14 1 
HETATM 1576 C  C15 . N5G F 4 .   ? 5.213   -8.178  8.678   1.00 45.19 ? 501 N5G A C15 1 
HETATM 1577 C  C16 . N5G F 4 .   ? 5.709   -9.136  9.813   1.00 48.46 ? 501 N5G A C16 1 
HETATM 1578 C  C   . N5G F 4 .   ? 5.348   -11.224 11.342  1.00 55.35 ? 501 N5G A C   1 
HETATM 1579 O  O   . N5G F 4 .   ? 4.663   -11.904 12.032  1.00 52.54 ? 501 N5G A O   1 
HETATM 1580 N  N   . N5G F 4 .   ? 6.822   -11.452 11.317  1.00 59.98 ? 501 N5G A N   1 
HETATM 1581 C  CA  . N5G F 4 .   ? 7.407   -12.660 11.937  1.00 60.25 ? 501 N5G A CA  1 
HETATM 1582 C  CB  . N5G F 4 .   ? 7.702   -13.715 10.841  1.00 58.98 ? 501 N5G A CB  1 
HETATM 1583 C  CG  . N5G F 4 .   ? 7.894   -13.140 9.403   1.00 60.00 ? 501 N5G A CG  1 
HETATM 1584 C  CD  . N5G F 4 .   ? 8.664   -13.976 8.355   1.00 63.63 ? 501 N5G A CD  1 
HETATM 1585 O  OE2 . N5G F 4 .   ? 9.921   -13.442 8.037   1.00 61.94 ? 501 N5G A OE2 1 
HETATM 1586 O  OE1 . N5G F 4 .   ? 8.666   -15.358 8.602   1.00 62.29 ? 501 N5G A OE1 1 
HETATM 1587 C  CT  . N5G F 4 .   ? 8.604   -12.363 12.837  1.00 59.81 ? 501 N5G A CT  1 
HETATM 1588 O  O1  . N5G F 4 .   ? 8.660   -11.325 13.417  1.00 58.00 ? 501 N5G A O1  1 
HETATM 1589 O  O2  . N5G F 4 .   ? 9.366   -13.431 13.327  1.00 50.55 ? 501 N5G A O2  1 
HETATM 1590 C  CP1 . N5G F 4 .   ? 3.268   -5.464  2.924   1.00 30.85 ? 501 N5G A CP1 1 
HETATM 1591 O  O3  . N5G F 4 .   ? 4.030   -6.355  3.022   1.00 35.50 ? 501 N5G A O3  1 
HETATM 1592 P  P   . PO4 G 5 .   ? 6.396   -5.985  1.732   1.00 46.52 ? 502 PO4 A P   1 
HETATM 1593 O  O1  . PO4 G 5 .   ? 5.806   -4.607  1.943   1.00 37.00 ? 502 PO4 A O1  1 
HETATM 1594 O  O3  . PO4 G 5 .   ? 6.907   -6.130  0.309   1.00 37.68 ? 502 PO4 A O3  1 
HETATM 1595 O  O4  . PO4 G 5 .   ? 7.518   -6.208  2.729   1.00 41.40 ? 502 PO4 A O4  1 
HETATM 1596 O  O   . HOH H 6 .   ? 0.070   -10.602 11.130  1.00 31.38 ? 208 HOH A O   1 
HETATM 1597 O  O   . HOH H 6 .   ? -5.282  -14.451 1.845   1.00 22.74 ? 209 HOH A O   1 
HETATM 1598 O  O   . HOH H 6 .   ? -11.226 -13.630 3.836   1.00 26.86 ? 210 HOH A O   1 
HETATM 1599 O  O   . HOH H 6 .   ? -15.814 -7.083  -9.915  1.00 23.25 ? 211 HOH A O   1 
HETATM 1600 O  O   . HOH H 6 .   ? -2.699  -1.598  -1.831  1.00 21.84 ? 212 HOH A O   1 
HETATM 1601 O  O   . HOH H 6 .   ? 3.378   -18.684 -13.107 1.00 26.27 ? 213 HOH A O   1 
HETATM 1602 O  O   . HOH H 6 .   ? -0.892  -14.914 -16.829 1.00 33.38 ? 214 HOH A O   1 
HETATM 1603 O  O   . HOH H 6 .   ? 0.689   -18.460 -12.077 1.00 28.12 ? 215 HOH A O   1 
HETATM 1604 O  O   . HOH H 6 .   ? -6.675  7.884   11.970  1.00 26.75 ? 216 HOH A O   1 
HETATM 1605 O  O   . HOH H 6 .   ? -4.796  -3.038  4.352   1.00 21.73 ? 217 HOH A O   1 
HETATM 1606 O  O   . HOH H 6 .   ? 1.795   -11.601 -1.662  1.00 26.41 ? 218 HOH A O   1 
HETATM 1607 O  O   . HOH H 6 .   ? 25.848  -6.352  -2.059  1.00 32.89 ? 219 HOH A O   1 
HETATM 1608 O  O   . HOH H 6 .   ? -0.246  -20.787 -11.868 1.00 26.56 ? 220 HOH A O   1 
HETATM 1609 O  O   . HOH H 6 .   ? -8.357  -18.088 2.036   1.00 20.65 ? 221 HOH A O   1 
HETATM 1610 O  O   . HOH H 6 .   ? -11.070 -18.066 2.650   1.00 21.14 ? 222 HOH A O   1 
HETATM 1611 O  O   . HOH H 6 .   ? 14.038  -1.608  -0.472  1.00 30.63 ? 223 HOH A O   1 
HETATM 1612 O  O   . HOH H 6 .   ? -18.442 -8.064  -10.295 1.00 28.46 ? 224 HOH A O   1 
HETATM 1613 O  O   . HOH H 6 .   ? 5.246   -1.738  -10.929 1.00 27.50 ? 225 HOH A O   1 
HETATM 1614 O  O   . HOH H 6 .   ? -5.660  -1.363  -16.184 1.00 24.97 ? 226 HOH A O   1 
HETATM 1615 O  O   . HOH H 6 .   ? 16.448  -5.665  -9.627  1.00 35.34 ? 227 HOH A O   1 
HETATM 1616 O  O   . HOH H 6 .   ? 14.273  -5.187  -3.245  1.00 37.53 ? 228 HOH A O   1 
HETATM 1617 O  O   . HOH H 6 .   ? -16.446 -2.237  -3.956  1.00 24.39 ? 229 HOH A O   1 
HETATM 1618 O  O   . HOH H 6 .   ? 5.079   -1.489  3.497   1.00 27.16 ? 230 HOH A O   1 
HETATM 1619 O  O   . HOH H 6 .   ? -22.587 -8.294  -1.571  1.00 38.54 ? 231 HOH A O   1 
HETATM 1620 O  O   . HOH H 6 .   ? 8.642   11.206  16.085  1.00 28.49 ? 232 HOH A O   1 
HETATM 1621 O  O   . HOH H 6 .   ? 19.516  6.789   1.851   1.00 32.73 ? 233 HOH A O   1 
HETATM 1622 O  O   . HOH H 6 .   ? -7.872  -11.896 10.882  1.00 29.27 ? 234 HOH A O   1 
HETATM 1623 O  O   . HOH H 6 .   ? -7.272  -12.914 8.288   1.00 27.73 ? 235 HOH A O   1 
HETATM 1624 O  O   . HOH H 6 .   ? -15.830 12.510  -9.687  1.00 30.76 ? 236 HOH A O   1 
HETATM 1625 O  O   . HOH H 6 .   ? -15.780 -3.838  -13.275 1.00 21.91 ? 237 HOH A O   1 
HETATM 1626 O  O   . HOH H 6 .   ? -17.253 12.629  -5.194  1.00 28.80 ? 238 HOH A O   1 
HETATM 1627 O  O   . HOH H 6 .   ? -14.443 -1.875  -14.880 1.00 24.21 ? 239 HOH A O   1 
HETATM 1628 O  O   . HOH H 6 .   ? -19.053 -1.451  -4.700  1.00 21.81 ? 240 HOH A O   1 
HETATM 1629 O  O   . HOH H 6 .   ? -6.089  -5.247  5.041   1.00 24.61 ? 241 HOH A O   1 
HETATM 1630 O  O   . HOH H 6 .   ? 5.922   16.760  -5.931  1.00 31.39 ? 242 HOH A O   1 
HETATM 1631 O  O   . HOH H 6 .   ? -8.381  -4.199  -15.135 1.00 24.29 ? 243 HOH A O   1 
HETATM 1632 O  O   . HOH H 6 .   ? -15.071 9.167   9.505   1.00 40.46 ? 244 HOH A O   1 
HETATM 1633 O  O   . HOH H 6 .   ? 20.789  5.003   7.129   1.00 27.43 ? 245 HOH A O   1 
HETATM 1634 O  O   . HOH H 6 .   ? 5.604   22.322  4.913   1.00 26.59 ? 246 HOH A O   1 
HETATM 1635 O  O   . HOH H 6 .   ? -18.848 -7.971  1.875   1.00 32.53 ? 247 HOH A O   1 
HETATM 1636 O  O   . HOH H 6 .   ? 2.600   19.075  15.799  1.00 36.92 ? 248 HOH A O   1 
HETATM 1637 O  O   . HOH H 6 .   ? 8.368   -2.774  10.002  1.00 32.11 ? 249 HOH A O   1 
HETATM 1638 O  O   . HOH H 6 .   ? -4.913  -16.565 -3.802  1.00 26.22 ? 250 HOH A O   1 
HETATM 1639 O  O   . HOH H 6 .   ? -1.090  -0.404  6.563   1.00 26.63 ? 251 HOH A O   1 
HETATM 1640 O  O   . HOH H 6 .   ? 5.219   16.023  14.068  1.00 40.72 ? 252 HOH A O   1 
HETATM 1641 O  O   . HOH H 6 .   ? -22.233 -10.555 -3.210  1.00 44.07 ? 253 HOH A O   1 
# 
loop_
_pdbx_poly_seq_scheme.asym_id 
_pdbx_poly_seq_scheme.entity_id 
_pdbx_poly_seq_scheme.seq_id 
_pdbx_poly_seq_scheme.mon_id 
_pdbx_poly_seq_scheme.ndb_seq_num 
_pdbx_poly_seq_scheme.pdb_seq_num 
_pdbx_poly_seq_scheme.auth_seq_num 
_pdbx_poly_seq_scheme.pdb_mon_id 
_pdbx_poly_seq_scheme.auth_mon_id 
_pdbx_poly_seq_scheme.pdb_strand_id 
_pdbx_poly_seq_scheme.pdb_ins_code 
_pdbx_poly_seq_scheme.hetero 
A 1 1   MET 1   1   1   MET MET A . n 
A 1 2   ALA 2   2   2   ALA ALA A . n 
A 1 3   ALA 3   3   3   ALA ALA A . n 
A 1 4   ALA 4   4   4   ALA ALA A . n 
A 1 5   ALA 5   5   5   ALA ALA A . n 
A 1 6   VAL 6   6   6   VAL VAL A . n 
A 1 7   SER 7   7   7   SER SER A . n 
A 1 8   SER 8   8   8   SER SER A . n 
A 1 9   ALA 9   9   9   ALA ALA A . n 
A 1 10  LYS 10  10  10  LYS LYS A . n 
A 1 11  ARG 11  11  11  ARG ARG A . n 
A 1 12  SER 12  12  12  SER SER A . n 
A 1 13  LEU 13  13  13  LEU LEU A . n 
A 1 14  ARG 14  14  14  ARG ARG A . n 
A 1 15  GLY 15  15  15  GLY GLY A . n 
A 1 16  GLU 16  16  16  GLU GLU A . n 
A 1 17  LEU 17  17  17  LEU LEU A . n 
A 1 18  LYS 18  18  18  LYS LYS A . n 
A 1 19  GLN 19  19  19  GLN ALA A . n 
A 1 20  ARG 20  20  20  ARG ARG A . n 
A 1 21  LEU 21  21  21  LEU LEU A . n 
A 1 22  ARG 22  22  22  ARG GLY A . n 
A 1 23  ALA 23  23  ?   ?   ?   A . n 
A 1 24  MET 24  24  24  MET ALA A . n 
A 1 25  SER 25  25  25  SER SER A . n 
A 1 26  ALA 26  26  26  ALA ALA A . n 
A 1 27  GLU 27  27  27  GLU GLU A . n 
A 1 28  GLU 28  28  28  GLU GLU A . n 
A 1 29  ARG 29  29  29  ARG ARG A . n 
A 1 30  LEU 30  30  30  LEU LEU A . n 
A 1 31  ARG 31  31  31  ARG ARG A . n 
A 1 32  GLN 32  32  32  GLN GLN A . n 
A 1 33  SER 33  33  33  SER SER A . n 
A 1 34  ARG 34  34  34  ARG ARG A . n 
A 1 35  VAL 35  35  35  VAL VAL A . n 
A 1 36  LEU 36  36  36  LEU LEU A . n 
A 1 37  SER 37  37  37  SER SER A . n 
A 1 38  GLN 38  38  38  GLN GLN A . n 
A 1 39  LYS 39  39  39  LYS LYS A . n 
A 1 40  VAL 40  40  40  VAL VAL A . n 
A 1 41  ILE 41  41  41  ILE ILE A . n 
A 1 42  ALA 42  42  42  ALA ALA A . n 
A 1 43  HIS 43  43  43  HIS HIS A . n 
A 1 44  SER 44  44  44  SER SER A . n 
A 1 45  GLU 45  45  45  GLU GLU A . n 
A 1 46  TYR 46  46  46  TYR TYR A . n 
A 1 47  GLN 47  47  47  GLN GLN A . n 
A 1 48  LYS 48  48  48  LYS LYS A . n 
A 1 49  SER 49  49  49  SER SER A . n 
A 1 50  LYS 50  50  50  LYS LYS A . n 
A 1 51  ARG 51  51  51  ARG ARG A . n 
A 1 52  ILE 52  52  52  ILE ILE A . n 
A 1 53  SER 53  53  53  SER SER A . n 
A 1 54  ILE 54  54  54  ILE ILE A . n 
A 1 55  PHE 55  55  55  PHE PHE A . n 
A 1 56  LEU 56  56  56  LEU LEU A . n 
A 1 57  SER 57  57  57  SER SER A . n 
A 1 58  MET 58  58  58  MET MET A . n 
A 1 59  GLN 59  59  59  GLN GLN A . n 
A 1 60  ASP 60  60  60  ASP ASP A . n 
A 1 61  GLU 61  61  61  GLU GLU A . n 
A 1 62  ILE 62  62  62  ILE ILE A . n 
A 1 63  GLU 63  63  63  GLU GLU A . n 
A 1 64  THR 64  64  64  THR THR A . n 
A 1 65  GLU 65  65  65  GLU GLU A . n 
A 1 66  GLU 66  66  66  GLU GLU A . n 
A 1 67  ILE 67  67  67  ILE ILE A . n 
A 1 68  ILE 68  68  68  ILE ILE A . n 
A 1 69  LYS 69  69  69  LYS LYS A . n 
A 1 70  ASP 70  70  70  ASP ASP A . n 
A 1 71  ILE 71  71  71  ILE ILE A . n 
A 1 72  PHE 72  72  72  PHE PHE A . n 
A 1 73  GLN 73  73  73  GLN GLN A . n 
A 1 74  ARG 74  74  74  ARG ARG A . n 
A 1 75  GLY 75  75  75  GLY GLY A . n 
A 1 76  LYS 76  76  76  LYS LYS A . n 
A 1 77  ILE 77  77  77  ILE ILE A . n 
A 1 78  CYS 78  78  78  CYS CYS A . n 
A 1 79  PHE 79  79  79  PHE PHE A . n 
A 1 80  ILE 80  80  80  ILE ILE A . n 
A 1 81  PRO 81  81  81  PRO PRO A . n 
A 1 82  ARG 82  82  82  ARG ARG A . n 
A 1 83  TYR 83  83  83  TYR TYR A . n 
A 1 84  ARG 84  84  84  ARG ARG A . n 
A 1 85  PHE 85  85  85  PHE PHE A . n 
A 1 86  GLN 86  86  86  GLN GLN A . n 
A 1 87  SER 87  87  87  SER SER A . n 
A 1 88  ASN 88  88  88  ASN ASN A . n 
A 1 89  HIS 89  89  89  HIS HIS A . n 
A 1 90  MET 90  90  90  MET MET A . n 
A 1 91  ASP 91  91  91  ASP ASP A . n 
A 1 92  MET 92  92  92  MET MET A . n 
A 1 93  VAL 93  93  93  VAL VAL A . n 
A 1 94  ARG 94  94  94  ARG ARG A . n 
A 1 95  ILE 95  95  95  ILE ILE A . n 
A 1 96  GLU 96  96  96  GLU GLU A . n 
A 1 97  SER 97  97  97  SER SER A . n 
A 1 98  PRO 98  98  98  PRO PRO A . n 
A 1 99  GLU 99  99  99  GLU GLU A . n 
A 1 100 GLU 100 100 100 GLU GLU A . n 
A 1 101 ILE 101 101 101 ILE ILE A . n 
A 1 102 SER 102 102 102 SER SER A . n 
A 1 103 LEU 103 103 103 LEU LEU A . n 
A 1 104 LEU 104 104 104 LEU LEU A . n 
A 1 105 PRO 105 105 105 PRO PRO A . n 
A 1 106 LYS 106 106 106 LYS LYS A . n 
A 1 107 THR 107 107 107 THR THR A . n 
A 1 108 SER 108 108 108 SER SER A . n 
A 1 109 TRP 109 109 109 TRP TRP A . n 
A 1 110 ASN 110 110 110 ASN ASN A . n 
A 1 111 ILE 111 111 111 ILE ILE A . n 
A 1 112 PRO 112 112 112 PRO PRO A . n 
A 1 113 GLN 113 113 113 GLN GLN A . n 
A 1 114 PRO 114 114 114 PRO PRO A . n 
A 1 115 GLY 115 115 115 GLY GLY A . n 
A 1 116 GLU 116 116 116 GLU GLU A . n 
A 1 117 GLY 117 117 117 GLY GLY A . n 
A 1 118 ASP 118 118 118 ASP ASP A . n 
A 1 119 VAL 119 119 119 VAL VAL A . n 
A 1 120 ARG 120 120 120 ARG ARG A . n 
A 1 121 GLU 121 121 121 GLU GLU A . n 
A 1 122 GLU 122 122 122 GLU GLU A . n 
A 1 123 ALA 123 123 123 ALA ALA A . n 
A 1 124 LEU 124 124 124 LEU LEU A . n 
A 1 125 SER 125 125 125 SER SER A . n 
A 1 126 THR 126 126 126 THR THR A . n 
A 1 127 GLY 127 127 127 GLY GLY A . n 
A 1 128 GLY 128 128 128 GLY GLY A . n 
A 1 129 LEU 129 129 129 LEU LEU A . n 
A 1 130 ASP 130 130 130 ASP ASP A . n 
A 1 131 LEU 131 131 131 LEU LEU A . n 
A 1 132 ILE 132 132 132 ILE ILE A . n 
A 1 133 PHE 133 133 133 PHE PHE A . n 
A 1 134 MET 134 134 134 MET MET A . n 
A 1 135 PRO 135 135 135 PRO PRO A . n 
A 1 136 GLY 136 136 136 GLY GLY A . n 
A 1 137 LEU 137 137 137 LEU LEU A . n 
A 1 138 GLY 138 138 138 GLY GLY A . n 
A 1 139 PHE 139 139 139 PHE PHE A . n 
A 1 140 ASP 140 140 140 ASP ASP A . n 
A 1 141 LYS 141 141 141 LYS LYS A . n 
A 1 142 HIS 142 142 142 HIS HIS A . n 
A 1 143 GLY 143 143 143 GLY GLY A . n 
A 1 144 ASN 144 144 144 ASN ASN A . n 
A 1 145 ARG 145 145 145 ARG ARG A . n 
A 1 146 LEU 146 146 146 LEU LEU A . n 
A 1 147 GLY 147 147 147 GLY GLY A . n 
A 1 148 ARG 148 148 148 ARG ARG A . n 
A 1 149 GLY 149 149 149 GLY GLY A . n 
A 1 150 LYS 150 150 150 LYS LYS A . n 
A 1 151 GLY 151 151 151 GLY GLY A . n 
A 1 152 TYR 152 152 152 TYR TYR A . n 
A 1 153 TYR 153 153 153 TYR TYR A . n 
A 1 154 ASP 154 154 154 ASP ASP A . n 
A 1 155 ALA 155 155 155 ALA ALA A . n 
A 1 156 TYR 156 156 156 TYR TYR A . n 
A 1 157 LEU 157 157 157 LEU LEU A . n 
A 1 158 LYS 158 158 158 LYS LYS A . n 
A 1 159 ARG 159 159 159 ARG ARG A . n 
A 1 160 CYS 160 160 160 CYS CYS A . n 
A 1 161 LEU 161 161 161 LEU LEU A . n 
A 1 162 GLN 162 162 162 GLN GLN A . n 
A 1 163 HIS 163 163 163 HIS HIS A . n 
A 1 164 GLN 164 164 164 GLN GLN A . n 
A 1 165 GLU 165 165 165 GLU GLU A . n 
A 1 166 VAL 166 166 166 VAL VAL A . n 
A 1 167 LYS 167 167 167 LYS LYS A . n 
A 1 168 PRO 168 168 168 PRO PRO A . n 
A 1 169 TYR 169 169 169 TYR TYR A . n 
A 1 170 THR 170 170 170 THR THR A . n 
A 1 171 LEU 171 171 171 LEU LEU A . n 
A 1 172 ALA 172 172 172 ALA ALA A . n 
A 1 173 LEU 173 173 173 LEU LEU A . n 
A 1 174 ALA 174 174 174 ALA ALA A . n 
A 1 175 PHE 175 175 175 PHE PHE A . n 
A 1 176 LYS 176 176 176 LYS LYS A . n 
A 1 177 GLU 177 177 177 GLU GLU A . n 
A 1 178 GLN 178 178 178 GLN GLN A . n 
A 1 179 ILE 179 179 179 ILE ILE A . n 
A 1 180 CYS 180 180 180 CYS CYS A . n 
A 1 181 LEU 181 181 181 LEU LEU A . n 
A 1 182 GLN 182 182 182 GLN ALA A . n 
A 1 183 VAL 183 183 183 VAL VAL A . n 
A 1 184 PRO 184 184 184 PRO PRO A . n 
A 1 185 VAL 185 185 185 VAL ALA A . n 
A 1 186 ASN 186 186 186 ASN ASN A . n 
A 1 187 GLU 187 187 ?   ?   ?   A . n 
A 1 188 ASN 188 188 ?   ?   ?   A . n 
A 1 189 ASP 189 189 189 ASP ALA A . n 
A 1 190 MET 190 190 190 MET MET A . n 
A 1 191 LYS 191 191 191 LYS LYS A . n 
A 1 192 VAL 192 192 192 VAL VAL A . n 
A 1 193 ASP 193 193 193 ASP ASP A . n 
A 1 194 GLU 194 194 194 GLU GLU A . n 
A 1 195 VAL 195 195 195 VAL VAL A . n 
A 1 196 LEU 196 196 196 LEU LEU A . n 
A 1 197 TYR 197 197 197 TYR TYR A . n 
A 1 198 GLU 198 198 198 GLU GLU A . n 
A 1 199 ASP 199 199 ?   ?   ?   A . n 
A 1 200 SER 200 200 ?   ?   ?   A . n 
A 1 201 SER 201 201 ?   ?   ?   A . n 
A 1 202 THR 202 202 ?   ?   ?   A . n 
A 1 203 ALA 203 203 ?   ?   ?   A . n 
# 
loop_
_pdbx_nonpoly_scheme.asym_id 
_pdbx_nonpoly_scheme.entity_id 
_pdbx_nonpoly_scheme.mon_id 
_pdbx_nonpoly_scheme.ndb_seq_num 
_pdbx_nonpoly_scheme.pdb_seq_num 
_pdbx_nonpoly_scheme.auth_seq_num 
_pdbx_nonpoly_scheme.pdb_mon_id 
_pdbx_nonpoly_scheme.auth_mon_id 
_pdbx_nonpoly_scheme.pdb_strand_id 
_pdbx_nonpoly_scheme.pdb_ins_code 
B 2 NI  1  204 1   NI  NI  A . 
C 3 MG  1  205 2   MG  MG  A . 
D 3 MG  1  206 3   MG  MG  A . 
E 3 MG  1  207 4   MG  MG  A . 
F 4 N5G 1  501 501 N5G THF A . 
G 5 PO4 1  502 502 PO4 PO4 A . 
H 6 HOH 1  208 1   HOH HOH A . 
H 6 HOH 2  209 2   HOH HOH A . 
H 6 HOH 3  210 3   HOH HOH A . 
H 6 HOH 4  211 4   HOH HOH A . 
H 6 HOH 5  212 5   HOH HOH A . 
H 6 HOH 6  213 6   HOH HOH A . 
H 6 HOH 7  214 7   HOH HOH A . 
H 6 HOH 8  215 8   HOH HOH A . 
H 6 HOH 9  216 9   HOH HOH A . 
H 6 HOH 10 217 10  HOH HOH A . 
H 6 HOH 11 218 11  HOH HOH A . 
H 6 HOH 12 219 12  HOH HOH A . 
H 6 HOH 13 220 13  HOH HOH A . 
H 6 HOH 14 221 14  HOH HOH A . 
H 6 HOH 15 222 15  HOH HOH A . 
H 6 HOH 16 223 16  HOH HOH A . 
H 6 HOH 17 224 17  HOH HOH A . 
H 6 HOH 18 225 18  HOH HOH A . 
H 6 HOH 19 226 19  HOH HOH A . 
H 6 HOH 20 227 20  HOH HOH A . 
H 6 HOH 21 228 21  HOH HOH A . 
H 6 HOH 22 229 22  HOH HOH A . 
H 6 HOH 23 230 23  HOH HOH A . 
H 6 HOH 24 231 24  HOH HOH A . 
H 6 HOH 25 232 25  HOH HOH A . 
H 6 HOH 26 233 26  HOH HOH A . 
H 6 HOH 27 234 27  HOH HOH A . 
H 6 HOH 28 235 28  HOH HOH A . 
H 6 HOH 29 236 29  HOH HOH A . 
H 6 HOH 30 237 30  HOH HOH A . 
H 6 HOH 31 238 31  HOH HOH A . 
H 6 HOH 32 239 32  HOH HOH A . 
H 6 HOH 33 240 33  HOH HOH A . 
H 6 HOH 34 241 34  HOH HOH A . 
H 6 HOH 35 242 35  HOH HOH A . 
H 6 HOH 36 243 36  HOH HOH A . 
H 6 HOH 37 244 37  HOH HOH A . 
H 6 HOH 38 245 38  HOH HOH A . 
H 6 HOH 39 246 39  HOH HOH A . 
H 6 HOH 40 247 40  HOH HOH A . 
H 6 HOH 41 248 41  HOH HOH A . 
H 6 HOH 42 249 42  HOH HOH A . 
H 6 HOH 43 250 43  HOH HOH A . 
H 6 HOH 44 251 44  HOH HOH A . 
H 6 HOH 45 252 45  HOH HOH A . 
H 6 HOH 46 253 46  HOH HOH A . 
# 
_pdbx_struct_assembly.id                   1 
_pdbx_struct_assembly.details              author_and_software_defined_assembly 
_pdbx_struct_assembly.method_details       PISA 
_pdbx_struct_assembly.oligomeric_details   monomeric 
_pdbx_struct_assembly.oligomeric_count     1 
# 
_pdbx_struct_assembly_gen.assembly_id       1 
_pdbx_struct_assembly_gen.oper_expression   1 
_pdbx_struct_assembly_gen.asym_id_list      A,B,C,D,E,F,G,H 
# 
_pdbx_struct_oper_list.id                   1 
_pdbx_struct_oper_list.type                 'identity operation' 
_pdbx_struct_oper_list.name                 1_555 
_pdbx_struct_oper_list.symmetry_operation   x,y,z 
_pdbx_struct_oper_list.matrix[1][1]         1.0000000000 
_pdbx_struct_oper_list.matrix[1][2]         0.0000000000 
_pdbx_struct_oper_list.matrix[1][3]         0.0000000000 
_pdbx_struct_oper_list.vector[1]            0.0000000000 
_pdbx_struct_oper_list.matrix[2][1]         0.0000000000 
_pdbx_struct_oper_list.matrix[2][2]         1.0000000000 
_pdbx_struct_oper_list.matrix[2][3]         0.0000000000 
_pdbx_struct_oper_list.vector[2]            0.0000000000 
_pdbx_struct_oper_list.matrix[3][1]         0.0000000000 
_pdbx_struct_oper_list.matrix[3][2]         0.0000000000 
_pdbx_struct_oper_list.matrix[3][3]         1.0000000000 
_pdbx_struct_oper_list.vector[3]            0.0000000000 
# 
_pdbx_struct_conn_angle.id                    1 
_pdbx_struct_conn_angle.ptnr1_label_atom_id   NE2 
_pdbx_struct_conn_angle.ptnr1_label_alt_id    ? 
_pdbx_struct_conn_angle.ptnr1_label_asym_id   A 
_pdbx_struct_conn_angle.ptnr1_label_comp_id   HIS 
_pdbx_struct_conn_angle.ptnr1_label_seq_id    89 
_pdbx_struct_conn_angle.ptnr1_auth_atom_id    ? 
_pdbx_struct_conn_angle.ptnr1_auth_asym_id    A 
_pdbx_struct_conn_angle.ptnr1_auth_comp_id    HIS 
_pdbx_struct_conn_angle.ptnr1_auth_seq_id     89 
_pdbx_struct_conn_angle.ptnr1_PDB_ins_code    ? 
_pdbx_struct_conn_angle.ptnr1_symmetry        1_555 
_pdbx_struct_conn_angle.ptnr2_label_atom_id   NI 
_pdbx_struct_conn_angle.ptnr2_label_alt_id    ? 
_pdbx_struct_conn_angle.ptnr2_label_asym_id   B 
_pdbx_struct_conn_angle.ptnr2_label_comp_id   NI 
_pdbx_struct_conn_angle.ptnr2_label_seq_id    . 
_pdbx_struct_conn_angle.ptnr2_auth_atom_id    ? 
_pdbx_struct_conn_angle.ptnr2_auth_asym_id    A 
_pdbx_struct_conn_angle.ptnr2_auth_comp_id    NI 
_pdbx_struct_conn_angle.ptnr2_auth_seq_id     204 
_pdbx_struct_conn_angle.ptnr2_PDB_ins_code    ? 
_pdbx_struct_conn_angle.ptnr2_symmetry        1_555 
_pdbx_struct_conn_angle.ptnr3_label_atom_id   OD2 
_pdbx_struct_conn_angle.ptnr3_label_alt_id    ? 
_pdbx_struct_conn_angle.ptnr3_label_asym_id   A 
_pdbx_struct_conn_angle.ptnr3_label_comp_id   ASP 
_pdbx_struct_conn_angle.ptnr3_label_seq_id    91 
_pdbx_struct_conn_angle.ptnr3_auth_atom_id    ? 
_pdbx_struct_conn_angle.ptnr3_auth_asym_id    A 
_pdbx_struct_conn_angle.ptnr3_auth_comp_id    ASP 
_pdbx_struct_conn_angle.ptnr3_auth_seq_id     91 
_pdbx_struct_conn_angle.ptnr3_PDB_ins_code    ? 
_pdbx_struct_conn_angle.ptnr3_symmetry        1_555 
_pdbx_struct_conn_angle.value                 106.4 
_pdbx_struct_conn_angle.value_esd             ? 
# 
loop_
_pdbx_audit_revision_history.ordinal 
_pdbx_audit_revision_history.data_content_type 
_pdbx_audit_revision_history.major_revision 
_pdbx_audit_revision_history.minor_revision 
_pdbx_audit_revision_history.revision_date 
1 'Structure model' 1 0 2009-07-14 
2 'Structure model' 1 1 2011-07-13 
3 'Structure model' 1 2 2023-11-01 
# 
_pdbx_audit_revision_details.ordinal             1 
_pdbx_audit_revision_details.revision_ordinal    1 
_pdbx_audit_revision_details.data_content_type   'Structure model' 
_pdbx_audit_revision_details.provider            repository 
_pdbx_audit_revision_details.type                'Initial release' 
_pdbx_audit_revision_details.description         ? 
_pdbx_audit_revision_details.details             ? 
# 
loop_
_pdbx_audit_revision_group.ordinal 
_pdbx_audit_revision_group.revision_ordinal 
_pdbx_audit_revision_group.data_content_type 
_pdbx_audit_revision_group.group 
1 2 'Structure model' 'Version format compliance' 
2 3 'Structure model' 'Data collection'           
3 3 'Structure model' 'Database references'       
4 3 'Structure model' 'Derived calculations'      
5 3 'Structure model' 'Refinement description'    
# 
loop_
_pdbx_audit_revision_category.ordinal 
_pdbx_audit_revision_category.revision_ordinal 
_pdbx_audit_revision_category.data_content_type 
_pdbx_audit_revision_category.category 
1 3 'Structure model' chem_comp_atom                
2 3 'Structure model' chem_comp_bond                
3 3 'Structure model' database_2                    
4 3 'Structure model' pdbx_initial_refinement_model 
5 3 'Structure model' struct_site                   
# 
loop_
_pdbx_audit_revision_item.ordinal 
_pdbx_audit_revision_item.revision_ordinal 
_pdbx_audit_revision_item.data_content_type 
_pdbx_audit_revision_item.item 
1 3 'Structure model' '_database_2.pdbx_DOI'                
2 3 'Structure model' '_database_2.pdbx_database_accession' 
3 3 'Structure model' '_struct_site.pdbx_auth_asym_id'      
4 3 'Structure model' '_struct_site.pdbx_auth_comp_id'      
5 3 'Structure model' '_struct_site.pdbx_auth_seq_id'       
# 
loop_
_software.name 
_software.classification 
_software.version 
_software.citation_id 
_software.pdbx_ordinal 
HKL-2000 'data collection' .                 ? 1 
PHASER   phasing           .                 ? 2 
PHENIX   refinement        '(phenix.refine)' ? 3 
HKL-2000 'data reduction'  .                 ? 4 
HKL-2000 'data scaling'    .                 ? 5 
# 
loop_
_pdbx_validate_torsion.id 
_pdbx_validate_torsion.PDB_model_num 
_pdbx_validate_torsion.auth_comp_id 
_pdbx_validate_torsion.auth_asym_id 
_pdbx_validate_torsion.auth_seq_id 
_pdbx_validate_torsion.PDB_ins_code 
_pdbx_validate_torsion.label_alt_id 
_pdbx_validate_torsion.phi 
_pdbx_validate_torsion.psi 
1 1 LEU A 21  ? ? -67.41  -103.29 
2 1 ASP A 60  ? ? -94.96  35.33   
3 1 SER A 87  ? ? -120.05 -147.14 
4 1 GLN A 162 ? ? -61.92  -70.87  
5 1 LEU A 181 ? ? -67.58  -70.05  
6 1 TYR A 197 ? ? 177.67  -169.54 
# 
loop_
_pdbx_unobs_or_zero_occ_atoms.id 
_pdbx_unobs_or_zero_occ_atoms.PDB_model_num 
_pdbx_unobs_or_zero_occ_atoms.polymer_flag 
_pdbx_unobs_or_zero_occ_atoms.occupancy_flag 
_pdbx_unobs_or_zero_occ_atoms.auth_asym_id 
_pdbx_unobs_or_zero_occ_atoms.auth_comp_id 
_pdbx_unobs_or_zero_occ_atoms.auth_seq_id 
_pdbx_unobs_or_zero_occ_atoms.PDB_ins_code 
_pdbx_unobs_or_zero_occ_atoms.auth_atom_id 
_pdbx_unobs_or_zero_occ_atoms.label_alt_id 
_pdbx_unobs_or_zero_occ_atoms.label_asym_id 
_pdbx_unobs_or_zero_occ_atoms.label_comp_id 
_pdbx_unobs_or_zero_occ_atoms.label_seq_id 
_pdbx_unobs_or_zero_occ_atoms.label_atom_id 
1  1 Y 1 A GLN 19  ? CG  ? A GLN 19  CG  
2  1 Y 1 A GLN 19  ? CD  ? A GLN 19  CD  
3  1 Y 1 A GLN 19  ? OE1 ? A GLN 19  OE1 
4  1 Y 1 A GLN 19  ? NE2 ? A GLN 19  NE2 
5  1 Y 1 A ARG 22  ? CB  ? A ARG 22  CB  
6  1 Y 1 A ARG 22  ? CG  ? A ARG 22  CG  
7  1 Y 1 A ARG 22  ? CD  ? A ARG 22  CD  
8  1 Y 1 A ARG 22  ? NE  ? A ARG 22  NE  
9  1 Y 1 A ARG 22  ? CZ  ? A ARG 22  CZ  
10 1 Y 1 A ARG 22  ? NH1 ? A ARG 22  NH1 
11 1 Y 1 A ARG 22  ? NH2 ? A ARG 22  NH2 
12 1 Y 1 A MET 24  ? CG  ? A MET 24  CG  
13 1 Y 1 A MET 24  ? SD  ? A MET 24  SD  
14 1 Y 1 A MET 24  ? CE  ? A MET 24  CE  
15 1 Y 1 A GLN 182 ? CG  ? A GLN 182 CG  
16 1 Y 1 A GLN 182 ? CD  ? A GLN 182 CD  
17 1 Y 1 A GLN 182 ? OE1 ? A GLN 182 OE1 
18 1 Y 1 A GLN 182 ? NE2 ? A GLN 182 NE2 
19 1 Y 1 A VAL 185 ? CG1 ? A VAL 185 CG1 
20 1 Y 1 A VAL 185 ? CG2 ? A VAL 185 CG2 
21 1 Y 1 A ASP 189 ? CG  ? A ASP 189 CG  
22 1 Y 1 A ASP 189 ? OD1 ? A ASP 189 OD1 
23 1 Y 1 A ASP 189 ? OD2 ? A ASP 189 OD2 
24 1 N 1 A N5G 501 ? P1  ? F N5G 1   P1  
25 1 N 1 A N5G 501 ? O8  ? F N5G 1   O8  
26 1 N 1 A N5G 501 ? O9  ? F N5G 1   O9  
27 1 N 1 A N5G 501 ? O10 ? F N5G 1   O10 
28 1 N 1 A PO4 502 ? O2  ? G PO4 1   O2  
# 
loop_
_pdbx_unobs_or_zero_occ_residues.id 
_pdbx_unobs_or_zero_occ_residues.PDB_model_num 
_pdbx_unobs_or_zero_occ_residues.polymer_flag 
_pdbx_unobs_or_zero_occ_residues.occupancy_flag 
_pdbx_unobs_or_zero_occ_residues.auth_asym_id 
_pdbx_unobs_or_zero_occ_residues.auth_comp_id 
_pdbx_unobs_or_zero_occ_residues.auth_seq_id 
_pdbx_unobs_or_zero_occ_residues.PDB_ins_code 
_pdbx_unobs_or_zero_occ_residues.label_asym_id 
_pdbx_unobs_or_zero_occ_residues.label_comp_id 
_pdbx_unobs_or_zero_occ_residues.label_seq_id 
1 1 Y 1 A ALA 23  ? A ALA 23  
2 1 Y 1 A GLU 187 ? A GLU 187 
3 1 Y 1 A ASN 188 ? A ASN 188 
4 1 Y 1 A ASP 199 ? A ASP 199 
5 1 Y 1 A SER 200 ? A SER 200 
6 1 Y 1 A SER 201 ? A SER 201 
7 1 Y 1 A THR 202 ? A THR 202 
8 1 Y 1 A ALA 203 ? A ALA 203 
# 
loop_
_chem_comp_atom.comp_id 
_chem_comp_atom.atom_id 
_chem_comp_atom.type_symbol 
_chem_comp_atom.pdbx_aromatic_flag 
_chem_comp_atom.pdbx_stereo_config 
_chem_comp_atom.pdbx_ordinal 
ALA N    N  N N 1   
ALA CA   C  N S 2   
ALA C    C  N N 3   
ALA O    O  N N 4   
ALA CB   C  N N 5   
ALA OXT  O  N N 6   
ALA H    H  N N 7   
ALA H2   H  N N 8   
ALA HA   H  N N 9   
ALA HB1  H  N N 10  
ALA HB2  H  N N 11  
ALA HB3  H  N N 12  
ALA HXT  H  N N 13  
ARG N    N  N N 14  
ARG CA   C  N S 15  
ARG C    C  N N 16  
ARG O    O  N N 17  
ARG CB   C  N N 18  
ARG CG   C  N N 19  
ARG CD   C  N N 20  
ARG NE   N  N N 21  
ARG CZ   C  N N 22  
ARG NH1  N  N N 23  
ARG NH2  N  N N 24  
ARG OXT  O  N N 25  
ARG H    H  N N 26  
ARG H2   H  N N 27  
ARG HA   H  N N 28  
ARG HB2  H  N N 29  
ARG HB3  H  N N 30  
ARG HG2  H  N N 31  
ARG HG3  H  N N 32  
ARG HD2  H  N N 33  
ARG HD3  H  N N 34  
ARG HE   H  N N 35  
ARG HH11 H  N N 36  
ARG HH12 H  N N 37  
ARG HH21 H  N N 38  
ARG HH22 H  N N 39  
ARG HXT  H  N N 40  
ASN N    N  N N 41  
ASN CA   C  N S 42  
ASN C    C  N N 43  
ASN O    O  N N 44  
ASN CB   C  N N 45  
ASN CG   C  N N 46  
ASN OD1  O  N N 47  
ASN ND2  N  N N 48  
ASN OXT  O  N N 49  
ASN H    H  N N 50  
ASN H2   H  N N 51  
ASN HA   H  N N 52  
ASN HB2  H  N N 53  
ASN HB3  H  N N 54  
ASN HD21 H  N N 55  
ASN HD22 H  N N 56  
ASN HXT  H  N N 57  
ASP N    N  N N 58  
ASP CA   C  N S 59  
ASP C    C  N N 60  
ASP O    O  N N 61  
ASP CB   C  N N 62  
ASP CG   C  N N 63  
ASP OD1  O  N N 64  
ASP OD2  O  N N 65  
ASP OXT  O  N N 66  
ASP H    H  N N 67  
ASP H2   H  N N 68  
ASP HA   H  N N 69  
ASP HB2  H  N N 70  
ASP HB3  H  N N 71  
ASP HD2  H  N N 72  
ASP HXT  H  N N 73  
CYS N    N  N N 74  
CYS CA   C  N R 75  
CYS C    C  N N 76  
CYS O    O  N N 77  
CYS CB   C  N N 78  
CYS SG   S  N N 79  
CYS OXT  O  N N 80  
CYS H    H  N N 81  
CYS H2   H  N N 82  
CYS HA   H  N N 83  
CYS HB2  H  N N 84  
CYS HB3  H  N N 85  
CYS HG   H  N N 86  
CYS HXT  H  N N 87  
GLN N    N  N N 88  
GLN CA   C  N S 89  
GLN C    C  N N 90  
GLN O    O  N N 91  
GLN CB   C  N N 92  
GLN CG   C  N N 93  
GLN CD   C  N N 94  
GLN OE1  O  N N 95  
GLN NE2  N  N N 96  
GLN OXT  O  N N 97  
GLN H    H  N N 98  
GLN H2   H  N N 99  
GLN HA   H  N N 100 
GLN HB2  H  N N 101 
GLN HB3  H  N N 102 
GLN HG2  H  N N 103 
GLN HG3  H  N N 104 
GLN HE21 H  N N 105 
GLN HE22 H  N N 106 
GLN HXT  H  N N 107 
GLU N    N  N N 108 
GLU CA   C  N S 109 
GLU C    C  N N 110 
GLU O    O  N N 111 
GLU CB   C  N N 112 
GLU CG   C  N N 113 
GLU CD   C  N N 114 
GLU OE1  O  N N 115 
GLU OE2  O  N N 116 
GLU OXT  O  N N 117 
GLU H    H  N N 118 
GLU H2   H  N N 119 
GLU HA   H  N N 120 
GLU HB2  H  N N 121 
GLU HB3  H  N N 122 
GLU HG2  H  N N 123 
GLU HG3  H  N N 124 
GLU HE2  H  N N 125 
GLU HXT  H  N N 126 
GLY N    N  N N 127 
GLY CA   C  N N 128 
GLY C    C  N N 129 
GLY O    O  N N 130 
GLY OXT  O  N N 131 
GLY H    H  N N 132 
GLY H2   H  N N 133 
GLY HA2  H  N N 134 
GLY HA3  H  N N 135 
GLY HXT  H  N N 136 
HIS N    N  N N 137 
HIS CA   C  N S 138 
HIS C    C  N N 139 
HIS O    O  N N 140 
HIS CB   C  N N 141 
HIS CG   C  Y N 142 
HIS ND1  N  Y N 143 
HIS CD2  C  Y N 144 
HIS CE1  C  Y N 145 
HIS NE2  N  Y N 146 
HIS OXT  O  N N 147 
HIS H    H  N N 148 
HIS H2   H  N N 149 
HIS HA   H  N N 150 
HIS HB2  H  N N 151 
HIS HB3  H  N N 152 
HIS HD1  H  N N 153 
HIS HD2  H  N N 154 
HIS HE1  H  N N 155 
HIS HE2  H  N N 156 
HIS HXT  H  N N 157 
HOH O    O  N N 158 
HOH H1   H  N N 159 
HOH H2   H  N N 160 
ILE N    N  N N 161 
ILE CA   C  N S 162 
ILE C    C  N N 163 
ILE O    O  N N 164 
ILE CB   C  N S 165 
ILE CG1  C  N N 166 
ILE CG2  C  N N 167 
ILE CD1  C  N N 168 
ILE OXT  O  N N 169 
ILE H    H  N N 170 
ILE H2   H  N N 171 
ILE HA   H  N N 172 
ILE HB   H  N N 173 
ILE HG12 H  N N 174 
ILE HG13 H  N N 175 
ILE HG21 H  N N 176 
ILE HG22 H  N N 177 
ILE HG23 H  N N 178 
ILE HD11 H  N N 179 
ILE HD12 H  N N 180 
ILE HD13 H  N N 181 
ILE HXT  H  N N 182 
LEU N    N  N N 183 
LEU CA   C  N S 184 
LEU C    C  N N 185 
LEU O    O  N N 186 
LEU CB   C  N N 187 
LEU CG   C  N N 188 
LEU CD1  C  N N 189 
LEU CD2  C  N N 190 
LEU OXT  O  N N 191 
LEU H    H  N N 192 
LEU H2   H  N N 193 
LEU HA   H  N N 194 
LEU HB2  H  N N 195 
LEU HB3  H  N N 196 
LEU HG   H  N N 197 
LEU HD11 H  N N 198 
LEU HD12 H  N N 199 
LEU HD13 H  N N 200 
LEU HD21 H  N N 201 
LEU HD22 H  N N 202 
LEU HD23 H  N N 203 
LEU HXT  H  N N 204 
LYS N    N  N N 205 
LYS CA   C  N S 206 
LYS C    C  N N 207 
LYS O    O  N N 208 
LYS CB   C  N N 209 
LYS CG   C  N N 210 
LYS CD   C  N N 211 
LYS CE   C  N N 212 
LYS NZ   N  N N 213 
LYS OXT  O  N N 214 
LYS H    H  N N 215 
LYS H2   H  N N 216 
LYS HA   H  N N 217 
LYS HB2  H  N N 218 
LYS HB3  H  N N 219 
LYS HG2  H  N N 220 
LYS HG3  H  N N 221 
LYS HD2  H  N N 222 
LYS HD3  H  N N 223 
LYS HE2  H  N N 224 
LYS HE3  H  N N 225 
LYS HZ1  H  N N 226 
LYS HZ2  H  N N 227 
LYS HZ3  H  N N 228 
LYS HXT  H  N N 229 
MET N    N  N N 230 
MET CA   C  N S 231 
MET C    C  N N 232 
MET O    O  N N 233 
MET CB   C  N N 234 
MET CG   C  N N 235 
MET SD   S  N N 236 
MET CE   C  N N 237 
MET OXT  O  N N 238 
MET H    H  N N 239 
MET H2   H  N N 240 
MET HA   H  N N 241 
MET HB2  H  N N 242 
MET HB3  H  N N 243 
MET HG2  H  N N 244 
MET HG3  H  N N 245 
MET HE1  H  N N 246 
MET HE2  H  N N 247 
MET HE3  H  N N 248 
MET HXT  H  N N 249 
MG  MG   MG N N 250 
N5G N1   N  N N 251 
N5G C2   C  N R 252 
N5G NA2  N  N N 253 
N5G N3   N  N N 254 
N5G C4   C  N R 255 
N5G O4   O  N N 256 
N5G C4A  C  N S 257 
N5G N5   N  N N 258 
N5G C6   C  N S 259 
N5G C7   C  N N 260 
N5G N8   N  N N 261 
N5G C8A  C  N S 262 
N5G C9   C  N N 263 
N5G N10  N  N N 264 
N5G C11  C  N N 265 
N5G C12  C  N N 266 
N5G C13  C  N N 267 
N5G C14  C  N N 268 
N5G C15  C  N N 269 
N5G C16  C  N N 270 
N5G C    C  N N 271 
N5G O    O  N N 272 
N5G N    N  N N 273 
N5G CA   C  N S 274 
N5G CB   C  N N 275 
N5G CG   C  N N 276 
N5G CD   C  N N 277 
N5G OE2  O  N N 278 
N5G OE1  O  N N 279 
N5G CT   C  N N 280 
N5G O1   O  N N 281 
N5G O2   O  N N 282 
N5G CP1  C  N N 283 
N5G O3   O  N N 284 
N5G P1   P  N N 285 
N5G O8   O  N N 286 
N5G O9   O  N N 287 
N5G O10  O  N N 288 
N5G HN1  H  N N 289 
N5G H2   H  N N 290 
N5G HNA2 H  N N 291 
N5G HNAA H  N N 292 
N5G HN3  H  N N 293 
N5G H4   H  N N 294 
N5G HO4  H  N N 295 
N5G H4A  H  N N 296 
N5G H6   H  N N 297 
N5G H7   H  N N 298 
N5G H7A  H  N N 299 
N5G HN8  H  N N 300 
N5G H8A  H  N N 301 
N5G H9   H  N N 302 
N5G H9A  H  N N 303 
N5G HN10 H  N N 304 
N5G H11  H  N N 305 
N5G H12  H  N N 306 
N5G H12A H  N N 307 
N5G H13  H  N N 308 
N5G H13A H  N N 309 
N5G H14  H  N N 310 
N5G H15  H  N N 311 
N5G H15A H  N N 312 
N5G H16  H  N N 313 
N5G H16A H  N N 314 
N5G HN   H  N N 315 
N5G HA   H  N N 316 
N5G HB   H  N N 317 
N5G HBA  H  N N 318 
N5G HG   H  N N 319 
N5G HGA  H  N N 320 
N5G HOE1 H  N N 321 
N5G HO2  H  N N 322 
N5G HP1  H  N N 323 
N5G H38  H  N N 324 
N5G H39  H  N N 325 
N5G H40  H  N N 326 
NI  NI   NI N N 327 
PHE N    N  N N 328 
PHE CA   C  N S 329 
PHE C    C  N N 330 
PHE O    O  N N 331 
PHE CB   C  N N 332 
PHE CG   C  Y N 333 
PHE CD1  C  Y N 334 
PHE CD2  C  Y N 335 
PHE CE1  C  Y N 336 
PHE CE2  C  Y N 337 
PHE CZ   C  Y N 338 
PHE OXT  O  N N 339 
PHE H    H  N N 340 
PHE H2   H  N N 341 
PHE HA   H  N N 342 
PHE HB2  H  N N 343 
PHE HB3  H  N N 344 
PHE HD1  H  N N 345 
PHE HD2  H  N N 346 
PHE HE1  H  N N 347 
PHE HE2  H  N N 348 
PHE HZ   H  N N 349 
PHE HXT  H  N N 350 
PO4 P    P  N N 351 
PO4 O1   O  N N 352 
PO4 O2   O  N N 353 
PO4 O3   O  N N 354 
PO4 O4   O  N N 355 
PRO N    N  N N 356 
PRO CA   C  N S 357 
PRO C    C  N N 358 
PRO O    O  N N 359 
PRO CB   C  N N 360 
PRO CG   C  N N 361 
PRO CD   C  N N 362 
PRO OXT  O  N N 363 
PRO H    H  N N 364 
PRO HA   H  N N 365 
PRO HB2  H  N N 366 
PRO HB3  H  N N 367 
PRO HG2  H  N N 368 
PRO HG3  H  N N 369 
PRO HD2  H  N N 370 
PRO HD3  H  N N 371 
PRO HXT  H  N N 372 
SER N    N  N N 373 
SER CA   C  N S 374 
SER C    C  N N 375 
SER O    O  N N 376 
SER CB   C  N N 377 
SER OG   O  N N 378 
SER OXT  O  N N 379 
SER H    H  N N 380 
SER H2   H  N N 381 
SER HA   H  N N 382 
SER HB2  H  N N 383 
SER HB3  H  N N 384 
SER HG   H  N N 385 
SER HXT  H  N N 386 
THR N    N  N N 387 
THR CA   C  N S 388 
THR C    C  N N 389 
THR O    O  N N 390 
THR CB   C  N R 391 
THR OG1  O  N N 392 
THR CG2  C  N N 393 
THR OXT  O  N N 394 
THR H    H  N N 395 
THR H2   H  N N 396 
THR HA   H  N N 397 
THR HB   H  N N 398 
THR HG1  H  N N 399 
THR HG21 H  N N 400 
THR HG22 H  N N 401 
THR HG23 H  N N 402 
THR HXT  H  N N 403 
TRP N    N  N N 404 
TRP CA   C  N S 405 
TRP C    C  N N 406 
TRP O    O  N N 407 
TRP CB   C  N N 408 
TRP CG   C  Y N 409 
TRP CD1  C  Y N 410 
TRP CD2  C  Y N 411 
TRP NE1  N  Y N 412 
TRP CE2  C  Y N 413 
TRP CE3  C  Y N 414 
TRP CZ2  C  Y N 415 
TRP CZ3  C  Y N 416 
TRP CH2  C  Y N 417 
TRP OXT  O  N N 418 
TRP H    H  N N 419 
TRP H2   H  N N 420 
TRP HA   H  N N 421 
TRP HB2  H  N N 422 
TRP HB3  H  N N 423 
TRP HD1  H  N N 424 
TRP HE1  H  N N 425 
TRP HE3  H  N N 426 
TRP HZ2  H  N N 427 
TRP HZ3  H  N N 428 
TRP HH2  H  N N 429 
TRP HXT  H  N N 430 
TYR N    N  N N 431 
TYR CA   C  N S 432 
TYR C    C  N N 433 
TYR O    O  N N 434 
TYR CB   C  N N 435 
TYR CG   C  Y N 436 
TYR CD1  C  Y N 437 
TYR CD2  C  Y N 438 
TYR CE1  C  Y N 439 
TYR CE2  C  Y N 440 
TYR CZ   C  Y N 441 
TYR OH   O  N N 442 
TYR OXT  O  N N 443 
TYR H    H  N N 444 
TYR H2   H  N N 445 
TYR HA   H  N N 446 
TYR HB2  H  N N 447 
TYR HB3  H  N N 448 
TYR HD1  H  N N 449 
TYR HD2  H  N N 450 
TYR HE1  H  N N 451 
TYR HE2  H  N N 452 
TYR HH   H  N N 453 
TYR HXT  H  N N 454 
VAL N    N  N N 455 
VAL CA   C  N S 456 
VAL C    C  N N 457 
VAL O    O  N N 458 
VAL CB   C  N N 459 
VAL CG1  C  N N 460 
VAL CG2  C  N N 461 
VAL OXT  O  N N 462 
VAL H    H  N N 463 
VAL H2   H  N N 464 
VAL HA   H  N N 465 
VAL HB   H  N N 466 
VAL HG11 H  N N 467 
VAL HG12 H  N N 468 
VAL HG13 H  N N 469 
VAL HG21 H  N N 470 
VAL HG22 H  N N 471 
VAL HG23 H  N N 472 
VAL HXT  H  N N 473 
# 
loop_
_chem_comp_bond.comp_id 
_chem_comp_bond.atom_id_1 
_chem_comp_bond.atom_id_2 
_chem_comp_bond.value_order 
_chem_comp_bond.pdbx_aromatic_flag 
_chem_comp_bond.pdbx_stereo_config 
_chem_comp_bond.pdbx_ordinal 
ALA N   CA   sing N N 1   
ALA N   H    sing N N 2   
ALA N   H2   sing N N 3   
ALA CA  C    sing N N 4   
ALA CA  CB   sing N N 5   
ALA CA  HA   sing N N 6   
ALA C   O    doub N N 7   
ALA C   OXT  sing N N 8   
ALA CB  HB1  sing N N 9   
ALA CB  HB2  sing N N 10  
ALA CB  HB3  sing N N 11  
ALA OXT HXT  sing N N 12  
ARG N   CA   sing N N 13  
ARG N   H    sing N N 14  
ARG N   H2   sing N N 15  
ARG CA  C    sing N N 16  
ARG CA  CB   sing N N 17  
ARG CA  HA   sing N N 18  
ARG C   O    doub N N 19  
ARG C   OXT  sing N N 20  
ARG CB  CG   sing N N 21  
ARG CB  HB2  sing N N 22  
ARG CB  HB3  sing N N 23  
ARG CG  CD   sing N N 24  
ARG CG  HG2  sing N N 25  
ARG CG  HG3  sing N N 26  
ARG CD  NE   sing N N 27  
ARG CD  HD2  sing N N 28  
ARG CD  HD3  sing N N 29  
ARG NE  CZ   sing N N 30  
ARG NE  HE   sing N N 31  
ARG CZ  NH1  sing N N 32  
ARG CZ  NH2  doub N N 33  
ARG NH1 HH11 sing N N 34  
ARG NH1 HH12 sing N N 35  
ARG NH2 HH21 sing N N 36  
ARG NH2 HH22 sing N N 37  
ARG OXT HXT  sing N N 38  
ASN N   CA   sing N N 39  
ASN N   H    sing N N 40  
ASN N   H2   sing N N 41  
ASN CA  C    sing N N 42  
ASN CA  CB   sing N N 43  
ASN CA  HA   sing N N 44  
ASN C   O    doub N N 45  
ASN C   OXT  sing N N 46  
ASN CB  CG   sing N N 47  
ASN CB  HB2  sing N N 48  
ASN CB  HB3  sing N N 49  
ASN CG  OD1  doub N N 50  
ASN CG  ND2  sing N N 51  
ASN ND2 HD21 sing N N 52  
ASN ND2 HD22 sing N N 53  
ASN OXT HXT  sing N N 54  
ASP N   CA   sing N N 55  
ASP N   H    sing N N 56  
ASP N   H2   sing N N 57  
ASP CA  C    sing N N 58  
ASP CA  CB   sing N N 59  
ASP CA  HA   sing N N 60  
ASP C   O    doub N N 61  
ASP C   OXT  sing N N 62  
ASP CB  CG   sing N N 63  
ASP CB  HB2  sing N N 64  
ASP CB  HB3  sing N N 65  
ASP CG  OD1  doub N N 66  
ASP CG  OD2  sing N N 67  
ASP OD2 HD2  sing N N 68  
ASP OXT HXT  sing N N 69  
CYS N   CA   sing N N 70  
CYS N   H    sing N N 71  
CYS N   H2   sing N N 72  
CYS CA  C    sing N N 73  
CYS CA  CB   sing N N 74  
CYS CA  HA   sing N N 75  
CYS C   O    doub N N 76  
CYS C   OXT  sing N N 77  
CYS CB  SG   sing N N 78  
CYS CB  HB2  sing N N 79  
CYS CB  HB3  sing N N 80  
CYS SG  HG   sing N N 81  
CYS OXT HXT  sing N N 82  
GLN N   CA   sing N N 83  
GLN N   H    sing N N 84  
GLN N   H2   sing N N 85  
GLN CA  C    sing N N 86  
GLN CA  CB   sing N N 87  
GLN CA  HA   sing N N 88  
GLN C   O    doub N N 89  
GLN C   OXT  sing N N 90  
GLN CB  CG   sing N N 91  
GLN CB  HB2  sing N N 92  
GLN CB  HB3  sing N N 93  
GLN CG  CD   sing N N 94  
GLN CG  HG2  sing N N 95  
GLN CG  HG3  sing N N 96  
GLN CD  OE1  doub N N 97  
GLN CD  NE2  sing N N 98  
GLN NE2 HE21 sing N N 99  
GLN NE2 HE22 sing N N 100 
GLN OXT HXT  sing N N 101 
GLU N   CA   sing N N 102 
GLU N   H    sing N N 103 
GLU N   H2   sing N N 104 
GLU CA  C    sing N N 105 
GLU CA  CB   sing N N 106 
GLU CA  HA   sing N N 107 
GLU C   O    doub N N 108 
GLU C   OXT  sing N N 109 
GLU CB  CG   sing N N 110 
GLU CB  HB2  sing N N 111 
GLU CB  HB3  sing N N 112 
GLU CG  CD   sing N N 113 
GLU CG  HG2  sing N N 114 
GLU CG  HG3  sing N N 115 
GLU CD  OE1  doub N N 116 
GLU CD  OE2  sing N N 117 
GLU OE2 HE2  sing N N 118 
GLU OXT HXT  sing N N 119 
GLY N   CA   sing N N 120 
GLY N   H    sing N N 121 
GLY N   H2   sing N N 122 
GLY CA  C    sing N N 123 
GLY CA  HA2  sing N N 124 
GLY CA  HA3  sing N N 125 
GLY C   O    doub N N 126 
GLY C   OXT  sing N N 127 
GLY OXT HXT  sing N N 128 
HIS N   CA   sing N N 129 
HIS N   H    sing N N 130 
HIS N   H2   sing N N 131 
HIS CA  C    sing N N 132 
HIS CA  CB   sing N N 133 
HIS CA  HA   sing N N 134 
HIS C   O    doub N N 135 
HIS C   OXT  sing N N 136 
HIS CB  CG   sing N N 137 
HIS CB  HB2  sing N N 138 
HIS CB  HB3  sing N N 139 
HIS CG  ND1  sing Y N 140 
HIS CG  CD2  doub Y N 141 
HIS ND1 CE1  doub Y N 142 
HIS ND1 HD1  sing N N 143 
HIS CD2 NE2  sing Y N 144 
HIS CD2 HD2  sing N N 145 
HIS CE1 NE2  sing Y N 146 
HIS CE1 HE1  sing N N 147 
HIS NE2 HE2  sing N N 148 
HIS OXT HXT  sing N N 149 
HOH O   H1   sing N N 150 
HOH O   H2   sing N N 151 
ILE N   CA   sing N N 152 
ILE N   H    sing N N 153 
ILE N   H2   sing N N 154 
ILE CA  C    sing N N 155 
ILE CA  CB   sing N N 156 
ILE CA  HA   sing N N 157 
ILE C   O    doub N N 158 
ILE C   OXT  sing N N 159 
ILE CB  CG1  sing N N 160 
ILE CB  CG2  sing N N 161 
ILE CB  HB   sing N N 162 
ILE CG1 CD1  sing N N 163 
ILE CG1 HG12 sing N N 164 
ILE CG1 HG13 sing N N 165 
ILE CG2 HG21 sing N N 166 
ILE CG2 HG22 sing N N 167 
ILE CG2 HG23 sing N N 168 
ILE CD1 HD11 sing N N 169 
ILE CD1 HD12 sing N N 170 
ILE CD1 HD13 sing N N 171 
ILE OXT HXT  sing N N 172 
LEU N   CA   sing N N 173 
LEU N   H    sing N N 174 
LEU N   H2   sing N N 175 
LEU CA  C    sing N N 176 
LEU CA  CB   sing N N 177 
LEU CA  HA   sing N N 178 
LEU C   O    doub N N 179 
LEU C   OXT  sing N N 180 
LEU CB  CG   sing N N 181 
LEU CB  HB2  sing N N 182 
LEU CB  HB3  sing N N 183 
LEU CG  CD1  sing N N 184 
LEU CG  CD2  sing N N 185 
LEU CG  HG   sing N N 186 
LEU CD1 HD11 sing N N 187 
LEU CD1 HD12 sing N N 188 
LEU CD1 HD13 sing N N 189 
LEU CD2 HD21 sing N N 190 
LEU CD2 HD22 sing N N 191 
LEU CD2 HD23 sing N N 192 
LEU OXT HXT  sing N N 193 
LYS N   CA   sing N N 194 
LYS N   H    sing N N 195 
LYS N   H2   sing N N 196 
LYS CA  C    sing N N 197 
LYS CA  CB   sing N N 198 
LYS CA  HA   sing N N 199 
LYS C   O    doub N N 200 
LYS C   OXT  sing N N 201 
LYS CB  CG   sing N N 202 
LYS CB  HB2  sing N N 203 
LYS CB  HB3  sing N N 204 
LYS CG  CD   sing N N 205 
LYS CG  HG2  sing N N 206 
LYS CG  HG3  sing N N 207 
LYS CD  CE   sing N N 208 
LYS CD  HD2  sing N N 209 
LYS CD  HD3  sing N N 210 
LYS CE  NZ   sing N N 211 
LYS CE  HE2  sing N N 212 
LYS CE  HE3  sing N N 213 
LYS NZ  HZ1  sing N N 214 
LYS NZ  HZ2  sing N N 215 
LYS NZ  HZ3  sing N N 216 
LYS OXT HXT  sing N N 217 
MET N   CA   sing N N 218 
MET N   H    sing N N 219 
MET N   H2   sing N N 220 
MET CA  C    sing N N 221 
MET CA  CB   sing N N 222 
MET CA  HA   sing N N 223 
MET C   O    doub N N 224 
MET C   OXT  sing N N 225 
MET CB  CG   sing N N 226 
MET CB  HB2  sing N N 227 
MET CB  HB3  sing N N 228 
MET CG  SD   sing N N 229 
MET CG  HG2  sing N N 230 
MET CG  HG3  sing N N 231 
MET SD  CE   sing N N 232 
MET CE  HE1  sing N N 233 
MET CE  HE2  sing N N 234 
MET CE  HE3  sing N N 235 
MET OXT HXT  sing N N 236 
N5G N1  HN1  sing N N 237 
N5G C2  N1   sing N N 238 
N5G C2  N3   sing N N 239 
N5G C2  H2   sing N N 240 
N5G NA2 C2   sing N N 241 
N5G NA2 HNA2 sing N N 242 
N5G NA2 HNAA sing N N 243 
N5G N3  C4   sing N N 244 
N5G N3  HN3  sing N N 245 
N5G C4  H4   sing N N 246 
N5G O4  C4   sing N N 247 
N5G O4  HO4  sing N N 248 
N5G C4A C4   sing N N 249 
N5G C4A C8A  sing N N 250 
N5G C4A N5   sing N N 251 
N5G C4A H4A  sing N N 252 
N5G N5  C6   sing N N 253 
N5G C6  C9   sing N N 254 
N5G C6  H6   sing N N 255 
N5G C7  C6   sing N N 256 
N5G C7  H7   sing N N 257 
N5G C7  H7A  sing N N 258 
N5G N8  C7   sing N N 259 
N5G N8  HN8  sing N N 260 
N5G C8A N1   sing N N 261 
N5G C8A N8   sing N N 262 
N5G C8A H8A  sing N N 263 
N5G C9  N10  sing N N 264 
N5G C9  H9   sing N N 265 
N5G C9  H9A  sing N N 266 
N5G N10 C14  sing N N 267 
N5G N10 HN10 sing N N 268 
N5G C11 C    sing N N 269 
N5G C11 H11  sing N N 270 
N5G C12 C11  sing N N 271 
N5G C12 H12  sing N N 272 
N5G C12 H12A sing N N 273 
N5G C13 C12  sing N N 274 
N5G C13 H13  sing N N 275 
N5G C13 H13A sing N N 276 
N5G C14 C13  sing N N 277 
N5G C14 C15  sing N N 278 
N5G C14 H14  sing N N 279 
N5G C15 C16  sing N N 280 
N5G C15 H15  sing N N 281 
N5G C15 H15A sing N N 282 
N5G C16 C11  sing N N 283 
N5G C16 H16  sing N N 284 
N5G C16 H16A sing N N 285 
N5G C   N    sing N N 286 
N5G C   O    doub N N 287 
N5G N   CA   sing N N 288 
N5G N   HN   sing N N 289 
N5G CA  CT   sing N N 290 
N5G CA  HA   sing N N 291 
N5G CB  CA   sing N N 292 
N5G CB  HB   sing N N 293 
N5G CB  HBA  sing N N 294 
N5G CG  CB   sing N N 295 
N5G CG  HG   sing N N 296 
N5G CG  HGA  sing N N 297 
N5G CD  CG   sing N N 298 
N5G CD  OE2  doub N N 299 
N5G OE1 CD   sing N N 300 
N5G OE1 HOE1 sing N N 301 
N5G CT  O1   doub N N 302 
N5G CT  O2   sing N N 303 
N5G O2  HO2  sing N N 304 
N5G CP1 N5   sing N N 305 
N5G CP1 O3   sing N N 306 
N5G CP1 HP1  sing N N 307 
N5G CP1 H38  sing N N 308 
N5G O3  P1   sing N N 309 
N5G P1  O8   sing N N 310 
N5G P1  O9   doub N N 311 
N5G P1  O10  sing N N 312 
N5G O8  H39  sing N N 313 
N5G O10 H40  sing N N 314 
PHE N   CA   sing N N 315 
PHE N   H    sing N N 316 
PHE N   H2   sing N N 317 
PHE CA  C    sing N N 318 
PHE CA  CB   sing N N 319 
PHE CA  HA   sing N N 320 
PHE C   O    doub N N 321 
PHE C   OXT  sing N N 322 
PHE CB  CG   sing N N 323 
PHE CB  HB2  sing N N 324 
PHE CB  HB3  sing N N 325 
PHE CG  CD1  doub Y N 326 
PHE CG  CD2  sing Y N 327 
PHE CD1 CE1  sing Y N 328 
PHE CD1 HD1  sing N N 329 
PHE CD2 CE2  doub Y N 330 
PHE CD2 HD2  sing N N 331 
PHE CE1 CZ   doub Y N 332 
PHE CE1 HE1  sing N N 333 
PHE CE2 CZ   sing Y N 334 
PHE CE2 HE2  sing N N 335 
PHE CZ  HZ   sing N N 336 
PHE OXT HXT  sing N N 337 
PO4 P   O1   doub N N 338 
PO4 P   O2   sing N N 339 
PO4 P   O3   sing N N 340 
PO4 P   O4   sing N N 341 
PRO N   CA   sing N N 342 
PRO N   CD   sing N N 343 
PRO N   H    sing N N 344 
PRO CA  C    sing N N 345 
PRO CA  CB   sing N N 346 
PRO CA  HA   sing N N 347 
PRO C   O    doub N N 348 
PRO C   OXT  sing N N 349 
PRO CB  CG   sing N N 350 
PRO CB  HB2  sing N N 351 
PRO CB  HB3  sing N N 352 
PRO CG  CD   sing N N 353 
PRO CG  HG2  sing N N 354 
PRO CG  HG3  sing N N 355 
PRO CD  HD2  sing N N 356 
PRO CD  HD3  sing N N 357 
PRO OXT HXT  sing N N 358 
SER N   CA   sing N N 359 
SER N   H    sing N N 360 
SER N   H2   sing N N 361 
SER CA  C    sing N N 362 
SER CA  CB   sing N N 363 
SER CA  HA   sing N N 364 
SER C   O    doub N N 365 
SER C   OXT  sing N N 366 
SER CB  OG   sing N N 367 
SER CB  HB2  sing N N 368 
SER CB  HB3  sing N N 369 
SER OG  HG   sing N N 370 
SER OXT HXT  sing N N 371 
THR N   CA   sing N N 372 
THR N   H    sing N N 373 
THR N   H2   sing N N 374 
THR CA  C    sing N N 375 
THR CA  CB   sing N N 376 
THR CA  HA   sing N N 377 
THR C   O    doub N N 378 
THR C   OXT  sing N N 379 
THR CB  OG1  sing N N 380 
THR CB  CG2  sing N N 381 
THR CB  HB   sing N N 382 
THR OG1 HG1  sing N N 383 
THR CG2 HG21 sing N N 384 
THR CG2 HG22 sing N N 385 
THR CG2 HG23 sing N N 386 
THR OXT HXT  sing N N 387 
TRP N   CA   sing N N 388 
TRP N   H    sing N N 389 
TRP N   H2   sing N N 390 
TRP CA  C    sing N N 391 
TRP CA  CB   sing N N 392 
TRP CA  HA   sing N N 393 
TRP C   O    doub N N 394 
TRP C   OXT  sing N N 395 
TRP CB  CG   sing N N 396 
TRP CB  HB2  sing N N 397 
TRP CB  HB3  sing N N 398 
TRP CG  CD1  doub Y N 399 
TRP CG  CD2  sing Y N 400 
TRP CD1 NE1  sing Y N 401 
TRP CD1 HD1  sing N N 402 
TRP CD2 CE2  doub Y N 403 
TRP CD2 CE3  sing Y N 404 
TRP NE1 CE2  sing Y N 405 
TRP NE1 HE1  sing N N 406 
TRP CE2 CZ2  sing Y N 407 
TRP CE3 CZ3  doub Y N 408 
TRP CE3 HE3  sing N N 409 
TRP CZ2 CH2  doub Y N 410 
TRP CZ2 HZ2  sing N N 411 
TRP CZ3 CH2  sing Y N 412 
TRP CZ3 HZ3  sing N N 413 
TRP CH2 HH2  sing N N 414 
TRP OXT HXT  sing N N 415 
TYR N   CA   sing N N 416 
TYR N   H    sing N N 417 
TYR N   H2   sing N N 418 
TYR CA  C    sing N N 419 
TYR CA  CB   sing N N 420 
TYR CA  HA   sing N N 421 
TYR C   O    doub N N 422 
TYR C   OXT  sing N N 423 
TYR CB  CG   sing N N 424 
TYR CB  HB2  sing N N 425 
TYR CB  HB3  sing N N 426 
TYR CG  CD1  doub Y N 427 
TYR CG  CD2  sing Y N 428 
TYR CD1 CE1  sing Y N 429 
TYR CD1 HD1  sing N N 430 
TYR CD2 CE2  doub Y N 431 
TYR CD2 HD2  sing N N 432 
TYR CE1 CZ   doub Y N 433 
TYR CE1 HE1  sing N N 434 
TYR CE2 CZ   sing Y N 435 
TYR CE2 HE2  sing N N 436 
TYR CZ  OH   sing N N 437 
TYR OH  HH   sing N N 438 
TYR OXT HXT  sing N N 439 
VAL N   CA   sing N N 440 
VAL N   H    sing N N 441 
VAL N   H2   sing N N 442 
VAL CA  C    sing N N 443 
VAL CA  CB   sing N N 444 
VAL CA  HA   sing N N 445 
VAL C   O    doub N N 446 
VAL C   OXT  sing N N 447 
VAL CB  CG1  sing N N 448 
VAL CB  CG2  sing N N 449 
VAL CB  HB   sing N N 450 
VAL CG1 HG11 sing N N 451 
VAL CG1 HG12 sing N N 452 
VAL CG1 HG13 sing N N 453 
VAL CG2 HG21 sing N N 454 
VAL CG2 HG22 sing N N 455 
VAL CG2 HG23 sing N N 456 
VAL OXT HXT  sing N N 457 
# 
loop_
_pdbx_entity_nonpoly.entity_id 
_pdbx_entity_nonpoly.name 
_pdbx_entity_nonpoly.comp_id 
2 'NICKEL (II) ION' NI  
3 'MAGNESIUM ION' MG  
4 
;N-({trans-4-[({(2R,4R,4aS,6S,8aS)-2-amino-4-hydroxy-5-[(phosphonooxy)methyl]decahydropteridin-6-yl}methyl)amino]cyclohexyl}carbonyl)-L-glutamic acid
;
N5G 
5 'PHOSPHATE ION' PO4 
6 water HOH 
# 
_pdbx_initial_refinement_model.id               1 
_pdbx_initial_refinement_model.entity_id_list   ? 
_pdbx_initial_refinement_model.type             'experimental model' 
_pdbx_initial_refinement_model.source_name      PDB 
_pdbx_initial_refinement_model.accession_code   3HXT 
_pdbx_initial_refinement_model.details          'PDB ENTRY 3HXT' 
# 
